data_2QCO
# 
_entry.id   2QCO 
# 
_audit_conform.dict_name       mmcif_pdbx.dic 
_audit_conform.dict_version    5.387 
_audit_conform.dict_location   http://mmcif.pdb.org/dictionaries/ascii/mmcif_pdbx.dic 
# 
loop_
_database_2.database_id 
_database_2.database_code 
_database_2.pdbx_database_accession 
_database_2.pdbx_DOI 
PDB   2QCO         pdb_00002qco 10.2210/pdb2qco/pdb 
RCSB  RCSB043432   ?            ?                   
WWPDB D_1000043432 ?            ?                   
# 
loop_
_pdbx_audit_revision_history.ordinal 
_pdbx_audit_revision_history.data_content_type 
_pdbx_audit_revision_history.major_revision 
_pdbx_audit_revision_history.minor_revision 
_pdbx_audit_revision_history.revision_date 
1 'Structure model' 1 0 2008-04-15 
2 'Structure model' 1 1 2011-07-13 
3 'Structure model' 1 2 2017-10-18 
4 'Structure model' 1 3 2024-02-21 
# 
_pdbx_audit_revision_details.ordinal             1 
_pdbx_audit_revision_details.revision_ordinal    1 
_pdbx_audit_revision_details.data_content_type   'Structure model' 
_pdbx_audit_revision_details.provider            repository 
_pdbx_audit_revision_details.type                'Initial release' 
_pdbx_audit_revision_details.description         ? 
_pdbx_audit_revision_details.details             ? 
# 
loop_
_pdbx_audit_revision_group.ordinal 
_pdbx_audit_revision_group.revision_ordinal 
_pdbx_audit_revision_group.data_content_type 
_pdbx_audit_revision_group.group 
1 2 'Structure model' 'Derived calculations'      
2 2 'Structure model' 'Version format compliance' 
3 3 'Structure model' 'Refinement description'    
4 4 'Structure model' 'Data collection'           
5 4 'Structure model' 'Database references'       
6 4 'Structure model' 'Derived calculations'      
# 
loop_
_pdbx_audit_revision_category.ordinal 
_pdbx_audit_revision_category.revision_ordinal 
_pdbx_audit_revision_category.data_content_type 
_pdbx_audit_revision_category.category 
1 3 'Structure model' software       
2 4 'Structure model' chem_comp_atom 
3 4 'Structure model' chem_comp_bond 
4 4 'Structure model' database_2     
5 4 'Structure model' struct_site    
# 
loop_
_pdbx_audit_revision_item.ordinal 
_pdbx_audit_revision_item.revision_ordinal 
_pdbx_audit_revision_item.data_content_type 
_pdbx_audit_revision_item.item 
1 4 'Structure model' '_database_2.pdbx_DOI'                
2 4 'Structure model' '_database_2.pdbx_database_accession' 
3 4 'Structure model' '_struct_site.pdbx_auth_asym_id'      
4 4 'Structure model' '_struct_site.pdbx_auth_comp_id'      
5 4 'Structure model' '_struct_site.pdbx_auth_seq_id'       
# 
_pdbx_database_status.status_code                     REL 
_pdbx_database_status.entry_id                        2QCO 
_pdbx_database_status.recvd_initial_deposition_date   2007-06-19 
_pdbx_database_status.deposit_site                    RCSB 
_pdbx_database_status.process_site                    RCSB 
_pdbx_database_status.status_code_sf                  REL 
_pdbx_database_status.status_code_mr                  ? 
_pdbx_database_status.SG_entry                        ? 
_pdbx_database_status.pdb_format_compatible           Y 
_pdbx_database_status.status_code_cs                  ? 
_pdbx_database_status.methods_development_category    ? 
_pdbx_database_status.status_code_nmr_data            ? 
# 
loop_
_audit_author.name 
_audit_author.pdbx_ordinal 
'Gu, R.'        1 
'Su, C.'        2 
'Shi, F.'       3 
'Li, M.'        4 
'McDermott, G.' 5 
'Zhang, Q.'     6 
'Yu, E.W.'      7 
# 
_citation.id                        primary 
_citation.title                     'Crystal structure of the transcriptional regulator CmeR from Campylobacter jejuni.' 
_citation.journal_abbrev            J.Mol.Biol. 
_citation.journal_volume            372 
_citation.page_first                583 
_citation.page_last                 593 
_citation.year                      2007 
_citation.journal_id_ASTM           JMOBAK 
_citation.country                   UK 
_citation.journal_id_ISSN           0022-2836 
_citation.journal_id_CSD            0070 
_citation.book_publisher            ? 
_citation.pdbx_database_id_PubMed   17686491 
_citation.pdbx_database_id_DOI      10.1016/j.jmb.2007.06.072 
# 
loop_
_citation_author.citation_id 
_citation_author.name 
_citation_author.ordinal 
_citation_author.identifier_ORCID 
primary 'Gu, R.'        1 ? 
primary 'Su, C.C.'      2 ? 
primary 'Shi, F.'       3 ? 
primary 'Li, M.'        4 ? 
primary 'McDermott, G.' 5 ? 
primary 'Zhang, Q.'     6 ? 
primary 'Yu, E.W.'      7 ? 
# 
loop_
_entity.id 
_entity.type 
_entity.src_method 
_entity.pdbx_description 
_entity.formula_weight 
_entity.pdbx_number_of_molecules 
_entity.pdbx_ec 
_entity.pdbx_mutation 
_entity.pdbx_fragment 
_entity.details 
1 polymer     man CmeR     24262.896 1  ? ? ? ? 
2 non-polymer syn GLYCEROL 92.094    1  ? ? ? ? 
3 water       nat water    18.015    31 ? ? ? ? 
# 
_entity_poly.entity_id                      1 
_entity_poly.type                           'polypeptide(L)' 
_entity_poly.nstd_linkage                   no 
_entity_poly.nstd_monomer                   no 
_entity_poly.pdbx_seq_one_letter_code       
;MNSNRTPSQKVLARQEKIKAVALELFLTKGYQETSLSDIIKLSGGSYSNIYDGFKSKEGLFFEILDDICKKHFHLIYSKT
QEIKNGTLKEILTSFGLAFIEIFNQPEAVAFGKIIYSQVYDKDRHLANWIENNQQNFSYNILMGFFKQQNNSYMKKNAEK
LAVLFCTMLKEPYHHLNVLINAPLKNKKEQKEHVEFVVNVFLNGINSSKA
;
_entity_poly.pdbx_seq_one_letter_code_can   
;MNSNRTPSQKVLARQEKIKAVALELFLTKGYQETSLSDIIKLSGGSYSNIYDGFKSKEGLFFEILDDICKKHFHLIYSKT
QEIKNGTLKEILTSFGLAFIEIFNQPEAVAFGKIIYSQVYDKDRHLANWIENNQQNFSYNILMGFFKQQNNSYMKKNAEK
LAVLFCTMLKEPYHHLNVLINAPLKNKKEQKEHVEFVVNVFLNGINSSKA
;
_entity_poly.pdbx_strand_id                 A 
_entity_poly.pdbx_target_identifier         ? 
# 
loop_
_pdbx_entity_nonpoly.entity_id 
_pdbx_entity_nonpoly.name 
_pdbx_entity_nonpoly.comp_id 
2 GLYCEROL GOL 
3 water    HOH 
# 
loop_
_entity_poly_seq.entity_id 
_entity_poly_seq.num 
_entity_poly_seq.mon_id 
_entity_poly_seq.hetero 
1 1   MET n 
1 2   ASN n 
1 3   SER n 
1 4   ASN n 
1 5   ARG n 
1 6   THR n 
1 7   PRO n 
1 8   SER n 
1 9   GLN n 
1 10  LYS n 
1 11  VAL n 
1 12  LEU n 
1 13  ALA n 
1 14  ARG n 
1 15  GLN n 
1 16  GLU n 
1 17  LYS n 
1 18  ILE n 
1 19  LYS n 
1 20  ALA n 
1 21  VAL n 
1 22  ALA n 
1 23  LEU n 
1 24  GLU n 
1 25  LEU n 
1 26  PHE n 
1 27  LEU n 
1 28  THR n 
1 29  LYS n 
1 30  GLY n 
1 31  TYR n 
1 32  GLN n 
1 33  GLU n 
1 34  THR n 
1 35  SER n 
1 36  LEU n 
1 37  SER n 
1 38  ASP n 
1 39  ILE n 
1 40  ILE n 
1 41  LYS n 
1 42  LEU n 
1 43  SER n 
1 44  GLY n 
1 45  GLY n 
1 46  SER n 
1 47  TYR n 
1 48  SER n 
1 49  ASN n 
1 50  ILE n 
1 51  TYR n 
1 52  ASP n 
1 53  GLY n 
1 54  PHE n 
1 55  LYS n 
1 56  SER n 
1 57  LYS n 
1 58  GLU n 
1 59  GLY n 
1 60  LEU n 
1 61  PHE n 
1 62  PHE n 
1 63  GLU n 
1 64  ILE n 
1 65  LEU n 
1 66  ASP n 
1 67  ASP n 
1 68  ILE n 
1 69  CYS n 
1 70  LYS n 
1 71  LYS n 
1 72  HIS n 
1 73  PHE n 
1 74  HIS n 
1 75  LEU n 
1 76  ILE n 
1 77  TYR n 
1 78  SER n 
1 79  LYS n 
1 80  THR n 
1 81  GLN n 
1 82  GLU n 
1 83  ILE n 
1 84  LYS n 
1 85  ASN n 
1 86  GLY n 
1 87  THR n 
1 88  LEU n 
1 89  LYS n 
1 90  GLU n 
1 91  ILE n 
1 92  LEU n 
1 93  THR n 
1 94  SER n 
1 95  PHE n 
1 96  GLY n 
1 97  LEU n 
1 98  ALA n 
1 99  PHE n 
1 100 ILE n 
1 101 GLU n 
1 102 ILE n 
1 103 PHE n 
1 104 ASN n 
1 105 GLN n 
1 106 PRO n 
1 107 GLU n 
1 108 ALA n 
1 109 VAL n 
1 110 ALA n 
1 111 PHE n 
1 112 GLY n 
1 113 LYS n 
1 114 ILE n 
1 115 ILE n 
1 116 TYR n 
1 117 SER n 
1 118 GLN n 
1 119 VAL n 
1 120 TYR n 
1 121 ASP n 
1 122 LYS n 
1 123 ASP n 
1 124 ARG n 
1 125 HIS n 
1 126 LEU n 
1 127 ALA n 
1 128 ASN n 
1 129 TRP n 
1 130 ILE n 
1 131 GLU n 
1 132 ASN n 
1 133 ASN n 
1 134 GLN n 
1 135 GLN n 
1 136 ASN n 
1 137 PHE n 
1 138 SER n 
1 139 TYR n 
1 140 ASN n 
1 141 ILE n 
1 142 LEU n 
1 143 MET n 
1 144 GLY n 
1 145 PHE n 
1 146 PHE n 
1 147 LYS n 
1 148 GLN n 
1 149 GLN n 
1 150 ASN n 
1 151 ASN n 
1 152 SER n 
1 153 TYR n 
1 154 MET n 
1 155 LYS n 
1 156 LYS n 
1 157 ASN n 
1 158 ALA n 
1 159 GLU n 
1 160 LYS n 
1 161 LEU n 
1 162 ALA n 
1 163 VAL n 
1 164 LEU n 
1 165 PHE n 
1 166 CYS n 
1 167 THR n 
1 168 MET n 
1 169 LEU n 
1 170 LYS n 
1 171 GLU n 
1 172 PRO n 
1 173 TYR n 
1 174 HIS n 
1 175 HIS n 
1 176 LEU n 
1 177 ASN n 
1 178 VAL n 
1 179 LEU n 
1 180 ILE n 
1 181 ASN n 
1 182 ALA n 
1 183 PRO n 
1 184 LEU n 
1 185 LYS n 
1 186 ASN n 
1 187 LYS n 
1 188 LYS n 
1 189 GLU n 
1 190 GLN n 
1 191 LYS n 
1 192 GLU n 
1 193 HIS n 
1 194 VAL n 
1 195 GLU n 
1 196 PHE n 
1 197 VAL n 
1 198 VAL n 
1 199 ASN n 
1 200 VAL n 
1 201 PHE n 
1 202 LEU n 
1 203 ASN n 
1 204 GLY n 
1 205 ILE n 
1 206 ASN n 
1 207 SER n 
1 208 SER n 
1 209 LYS n 
1 210 ALA n 
# 
_entity_src_gen.entity_id                          1 
_entity_src_gen.pdbx_src_id                        1 
_entity_src_gen.pdbx_alt_source_flag               sample 
_entity_src_gen.pdbx_seq_type                      ? 
_entity_src_gen.pdbx_beg_seq_num                   ? 
_entity_src_gen.pdbx_end_seq_num                   ? 
_entity_src_gen.gene_src_common_name               ? 
_entity_src_gen.gene_src_genus                     Campylobacter 
_entity_src_gen.pdbx_gene_src_gene                 cmeR 
_entity_src_gen.gene_src_species                   ? 
_entity_src_gen.gene_src_strain                    ? 
_entity_src_gen.gene_src_tissue                    ? 
_entity_src_gen.gene_src_tissue_fraction           ? 
_entity_src_gen.gene_src_details                   ? 
_entity_src_gen.pdbx_gene_src_fragment             ? 
_entity_src_gen.pdbx_gene_src_scientific_name      'Campylobacter jejuni' 
_entity_src_gen.pdbx_gene_src_ncbi_taxonomy_id     197 
_entity_src_gen.pdbx_gene_src_variant              ? 
_entity_src_gen.pdbx_gene_src_cell_line            ? 
_entity_src_gen.pdbx_gene_src_atcc                 ? 
_entity_src_gen.pdbx_gene_src_organ                ? 
_entity_src_gen.pdbx_gene_src_organelle            ? 
_entity_src_gen.pdbx_gene_src_cell                 ? 
_entity_src_gen.pdbx_gene_src_cellular_location    ? 
_entity_src_gen.host_org_common_name               ? 
_entity_src_gen.pdbx_host_org_scientific_name      'Escherichia coli' 
_entity_src_gen.pdbx_host_org_ncbi_taxonomy_id     562 
_entity_src_gen.host_org_genus                     Escherichia 
_entity_src_gen.pdbx_host_org_gene                 ? 
_entity_src_gen.pdbx_host_org_organ                ? 
_entity_src_gen.host_org_species                   ? 
_entity_src_gen.pdbx_host_org_tissue               ? 
_entity_src_gen.pdbx_host_org_tissue_fraction      ? 
_entity_src_gen.pdbx_host_org_strain               JM109 
_entity_src_gen.pdbx_host_org_variant              ? 
_entity_src_gen.pdbx_host_org_cell_line            ? 
_entity_src_gen.pdbx_host_org_atcc                 ? 
_entity_src_gen.pdbx_host_org_culture_collection   ? 
_entity_src_gen.pdbx_host_org_cell                 ? 
_entity_src_gen.pdbx_host_org_organelle            ? 
_entity_src_gen.pdbx_host_org_cellular_location    ? 
_entity_src_gen.pdbx_host_org_vector_type          plasmid 
_entity_src_gen.pdbx_host_org_vector               ? 
_entity_src_gen.host_org_details                   ? 
_entity_src_gen.expression_system_id               ? 
_entity_src_gen.plasmid_name                       PQE30 
_entity_src_gen.plasmid_details                    ? 
_entity_src_gen.pdbx_description                   ? 
# 
loop_
_chem_comp.id 
_chem_comp.type 
_chem_comp.mon_nstd_flag 
_chem_comp.name 
_chem_comp.pdbx_synonyms 
_chem_comp.formula 
_chem_comp.formula_weight 
ALA 'L-peptide linking' y ALANINE         ?                               'C3 H7 N O2'     89.093  
ARG 'L-peptide linking' y ARGININE        ?                               'C6 H15 N4 O2 1' 175.209 
ASN 'L-peptide linking' y ASPARAGINE      ?                               'C4 H8 N2 O3'    132.118 
ASP 'L-peptide linking' y 'ASPARTIC ACID' ?                               'C4 H7 N O4'     133.103 
CYS 'L-peptide linking' y CYSTEINE        ?                               'C3 H7 N O2 S'   121.158 
GLN 'L-peptide linking' y GLUTAMINE       ?                               'C5 H10 N2 O3'   146.144 
GLU 'L-peptide linking' y 'GLUTAMIC ACID' ?                               'C5 H9 N O4'     147.129 
GLY 'peptide linking'   y GLYCINE         ?                               'C2 H5 N O2'     75.067  
GOL non-polymer         . GLYCEROL        'GLYCERIN; PROPANE-1,2,3-TRIOL' 'C3 H8 O3'       92.094  
HIS 'L-peptide linking' y HISTIDINE       ?                               'C6 H10 N3 O2 1' 156.162 
HOH non-polymer         . WATER           ?                               'H2 O'           18.015  
ILE 'L-peptide linking' y ISOLEUCINE      ?                               'C6 H13 N O2'    131.173 
LEU 'L-peptide linking' y LEUCINE         ?                               'C6 H13 N O2'    131.173 
LYS 'L-peptide linking' y LYSINE          ?                               'C6 H15 N2 O2 1' 147.195 
MET 'L-peptide linking' y METHIONINE      ?                               'C5 H11 N O2 S'  149.211 
PHE 'L-peptide linking' y PHENYLALANINE   ?                               'C9 H11 N O2'    165.189 
PRO 'L-peptide linking' y PROLINE         ?                               'C5 H9 N O2'     115.130 
SER 'L-peptide linking' y SERINE          ?                               'C3 H7 N O3'     105.093 
THR 'L-peptide linking' y THREONINE       ?                               'C4 H9 N O3'     119.119 
TRP 'L-peptide linking' y TRYPTOPHAN      ?                               'C11 H12 N2 O2'  204.225 
TYR 'L-peptide linking' y TYROSINE        ?                               'C9 H11 N O3'    181.189 
VAL 'L-peptide linking' y VALINE          ?                               'C5 H11 N O2'    117.146 
# 
loop_
_pdbx_poly_seq_scheme.asym_id 
_pdbx_poly_seq_scheme.entity_id 
_pdbx_poly_seq_scheme.seq_id 
_pdbx_poly_seq_scheme.mon_id 
_pdbx_poly_seq_scheme.ndb_seq_num 
_pdbx_poly_seq_scheme.pdb_seq_num 
_pdbx_poly_seq_scheme.auth_seq_num 
_pdbx_poly_seq_scheme.pdb_mon_id 
_pdbx_poly_seq_scheme.auth_mon_id 
_pdbx_poly_seq_scheme.pdb_strand_id 
_pdbx_poly_seq_scheme.pdb_ins_code 
_pdbx_poly_seq_scheme.hetero 
A 1 1   MET 1   1   ?   ?   ?   A . n 
A 1 2   ASN 2   2   ?   ?   ?   A . n 
A 1 3   SER 3   3   ?   ?   ?   A . n 
A 1 4   ASN 4   4   ?   ?   ?   A . n 
A 1 5   ARG 5   5   ?   ?   ?   A . n 
A 1 6   THR 6   6   6   THR THR A . n 
A 1 7   PRO 7   7   7   PRO PRO A . n 
A 1 8   SER 8   8   8   SER SER A . n 
A 1 9   GLN 9   9   9   GLN GLN A . n 
A 1 10  LYS 10  10  10  LYS LYS A . n 
A 1 11  VAL 11  11  11  VAL VAL A . n 
A 1 12  LEU 12  12  12  LEU LEU A . n 
A 1 13  ALA 13  13  13  ALA ALA A . n 
A 1 14  ARG 14  14  14  ARG ARG A . n 
A 1 15  GLN 15  15  15  GLN GLN A . n 
A 1 16  GLU 16  16  16  GLU GLU A . n 
A 1 17  LYS 17  17  17  LYS LYS A . n 
A 1 18  ILE 18  18  18  ILE ILE A . n 
A 1 19  LYS 19  19  19  LYS LYS A . n 
A 1 20  ALA 20  20  20  ALA ALA A . n 
A 1 21  VAL 21  21  21  VAL VAL A . n 
A 1 22  ALA 22  22  22  ALA ALA A . n 
A 1 23  LEU 23  23  23  LEU LEU A . n 
A 1 24  GLU 24  24  24  GLU GLU A . n 
A 1 25  LEU 25  25  25  LEU LEU A . n 
A 1 26  PHE 26  26  26  PHE PHE A . n 
A 1 27  LEU 27  27  27  LEU LEU A . n 
A 1 28  THR 28  28  28  THR THR A . n 
A 1 29  LYS 29  29  29  LYS LYS A . n 
A 1 30  GLY 30  30  30  GLY GLY A . n 
A 1 31  TYR 31  31  31  TYR TYR A . n 
A 1 32  GLN 32  32  32  GLN GLN A . n 
A 1 33  GLU 33  33  33  GLU GLU A . n 
A 1 34  THR 34  34  34  THR THR A . n 
A 1 35  SER 35  35  35  SER SER A . n 
A 1 36  LEU 36  36  36  LEU LEU A . n 
A 1 37  SER 37  37  37  SER SER A . n 
A 1 38  ASP 38  38  38  ASP ASP A . n 
A 1 39  ILE 39  39  39  ILE ILE A . n 
A 1 40  ILE 40  40  40  ILE ILE A . n 
A 1 41  LYS 41  41  41  LYS LYS A . n 
A 1 42  LEU 42  42  42  LEU LEU A . n 
A 1 43  SER 43  43  43  SER SER A . n 
A 1 44  GLY 44  44  44  GLY GLY A . n 
A 1 45  GLY 45  45  45  GLY GLY A . n 
A 1 46  SER 46  46  46  SER SER A . n 
A 1 47  TYR 47  47  47  TYR TYR A . n 
A 1 48  SER 48  48  48  SER SER A . n 
A 1 49  ASN 49  49  49  ASN ASN A . n 
A 1 50  ILE 50  50  50  ILE ILE A . n 
A 1 51  TYR 51  51  51  TYR TYR A . n 
A 1 52  ASP 52  52  52  ASP ASP A . n 
A 1 53  GLY 53  53  53  GLY GLY A . n 
A 1 54  PHE 54  54  54  PHE PHE A . n 
A 1 55  LYS 55  55  55  LYS LYS A . n 
A 1 56  SER 56  56  56  SER SER A . n 
A 1 57  LYS 57  57  57  LYS LYS A . n 
A 1 58  GLU 58  58  58  GLU GLU A . n 
A 1 59  GLY 59  59  59  GLY GLY A . n 
A 1 60  LEU 60  60  60  LEU LEU A . n 
A 1 61  PHE 61  61  61  PHE PHE A . n 
A 1 62  PHE 62  62  62  PHE PHE A . n 
A 1 63  GLU 63  63  63  GLU GLU A . n 
A 1 64  ILE 64  64  64  ILE ILE A . n 
A 1 65  LEU 65  65  65  LEU LEU A . n 
A 1 66  ASP 66  66  66  ASP ASP A . n 
A 1 67  ASP 67  67  67  ASP ASP A . n 
A 1 68  ILE 68  68  68  ILE ILE A . n 
A 1 69  CYS 69  69  69  CYS CYS A . n 
A 1 70  LYS 70  70  70  LYS LYS A . n 
A 1 71  LYS 71  71  71  LYS LYS A . n 
A 1 72  HIS 72  72  72  HIS HIS A . n 
A 1 73  PHE 73  73  73  PHE PHE A . n 
A 1 74  HIS 74  74  74  HIS HIS A . n 
A 1 75  LEU 75  75  75  LEU LEU A . n 
A 1 76  ILE 76  76  76  ILE ILE A . n 
A 1 77  TYR 77  77  77  TYR TYR A . n 
A 1 78  SER 78  78  78  SER SER A . n 
A 1 79  LYS 79  79  79  LYS LYS A . n 
A 1 80  THR 80  80  80  THR THR A . n 
A 1 81  GLN 81  81  81  GLN GLN A . n 
A 1 82  GLU 82  82  82  GLU GLU A . n 
A 1 83  ILE 83  83  83  ILE ILE A . n 
A 1 84  LYS 84  84  84  LYS LYS A . n 
A 1 85  ASN 85  85  85  ASN ASN A . n 
A 1 86  GLY 86  86  86  GLY GLY A . n 
A 1 87  THR 87  87  87  THR THR A . n 
A 1 88  LEU 88  88  88  LEU LEU A . n 
A 1 89  LYS 89  89  89  LYS LYS A . n 
A 1 90  GLU 90  90  90  GLU GLU A . n 
A 1 91  ILE 91  91  91  ILE ILE A . n 
A 1 92  LEU 92  92  92  LEU LEU A . n 
A 1 93  THR 93  93  93  THR THR A . n 
A 1 94  SER 94  94  94  SER SER A . n 
A 1 95  PHE 95  95  95  PHE PHE A . n 
A 1 96  GLY 96  96  96  GLY GLY A . n 
A 1 97  LEU 97  97  97  LEU LEU A . n 
A 1 98  ALA 98  98  98  ALA ALA A . n 
A 1 99  PHE 99  99  99  PHE PHE A . n 
A 1 100 ILE 100 100 100 ILE ILE A . n 
A 1 101 GLU 101 101 101 GLU GLU A . n 
A 1 102 ILE 102 102 102 ILE ILE A . n 
A 1 103 PHE 103 103 103 PHE PHE A . n 
A 1 104 ASN 104 104 104 ASN ASN A . n 
A 1 105 GLN 105 105 105 GLN GLN A . n 
A 1 106 PRO 106 106 106 PRO PRO A . n 
A 1 107 GLU 107 107 107 GLU GLU A . n 
A 1 108 ALA 108 108 108 ALA ALA A . n 
A 1 109 VAL 109 109 109 VAL VAL A . n 
A 1 110 ALA 110 110 110 ALA ALA A . n 
A 1 111 PHE 111 111 111 PHE PHE A . n 
A 1 112 GLY 112 112 112 GLY GLY A . n 
A 1 113 LYS 113 113 113 LYS LYS A . n 
A 1 114 ILE 114 114 114 ILE ILE A . n 
A 1 115 ILE 115 115 115 ILE ILE A . n 
A 1 116 TYR 116 116 116 TYR TYR A . n 
A 1 117 SER 117 117 117 SER SER A . n 
A 1 118 GLN 118 118 118 GLN GLN A . n 
A 1 119 VAL 119 119 119 VAL VAL A . n 
A 1 120 TYR 120 120 120 TYR TYR A . n 
A 1 121 ASP 121 121 121 ASP ASP A . n 
A 1 122 LYS 122 122 122 LYS LYS A . n 
A 1 123 ASP 123 123 123 ASP ASP A . n 
A 1 124 ARG 124 124 124 ARG ARG A . n 
A 1 125 HIS 125 125 125 HIS HIS A . n 
A 1 126 LEU 126 126 126 LEU LEU A . n 
A 1 127 ALA 127 127 127 ALA ALA A . n 
A 1 128 ASN 128 128 128 ASN ASN A . n 
A 1 129 TRP 129 129 129 TRP TRP A . n 
A 1 130 ILE 130 130 130 ILE ILE A . n 
A 1 131 GLU 131 131 131 GLU GLU A . n 
A 1 132 ASN 132 132 132 ASN ASN A . n 
A 1 133 ASN 133 133 133 ASN ASN A . n 
A 1 134 GLN 134 134 134 GLN GLN A . n 
A 1 135 GLN 135 135 135 GLN GLN A . n 
A 1 136 ASN 136 136 136 ASN ASN A . n 
A 1 137 PHE 137 137 137 PHE PHE A . n 
A 1 138 SER 138 138 138 SER SER A . n 
A 1 139 TYR 139 139 139 TYR TYR A . n 
A 1 140 ASN 140 140 140 ASN ASN A . n 
A 1 141 ILE 141 141 141 ILE ILE A . n 
A 1 142 LEU 142 142 142 LEU LEU A . n 
A 1 143 MET 143 143 143 MET MET A . n 
A 1 144 GLY 144 144 144 GLY GLY A . n 
A 1 145 PHE 145 145 145 PHE PHE A . n 
A 1 146 PHE 146 146 146 PHE PHE A . n 
A 1 147 LYS 147 147 147 LYS LYS A . n 
A 1 148 GLN 148 148 148 GLN GLN A . n 
A 1 149 GLN 149 149 149 GLN GLN A . n 
A 1 150 ASN 150 150 150 ASN ASN A . n 
A 1 151 ASN 151 151 151 ASN ASN A . n 
A 1 152 SER 152 152 152 SER SER A . n 
A 1 153 TYR 153 153 153 TYR TYR A . n 
A 1 154 MET 154 154 154 MET MET A . n 
A 1 155 LYS 155 155 155 LYS LYS A . n 
A 1 156 LYS 156 156 156 LYS LYS A . n 
A 1 157 ASN 157 157 157 ASN ASN A . n 
A 1 158 ALA 158 158 158 ALA ALA A . n 
A 1 159 GLU 159 159 159 GLU GLU A . n 
A 1 160 LYS 160 160 160 LYS LYS A . n 
A 1 161 LEU 161 161 161 LEU LEU A . n 
A 1 162 ALA 162 162 162 ALA ALA A . n 
A 1 163 VAL 163 163 163 VAL VAL A . n 
A 1 164 LEU 164 164 164 LEU LEU A . n 
A 1 165 PHE 165 165 165 PHE PHE A . n 
A 1 166 CYS 166 166 166 CYS CYS A . n 
A 1 167 THR 167 167 167 THR THR A . n 
A 1 168 MET 168 168 168 MET MET A . n 
A 1 169 LEU 169 169 169 LEU LEU A . n 
A 1 170 LYS 170 170 170 LYS LYS A . n 
A 1 171 GLU 171 171 171 GLU GLU A . n 
A 1 172 PRO 172 172 172 PRO PRO A . n 
A 1 173 TYR 173 173 173 TYR TYR A . n 
A 1 174 HIS 174 174 174 HIS HIS A . n 
A 1 175 HIS 175 175 175 HIS HIS A . n 
A 1 176 LEU 176 176 176 LEU LEU A . n 
A 1 177 ASN 177 177 177 ASN ASN A . n 
A 1 178 VAL 178 178 178 VAL VAL A . n 
A 1 179 LEU 179 179 179 LEU LEU A . n 
A 1 180 ILE 180 180 180 ILE ILE A . n 
A 1 181 ASN 181 181 181 ASN ASN A . n 
A 1 182 ALA 182 182 182 ALA ALA A . n 
A 1 183 PRO 183 183 183 PRO PRO A . n 
A 1 184 LEU 184 184 184 LEU LEU A . n 
A 1 185 LYS 185 185 185 LYS LYS A . n 
A 1 186 ASN 186 186 186 ASN ASN A . n 
A 1 187 LYS 187 187 187 LYS LYS A . n 
A 1 188 LYS 188 188 188 LYS LYS A . n 
A 1 189 GLU 189 189 189 GLU GLU A . n 
A 1 190 GLN 190 190 190 GLN GLN A . n 
A 1 191 LYS 191 191 191 LYS LYS A . n 
A 1 192 GLU 192 192 192 GLU GLU A . n 
A 1 193 HIS 193 193 193 HIS HIS A . n 
A 1 194 VAL 194 194 194 VAL VAL A . n 
A 1 195 GLU 195 195 195 GLU GLU A . n 
A 1 196 PHE 196 196 196 PHE PHE A . n 
A 1 197 VAL 197 197 197 VAL VAL A . n 
A 1 198 VAL 198 198 198 VAL VAL A . n 
A 1 199 ASN 199 199 199 ASN ASN A . n 
A 1 200 VAL 200 200 200 VAL VAL A . n 
A 1 201 PHE 201 201 201 PHE PHE A . n 
A 1 202 LEU 202 202 202 LEU LEU A . n 
A 1 203 ASN 203 203 203 ASN ASN A . n 
A 1 204 GLY 204 204 204 GLY GLY A . n 
A 1 205 ILE 205 205 205 ILE ILE A . n 
A 1 206 ASN 206 206 206 ASN ASN A . n 
A 1 207 SER 207 207 207 SER SER A . n 
A 1 208 SER 208 208 ?   ?   ?   A . n 
A 1 209 LYS 209 209 ?   ?   ?   A . n 
A 1 210 ALA 210 210 ?   ?   ?   A . n 
# 
loop_
_pdbx_nonpoly_scheme.asym_id 
_pdbx_nonpoly_scheme.entity_id 
_pdbx_nonpoly_scheme.mon_id 
_pdbx_nonpoly_scheme.ndb_seq_num 
_pdbx_nonpoly_scheme.pdb_seq_num 
_pdbx_nonpoly_scheme.auth_seq_num 
_pdbx_nonpoly_scheme.pdb_mon_id 
_pdbx_nonpoly_scheme.auth_mon_id 
_pdbx_nonpoly_scheme.pdb_strand_id 
_pdbx_nonpoly_scheme.pdb_ins_code 
B 2 GOL 1  301 301 GOL GOL A . 
C 3 HOH 1  302 1   HOH HOH A . 
C 3 HOH 2  303 2   HOH HOH A . 
C 3 HOH 3  304 3   HOH HOH A . 
C 3 HOH 4  305 4   HOH HOH A . 
C 3 HOH 5  306 5   HOH HOH A . 
C 3 HOH 6  307 6   HOH HOH A . 
C 3 HOH 7  308 7   HOH HOH A . 
C 3 HOH 8  309 8   HOH HOH A . 
C 3 HOH 9  310 9   HOH HOH A . 
C 3 HOH 10 311 10  HOH HOH A . 
C 3 HOH 11 312 11  HOH HOH A . 
C 3 HOH 12 313 12  HOH HOH A . 
C 3 HOH 13 314 13  HOH HOH A . 
C 3 HOH 14 315 14  HOH HOH A . 
C 3 HOH 15 316 15  HOH HOH A . 
C 3 HOH 16 317 16  HOH HOH A . 
C 3 HOH 17 318 17  HOH HOH A . 
C 3 HOH 18 319 18  HOH HOH A . 
C 3 HOH 19 320 19  HOH HOH A . 
C 3 HOH 20 321 20  HOH HOH A . 
C 3 HOH 21 322 21  HOH HOH A . 
C 3 HOH 22 323 22  HOH HOH A . 
C 3 HOH 23 324 23  HOH HOH A . 
C 3 HOH 24 325 24  HOH HOH A . 
C 3 HOH 25 326 25  HOH HOH A . 
C 3 HOH 26 327 26  HOH HOH A . 
C 3 HOH 27 328 27  HOH HOH A . 
C 3 HOH 28 329 28  HOH HOH A . 
C 3 HOH 29 330 29  HOH HOH A . 
C 3 HOH 30 331 30  HOH HOH A . 
C 3 HOH 31 332 31  HOH HOH A . 
# 
loop_
_software.name 
_software.classification 
_software.version 
_software.citation_id 
_software.pdbx_ordinal 
HKL-2000 'data collection' . ? 1 
SnB      phasing           . ? 2 
CNS      refinement        . ? 3 
HKL-2000 'data reduction'  . ? 4 
HKL-2000 'data scaling'    . ? 5 
# 
_cell.entry_id           2QCO 
_cell.length_a           93.125 
_cell.length_b           37.587 
_cell.length_c           57.789 
_cell.angle_alpha        90.00 
_cell.angle_beta         90.00 
_cell.angle_gamma        90.00 
_cell.Z_PDB              4 
_cell.pdbx_unique_axis   ? 
_cell.length_a_esd       ? 
_cell.length_b_esd       ? 
_cell.length_c_esd       ? 
_cell.angle_alpha_esd    ? 
_cell.angle_beta_esd     ? 
_cell.angle_gamma_esd    ? 
# 
_symmetry.entry_id                         2QCO 
_symmetry.space_group_name_H-M             'P 21 21 2' 
_symmetry.pdbx_full_space_group_name_H-M   ? 
_symmetry.cell_setting                     ? 
_symmetry.Int_Tables_number                18 
_symmetry.space_group_name_Hall            ? 
# 
_exptl.entry_id          2QCO 
_exptl.method            'X-RAY DIFFRACTION' 
_exptl.crystals_number   1 
# 
_exptl_crystal.id                    1 
_exptl_crystal.density_meas          ? 
_exptl_crystal.density_Matthews      2.08 
_exptl_crystal.density_percent_sol   40.98 
_exptl_crystal.description           ? 
_exptl_crystal.F_000                 ? 
_exptl_crystal.preparation           ? 
# 
_diffrn.id                     1 
_diffrn.ambient_temp           100 
_diffrn.ambient_temp_details   ? 
_diffrn.crystal_id             1 
# 
_diffrn_detector.diffrn_id              1 
_diffrn_detector.detector               CCD 
_diffrn_detector.type                   'ADSC QUANTUM 315' 
_diffrn_detector.pdbx_collection_date   2006-06-23 
_diffrn_detector.details                ? 
# 
_diffrn_radiation.diffrn_id                        1 
_diffrn_radiation.wavelength_id                    1 
_diffrn_radiation.pdbx_monochromatic_or_laue_m_l   M 
_diffrn_radiation.monochromator                    'Si 111 Channel' 
_diffrn_radiation.pdbx_diffrn_protocol             MAD 
_diffrn_radiation.pdbx_scattering_type             x-ray 
# 
_diffrn_radiation_wavelength.id           1 
_diffrn_radiation_wavelength.wavelength   0.9795 
_diffrn_radiation_wavelength.wt           1.0 
# 
_diffrn_source.diffrn_id                   1 
_diffrn_source.source                      SYNCHROTRON 
_diffrn_source.type                        'ALS BEAMLINE 8.2.2' 
_diffrn_source.pdbx_synchrotron_site       ALS 
_diffrn_source.pdbx_synchrotron_beamline   8.2.2 
_diffrn_source.pdbx_wavelength             ? 
_diffrn_source.pdbx_wavelength_list        0.9795 
# 
_reflns.entry_id                     2QCO 
_reflns.observed_criterion_sigma_F   3.9 
_reflns.observed_criterion_sigma_I   3.9 
_reflns.d_resolution_high            2.25 
_reflns.d_resolution_low             50 
_reflns.number_all                   10172 
_reflns.number_obs                   10132 
_reflns.percent_possible_obs         99.6 
_reflns.pdbx_Rmerge_I_obs            ? 
_reflns.pdbx_Rsym_value              0.055 
_reflns.pdbx_netI_over_sigmaI        16.6 
_reflns.B_iso_Wilson_estimate        ? 
_reflns.pdbx_redundancy              ? 
_reflns.R_free_details               ? 
_reflns.limit_h_max                  ? 
_reflns.limit_h_min                  ? 
_reflns.limit_k_max                  ? 
_reflns.limit_k_min                  ? 
_reflns.limit_l_max                  ? 
_reflns.limit_l_min                  ? 
_reflns.observed_criterion_F_max     ? 
_reflns.observed_criterion_F_min     ? 
_reflns.pdbx_chi_squared             ? 
_reflns.pdbx_scaling_rejects         ? 
_reflns.pdbx_ordinal                 1 
_reflns.pdbx_diffrn_id               1 
# 
_reflns_shell.d_res_high             2.25 
_reflns_shell.d_res_low              2.33 
_reflns_shell.percent_possible_all   97.7 
_reflns_shell.Rmerge_I_obs           ? 
_reflns_shell.pdbx_Rsym_value        0.262 
_reflns_shell.meanI_over_sigI_obs    4.7 
_reflns_shell.pdbx_redundancy        ? 
_reflns_shell.percent_possible_obs   ? 
_reflns_shell.number_unique_all      ? 
_reflns_shell.number_measured_all    ? 
_reflns_shell.number_measured_obs    ? 
_reflns_shell.number_unique_obs      ? 
_reflns_shell.pdbx_chi_squared       ? 
_reflns_shell.pdbx_ordinal           1 
_reflns_shell.pdbx_diffrn_id         1 
# 
_refine.entry_id                                 2QCO 
_refine.ls_d_res_high                            2.25 
_refine.ls_d_res_low                             50 
_refine.pdbx_ls_sigma_F                          3.9 
_refine.pdbx_ls_sigma_I                          3.9 
_refine.ls_number_reflns_all                     10172 
_refine.ls_number_reflns_obs                     10132 
_refine.ls_number_reflns_R_free                  506 
_refine.ls_percent_reflns_obs                    99.6 
_refine.ls_R_factor_all                          ? 
_refine.ls_R_factor_obs                          0.23 
_refine.ls_R_factor_R_work                       0.219 
_refine.ls_R_factor_R_free                       0.243 
_refine.ls_redundancy_reflns_obs                 ? 
_refine.pdbx_data_cutoff_high_absF               ? 
_refine.pdbx_data_cutoff_low_absF                ? 
_refine.ls_number_parameters                     ? 
_refine.ls_number_restraints                     ? 
_refine.ls_percent_reflns_R_free                 ? 
_refine.ls_R_factor_R_free_error                 ? 
_refine.ls_R_factor_R_free_error_details         ? 
_refine.pdbx_method_to_determine_struct          MAD 
_refine.pdbx_starting_model                      ? 
_refine.pdbx_ls_cross_valid_method               ? 
_refine.pdbx_R_Free_selection_details            random 
_refine.pdbx_stereochem_target_val_spec_case     ? 
_refine.pdbx_stereochemistry_target_values       'Engh & Huber' 
_refine.solvent_model_details                    ? 
_refine.solvent_model_param_bsol                 ? 
_refine.solvent_model_param_ksol                 ? 
_refine.occupancy_max                            ? 
_refine.occupancy_min                            ? 
_refine.pdbx_isotropic_thermal_model             ? 
_refine.B_iso_mean                               ? 
_refine.aniso_B[1][1]                            ? 
_refine.aniso_B[1][2]                            ? 
_refine.aniso_B[1][3]                            ? 
_refine.aniso_B[2][2]                            ? 
_refine.aniso_B[2][3]                            ? 
_refine.aniso_B[3][3]                            ? 
_refine.details                                  ? 
_refine.B_iso_min                                ? 
_refine.B_iso_max                                ? 
_refine.correlation_coeff_Fo_to_Fc               ? 
_refine.correlation_coeff_Fo_to_Fc_free          ? 
_refine.pdbx_solvent_vdw_probe_radii             ? 
_refine.pdbx_solvent_ion_probe_radii             ? 
_refine.pdbx_solvent_shrinkage_radii             ? 
_refine.overall_SU_R_Cruickshank_DPI             ? 
_refine.overall_SU_R_free                        ? 
_refine.overall_SU_ML                            ? 
_refine.overall_SU_B                             ? 
_refine.pdbx_overall_ESU_R_Free                  ? 
_refine.pdbx_data_cutoff_high_rms_absF           ? 
_refine.pdbx_overall_ESU_R                       ? 
_refine.ls_wR_factor_R_free                      ? 
_refine.ls_wR_factor_R_work                      ? 
_refine.overall_FOM_free_R_set                   ? 
_refine.overall_FOM_work_R_set                   ? 
_refine.pdbx_refine_id                           'X-RAY DIFFRACTION' 
_refine.pdbx_diffrn_id                           1 
_refine.pdbx_TLS_residual_ADP_flag               ? 
_refine.pdbx_overall_phase_error                 ? 
_refine.pdbx_overall_SU_R_free_Cruickshank_DPI   ? 
_refine.pdbx_overall_SU_R_Blow_DPI               ? 
_refine.pdbx_overall_SU_R_free_Blow_DPI          ? 
# 
_refine_hist.pdbx_refine_id                   'X-RAY DIFFRACTION' 
_refine_hist.cycle_id                         LAST 
_refine_hist.pdbx_number_atoms_protein        1649 
_refine_hist.pdbx_number_atoms_nucleic_acid   0 
_refine_hist.pdbx_number_atoms_ligand         6 
_refine_hist.number_atoms_solvent             31 
_refine_hist.number_atoms_total               1686 
_refine_hist.d_res_high                       2.25 
_refine_hist.d_res_low                        50 
# 
_refine_ls_restr.type                      c_angle_d 
_refine_ls_restr.dev_ideal                 0.8 
_refine_ls_restr.dev_ideal_target          ? 
_refine_ls_restr.weight                    ? 
_refine_ls_restr.number                    ? 
_refine_ls_restr.pdbx_refine_id            'X-RAY DIFFRACTION' 
_refine_ls_restr.pdbx_restraint_function   ? 
# 
_struct.entry_id                  2QCO 
_struct.title                     'Crystal structure of the transcriptional regulator CmeR from Campylobacter jejuni' 
_struct.pdbx_model_details        ? 
_struct.pdbx_CASP_flag            ? 
_struct.pdbx_model_type_details   ? 
# 
_struct_keywords.entry_id        2QCO 
_struct_keywords.pdbx_keywords   TRANSCRIPTION 
_struct_keywords.text            'transcriptional regulator protein, TRANSCRIPTION' 
# 
loop_
_struct_asym.id 
_struct_asym.pdbx_blank_PDB_chainid_flag 
_struct_asym.pdbx_modified 
_struct_asym.entity_id 
_struct_asym.details 
A N N 1 ? 
B N N 2 ? 
C N N 3 ? 
# 
_struct_ref.id                         1 
_struct_ref.db_name                    UNP 
_struct_ref.db_code                    Q7B8P6_CAMJE 
_struct_ref.pdbx_db_accession          Q7B8P6 
_struct_ref.entity_id                  1 
_struct_ref.pdbx_seq_one_letter_code   
;MNSNRTPSQKVLARQEKIKAVALELFLTKGYQETSLSDIIKLSGGSYSNIYDGFKSKEGLFFEILDDICKKHFHLIYSKT
QEIKNGTLKEILTSFGLAFIEIFNQPEAVAFGKIIYSQVYDKDRHLANWIENNQQNFSYNILMGFFKQQNNSYMKKNAEK
LAVLFCTMLKEPYHHLNVLINAPLKNKKEQKEHVEFVVNVFLNGINSSKA
;
_struct_ref.pdbx_align_begin           1 
_struct_ref.pdbx_db_isoform            ? 
# 
_struct_ref_seq.align_id                      1 
_struct_ref_seq.ref_id                        1 
_struct_ref_seq.pdbx_PDB_id_code              2QCO 
_struct_ref_seq.pdbx_strand_id                A 
_struct_ref_seq.seq_align_beg                 1 
_struct_ref_seq.pdbx_seq_align_beg_ins_code   ? 
_struct_ref_seq.seq_align_end                 210 
_struct_ref_seq.pdbx_seq_align_end_ins_code   ? 
_struct_ref_seq.pdbx_db_accession             Q7B8P6 
_struct_ref_seq.db_align_beg                  1 
_struct_ref_seq.pdbx_db_align_beg_ins_code    ? 
_struct_ref_seq.db_align_end                  210 
_struct_ref_seq.pdbx_db_align_end_ins_code    ? 
_struct_ref_seq.pdbx_auth_seq_align_beg       1 
_struct_ref_seq.pdbx_auth_seq_align_end       210 
# 
_pdbx_struct_assembly.id                   1 
_pdbx_struct_assembly.details              author_and_software_defined_assembly 
_pdbx_struct_assembly.method_details       PISA,PQS 
_pdbx_struct_assembly.oligomeric_details   dimeric 
_pdbx_struct_assembly.oligomeric_count     2 
# 
loop_
_pdbx_struct_assembly_prop.biol_id 
_pdbx_struct_assembly_prop.type 
_pdbx_struct_assembly_prop.value 
_pdbx_struct_assembly_prop.details 
1 'ABSA (A^2)' 4510  ? 
1 MORE         -36   ? 
1 'SSA (A^2)'  20310 ? 
# 
_pdbx_struct_assembly_gen.assembly_id       1 
_pdbx_struct_assembly_gen.oper_expression   1,2 
_pdbx_struct_assembly_gen.asym_id_list      A,B,C 
# 
loop_
_pdbx_struct_oper_list.id 
_pdbx_struct_oper_list.type 
_pdbx_struct_oper_list.name 
_pdbx_struct_oper_list.symmetry_operation 
_pdbx_struct_oper_list.matrix[1][1] 
_pdbx_struct_oper_list.matrix[1][2] 
_pdbx_struct_oper_list.matrix[1][3] 
_pdbx_struct_oper_list.vector[1] 
_pdbx_struct_oper_list.matrix[2][1] 
_pdbx_struct_oper_list.matrix[2][2] 
_pdbx_struct_oper_list.matrix[2][3] 
_pdbx_struct_oper_list.vector[2] 
_pdbx_struct_oper_list.matrix[3][1] 
_pdbx_struct_oper_list.matrix[3][2] 
_pdbx_struct_oper_list.matrix[3][3] 
_pdbx_struct_oper_list.vector[3] 
1 'identity operation'         1_555 x,y,z       1.0000000000 0.0000000000  0.0000000000 0.0000000000 0.0000000000  1.0000000000  0.0000000000  0.0000000000  0.0000000000 0.0000000000  1.0000000000  0.0000000000  
2 'crystal symmetry operation' 2_665 -x+1,-y+1,z 0.9847719508 -0.0036244354 0.1738133146 0.3132909968 -0.0036244354 -0.9999933813 -0.0003174043 26.4097902343 0.1738133146 -0.0003174043 -0.9847785695 -3.0267566476 
# 
_struct_biol.id        1 
_struct_biol.details   
;The second part of the biological assembly is generated 
by the two fold axis:  -x,-y,z.
;
# 
loop_
_struct_conf.conf_type_id 
_struct_conf.id 
_struct_conf.pdbx_PDB_helix_id 
_struct_conf.beg_label_comp_id 
_struct_conf.beg_label_asym_id 
_struct_conf.beg_label_seq_id 
_struct_conf.pdbx_beg_PDB_ins_code 
_struct_conf.end_label_comp_id 
_struct_conf.end_label_asym_id 
_struct_conf.end_label_seq_id 
_struct_conf.pdbx_end_PDB_ins_code 
_struct_conf.beg_auth_comp_id 
_struct_conf.beg_auth_asym_id 
_struct_conf.beg_auth_seq_id 
_struct_conf.end_auth_comp_id 
_struct_conf.end_auth_asym_id 
_struct_conf.end_auth_seq_id 
_struct_conf.pdbx_PDB_helix_class 
_struct_conf.details 
_struct_conf.pdbx_PDB_helix_length 
HELX_P HELX_P1  1  THR A 6   ? LYS A 29  ? THR A 6   LYS A 29  1 ? 24 
HELX_P HELX_P2  2  SER A 35  ? GLY A 44  ? SER A 35  GLY A 44  1 ? 10 
HELX_P HELX_P3  3  SER A 56  ? GLU A 82  ? SER A 56  GLU A 82  1 ? 27 
HELX_P HELX_P4  4  THR A 87  ? ASN A 104 ? THR A 87  ASN A 104 1 ? 18 
HELX_P HELX_P5  5  GLN A 105 ? GLN A 118 ? GLN A 105 GLN A 118 1 ? 14 
HELX_P HELX_P6  6  VAL A 119 ? ASP A 121 ? VAL A 119 ASP A 121 5 ? 3  
HELX_P HELX_P7  7  ARG A 124 ? ASN A 133 ? ARG A 124 ASN A 133 1 ? 10 
HELX_P HELX_P8  8  SER A 138 ? GLN A 148 ? SER A 138 GLN A 148 1 ? 11 
HELX_P HELX_P9  9  ASN A 151 ? ASN A 157 ? ASN A 151 ASN A 157 1 ? 7  
HELX_P HELX_P10 10 ASN A 157 ? GLU A 171 ? ASN A 157 GLU A 171 1 ? 15 
HELX_P HELX_P11 11 PRO A 172 ? ASN A 181 ? PRO A 172 ASN A 181 1 ? 10 
HELX_P HELX_P12 12 ASN A 186 ? ASN A 203 ? ASN A 186 ASN A 203 1 ? 18 
# 
_struct_conf_type.id          HELX_P 
_struct_conf_type.criteria    ? 
_struct_conf_type.reference   ? 
# 
_struct_mon_prot_cis.pdbx_id                1 
_struct_mon_prot_cis.label_comp_id          GLU 
_struct_mon_prot_cis.label_seq_id           171 
_struct_mon_prot_cis.label_asym_id          A 
_struct_mon_prot_cis.label_alt_id           . 
_struct_mon_prot_cis.pdbx_PDB_ins_code      ? 
_struct_mon_prot_cis.auth_comp_id           GLU 
_struct_mon_prot_cis.auth_seq_id            171 
_struct_mon_prot_cis.auth_asym_id           A 
_struct_mon_prot_cis.pdbx_label_comp_id_2   PRO 
_struct_mon_prot_cis.pdbx_label_seq_id_2    172 
_struct_mon_prot_cis.pdbx_label_asym_id_2   A 
_struct_mon_prot_cis.pdbx_PDB_ins_code_2    ? 
_struct_mon_prot_cis.pdbx_auth_comp_id_2    PRO 
_struct_mon_prot_cis.pdbx_auth_seq_id_2     172 
_struct_mon_prot_cis.pdbx_auth_asym_id_2    A 
_struct_mon_prot_cis.pdbx_PDB_model_num     1 
_struct_mon_prot_cis.pdbx_omega_angle       0.20 
# 
_struct_site.id                   AC1 
_struct_site.pdbx_evidence_code   Software 
_struct_site.pdbx_auth_asym_id    A 
_struct_site.pdbx_auth_comp_id    GOL 
_struct_site.pdbx_auth_seq_id     301 
_struct_site.pdbx_auth_ins_code   ? 
_struct_site.pdbx_num_residues    7 
_struct_site.details              'BINDING SITE FOR RESIDUE GOL A 301' 
# 
loop_
_struct_site_gen.id 
_struct_site_gen.site_id 
_struct_site_gen.pdbx_num_res 
_struct_site_gen.label_comp_id 
_struct_site_gen.label_asym_id 
_struct_site_gen.label_seq_id 
_struct_site_gen.pdbx_auth_ins_code 
_struct_site_gen.auth_comp_id 
_struct_site_gen.auth_asym_id 
_struct_site_gen.auth_seq_id 
_struct_site_gen.label_atom_id 
_struct_site_gen.label_alt_id 
_struct_site_gen.symmetry 
_struct_site_gen.details 
1 AC1 7 PHE A 99  ? PHE A 99  . ? 1_555 ? 
2 AC1 7 PHE A 103 ? PHE A 103 . ? 1_555 ? 
3 AC1 7 SER A 138 ? SER A 138 . ? 1_555 ? 
4 AC1 7 TYR A 139 ? TYR A 139 . ? 1_555 ? 
5 AC1 7 CYS A 166 ? CYS A 166 . ? 1_555 ? 
6 AC1 7 HOH C .   ? HOH A 325 . ? 1_555 ? 
7 AC1 7 HOH C .   ? HOH A 332 . ? 1_555 ? 
# 
loop_
_pdbx_validate_torsion.id 
_pdbx_validate_torsion.PDB_model_num 
_pdbx_validate_torsion.auth_comp_id 
_pdbx_validate_torsion.auth_asym_id 
_pdbx_validate_torsion.auth_seq_id 
_pdbx_validate_torsion.PDB_ins_code 
_pdbx_validate_torsion.label_alt_id 
_pdbx_validate_torsion.phi 
_pdbx_validate_torsion.psi 
1 1 ASN A 49 ? ? 28.44   50.91   
2 1 TYR A 51 ? ? -107.22 76.47   
3 1 ASP A 52 ? ? -145.91 -118.28 
4 1 ILE A 83 ? ? -152.63 23.51   
5 1 ASN A 85 ? ? -168.43 -26.98  
# 
loop_
_pdbx_unobs_or_zero_occ_residues.id 
_pdbx_unobs_or_zero_occ_residues.PDB_model_num 
_pdbx_unobs_or_zero_occ_residues.polymer_flag 
_pdbx_unobs_or_zero_occ_residues.occupancy_flag 
_pdbx_unobs_or_zero_occ_residues.auth_asym_id 
_pdbx_unobs_or_zero_occ_residues.auth_comp_id 
_pdbx_unobs_or_zero_occ_residues.auth_seq_id 
_pdbx_unobs_or_zero_occ_residues.PDB_ins_code 
_pdbx_unobs_or_zero_occ_residues.label_asym_id 
_pdbx_unobs_or_zero_occ_residues.label_comp_id 
_pdbx_unobs_or_zero_occ_residues.label_seq_id 
1 1 Y 1 A MET 1   ? A MET 1   
2 1 Y 1 A ASN 2   ? A ASN 2   
3 1 Y 1 A SER 3   ? A SER 3   
4 1 Y 1 A ASN 4   ? A ASN 4   
5 1 Y 1 A ARG 5   ? A ARG 5   
6 1 Y 1 A SER 208 ? A SER 208 
7 1 Y 1 A LYS 209 ? A LYS 209 
8 1 Y 1 A ALA 210 ? A ALA 210 
# 
loop_
_chem_comp_atom.comp_id 
_chem_comp_atom.atom_id 
_chem_comp_atom.type_symbol 
_chem_comp_atom.pdbx_aromatic_flag 
_chem_comp_atom.pdbx_stereo_config 
_chem_comp_atom.pdbx_ordinal 
ALA N    N N N 1   
ALA CA   C N S 2   
ALA C    C N N 3   
ALA O    O N N 4   
ALA CB   C N N 5   
ALA OXT  O N N 6   
ALA H    H N N 7   
ALA H2   H N N 8   
ALA HA   H N N 9   
ALA HB1  H N N 10  
ALA HB2  H N N 11  
ALA HB3  H N N 12  
ALA HXT  H N N 13  
ARG N    N N N 14  
ARG CA   C N S 15  
ARG C    C N N 16  
ARG O    O N N 17  
ARG CB   C N N 18  
ARG CG   C N N 19  
ARG CD   C N N 20  
ARG NE   N N N 21  
ARG CZ   C N N 22  
ARG NH1  N N N 23  
ARG NH2  N N N 24  
ARG OXT  O N N 25  
ARG H    H N N 26  
ARG H2   H N N 27  
ARG HA   H N N 28  
ARG HB2  H N N 29  
ARG HB3  H N N 30  
ARG HG2  H N N 31  
ARG HG3  H N N 32  
ARG HD2  H N N 33  
ARG HD3  H N N 34  
ARG HE   H N N 35  
ARG HH11 H N N 36  
ARG HH12 H N N 37  
ARG HH21 H N N 38  
ARG HH22 H N N 39  
ARG HXT  H N N 40  
ASN N    N N N 41  
ASN CA   C N S 42  
ASN C    C N N 43  
ASN O    O N N 44  
ASN CB   C N N 45  
ASN CG   C N N 46  
ASN OD1  O N N 47  
ASN ND2  N N N 48  
ASN OXT  O N N 49  
ASN H    H N N 50  
ASN H2   H N N 51  
ASN HA   H N N 52  
ASN HB2  H N N 53  
ASN HB3  H N N 54  
ASN HD21 H N N 55  
ASN HD22 H N N 56  
ASN HXT  H N N 57  
ASP N    N N N 58  
ASP CA   C N S 59  
ASP C    C N N 60  
ASP O    O N N 61  
ASP CB   C N N 62  
ASP CG   C N N 63  
ASP OD1  O N N 64  
ASP OD2  O N N 65  
ASP OXT  O N N 66  
ASP H    H N N 67  
ASP H2   H N N 68  
ASP HA   H N N 69  
ASP HB2  H N N 70  
ASP HB3  H N N 71  
ASP HD2  H N N 72  
ASP HXT  H N N 73  
CYS N    N N N 74  
CYS CA   C N R 75  
CYS C    C N N 76  
CYS O    O N N 77  
CYS CB   C N N 78  
CYS SG   S N N 79  
CYS OXT  O N N 80  
CYS H    H N N 81  
CYS H2   H N N 82  
CYS HA   H N N 83  
CYS HB2  H N N 84  
CYS HB3  H N N 85  
CYS HG   H N N 86  
CYS HXT  H N N 87  
GLN N    N N N 88  
GLN CA   C N S 89  
GLN C    C N N 90  
GLN O    O N N 91  
GLN CB   C N N 92  
GLN CG   C N N 93  
GLN CD   C N N 94  
GLN OE1  O N N 95  
GLN NE2  N N N 96  
GLN OXT  O N N 97  
GLN H    H N N 98  
GLN H2   H N N 99  
GLN HA   H N N 100 
GLN HB2  H N N 101 
GLN HB3  H N N 102 
GLN HG2  H N N 103 
GLN HG3  H N N 104 
GLN HE21 H N N 105 
GLN HE22 H N N 106 
GLN HXT  H N N 107 
GLU N    N N N 108 
GLU CA   C N S 109 
GLU C    C N N 110 
GLU O    O N N 111 
GLU CB   C N N 112 
GLU CG   C N N 113 
GLU CD   C N N 114 
GLU OE1  O N N 115 
GLU OE2  O N N 116 
GLU OXT  O N N 117 
GLU H    H N N 118 
GLU H2   H N N 119 
GLU HA   H N N 120 
GLU HB2  H N N 121 
GLU HB3  H N N 122 
GLU HG2  H N N 123 
GLU HG3  H N N 124 
GLU HE2  H N N 125 
GLU HXT  H N N 126 
GLY N    N N N 127 
GLY CA   C N N 128 
GLY C    C N N 129 
GLY O    O N N 130 
GLY OXT  O N N 131 
GLY H    H N N 132 
GLY H2   H N N 133 
GLY HA2  H N N 134 
GLY HA3  H N N 135 
GLY HXT  H N N 136 
GOL C1   C N N 137 
GOL O1   O N N 138 
GOL C2   C N N 139 
GOL O2   O N N 140 
GOL C3   C N N 141 
GOL O3   O N N 142 
GOL H11  H N N 143 
GOL H12  H N N 144 
GOL HO1  H N N 145 
GOL H2   H N N 146 
GOL HO2  H N N 147 
GOL H31  H N N 148 
GOL H32  H N N 149 
GOL HO3  H N N 150 
HIS N    N N N 151 
HIS CA   C N S 152 
HIS C    C N N 153 
HIS O    O N N 154 
HIS CB   C N N 155 
HIS CG   C Y N 156 
HIS ND1  N Y N 157 
HIS CD2  C Y N 158 
HIS CE1  C Y N 159 
HIS NE2  N Y N 160 
HIS OXT  O N N 161 
HIS H    H N N 162 
HIS H2   H N N 163 
HIS HA   H N N 164 
HIS HB2  H N N 165 
HIS HB3  H N N 166 
HIS HD1  H N N 167 
HIS HD2  H N N 168 
HIS HE1  H N N 169 
HIS HE2  H N N 170 
HIS HXT  H N N 171 
HOH O    O N N 172 
HOH H1   H N N 173 
HOH H2   H N N 174 
ILE N    N N N 175 
ILE CA   C N S 176 
ILE C    C N N 177 
ILE O    O N N 178 
ILE CB   C N S 179 
ILE CG1  C N N 180 
ILE CG2  C N N 181 
ILE CD1  C N N 182 
ILE OXT  O N N 183 
ILE H    H N N 184 
ILE H2   H N N 185 
ILE HA   H N N 186 
ILE HB   H N N 187 
ILE HG12 H N N 188 
ILE HG13 H N N 189 
ILE HG21 H N N 190 
ILE HG22 H N N 191 
ILE HG23 H N N 192 
ILE HD11 H N N 193 
ILE HD12 H N N 194 
ILE HD13 H N N 195 
ILE HXT  H N N 196 
LEU N    N N N 197 
LEU CA   C N S 198 
LEU C    C N N 199 
LEU O    O N N 200 
LEU CB   C N N 201 
LEU CG   C N N 202 
LEU CD1  C N N 203 
LEU CD2  C N N 204 
LEU OXT  O N N 205 
LEU H    H N N 206 
LEU H2   H N N 207 
LEU HA   H N N 208 
LEU HB2  H N N 209 
LEU HB3  H N N 210 
LEU HG   H N N 211 
LEU HD11 H N N 212 
LEU HD12 H N N 213 
LEU HD13 H N N 214 
LEU HD21 H N N 215 
LEU HD22 H N N 216 
LEU HD23 H N N 217 
LEU HXT  H N N 218 
LYS N    N N N 219 
LYS CA   C N S 220 
LYS C    C N N 221 
LYS O    O N N 222 
LYS CB   C N N 223 
LYS CG   C N N 224 
LYS CD   C N N 225 
LYS CE   C N N 226 
LYS NZ   N N N 227 
LYS OXT  O N N 228 
LYS H    H N N 229 
LYS H2   H N N 230 
LYS HA   H N N 231 
LYS HB2  H N N 232 
LYS HB3  H N N 233 
LYS HG2  H N N 234 
LYS HG3  H N N 235 
LYS HD2  H N N 236 
LYS HD3  H N N 237 
LYS HE2  H N N 238 
LYS HE3  H N N 239 
LYS HZ1  H N N 240 
LYS HZ2  H N N 241 
LYS HZ3  H N N 242 
LYS HXT  H N N 243 
MET N    N N N 244 
MET CA   C N S 245 
MET C    C N N 246 
MET O    O N N 247 
MET CB   C N N 248 
MET CG   C N N 249 
MET SD   S N N 250 
MET CE   C N N 251 
MET OXT  O N N 252 
MET H    H N N 253 
MET H2   H N N 254 
MET HA   H N N 255 
MET HB2  H N N 256 
MET HB3  H N N 257 
MET HG2  H N N 258 
MET HG3  H N N 259 
MET HE1  H N N 260 
MET HE2  H N N 261 
MET HE3  H N N 262 
MET HXT  H N N 263 
PHE N    N N N 264 
PHE CA   C N S 265 
PHE C    C N N 266 
PHE O    O N N 267 
PHE CB   C N N 268 
PHE CG   C Y N 269 
PHE CD1  C Y N 270 
PHE CD2  C Y N 271 
PHE CE1  C Y N 272 
PHE CE2  C Y N 273 
PHE CZ   C Y N 274 
PHE OXT  O N N 275 
PHE H    H N N 276 
PHE H2   H N N 277 
PHE HA   H N N 278 
PHE HB2  H N N 279 
PHE HB3  H N N 280 
PHE HD1  H N N 281 
PHE HD2  H N N 282 
PHE HE1  H N N 283 
PHE HE2  H N N 284 
PHE HZ   H N N 285 
PHE HXT  H N N 286 
PRO N    N N N 287 
PRO CA   C N S 288 
PRO C    C N N 289 
PRO O    O N N 290 
PRO CB   C N N 291 
PRO CG   C N N 292 
PRO CD   C N N 293 
PRO OXT  O N N 294 
PRO H    H N N 295 
PRO HA   H N N 296 
PRO HB2  H N N 297 
PRO HB3  H N N 298 
PRO HG2  H N N 299 
PRO HG3  H N N 300 
PRO HD2  H N N 301 
PRO HD3  H N N 302 
PRO HXT  H N N 303 
SER N    N N N 304 
SER CA   C N S 305 
SER C    C N N 306 
SER O    O N N 307 
SER CB   C N N 308 
SER OG   O N N 309 
SER OXT  O N N 310 
SER H    H N N 311 
SER H2   H N N 312 
SER HA   H N N 313 
SER HB2  H N N 314 
SER HB3  H N N 315 
SER HG   H N N 316 
SER HXT  H N N 317 
THR N    N N N 318 
THR CA   C N S 319 
THR C    C N N 320 
THR O    O N N 321 
THR CB   C N R 322 
THR OG1  O N N 323 
THR CG2  C N N 324 
THR OXT  O N N 325 
THR H    H N N 326 
THR H2   H N N 327 
THR HA   H N N 328 
THR HB   H N N 329 
THR HG1  H N N 330 
THR HG21 H N N 331 
THR HG22 H N N 332 
THR HG23 H N N 333 
THR HXT  H N N 334 
TRP N    N N N 335 
TRP CA   C N S 336 
TRP C    C N N 337 
TRP O    O N N 338 
TRP CB   C N N 339 
TRP CG   C Y N 340 
TRP CD1  C Y N 341 
TRP CD2  C Y N 342 
TRP NE1  N Y N 343 
TRP CE2  C Y N 344 
TRP CE3  C Y N 345 
TRP CZ2  C Y N 346 
TRP CZ3  C Y N 347 
TRP CH2  C Y N 348 
TRP OXT  O N N 349 
TRP H    H N N 350 
TRP H2   H N N 351 
TRP HA   H N N 352 
TRP HB2  H N N 353 
TRP HB3  H N N 354 
TRP HD1  H N N 355 
TRP HE1  H N N 356 
TRP HE3  H N N 357 
TRP HZ2  H N N 358 
TRP HZ3  H N N 359 
TRP HH2  H N N 360 
TRP HXT  H N N 361 
TYR N    N N N 362 
TYR CA   C N S 363 
TYR C    C N N 364 
TYR O    O N N 365 
TYR CB   C N N 366 
TYR CG   C Y N 367 
TYR CD1  C Y N 368 
TYR CD2  C Y N 369 
TYR CE1  C Y N 370 
TYR CE2  C Y N 371 
TYR CZ   C Y N 372 
TYR OH   O N N 373 
TYR OXT  O N N 374 
TYR H    H N N 375 
TYR H2   H N N 376 
TYR HA   H N N 377 
TYR HB2  H N N 378 
TYR HB3  H N N 379 
TYR HD1  H N N 380 
TYR HD2  H N N 381 
TYR HE1  H N N 382 
TYR HE2  H N N 383 
TYR HH   H N N 384 
TYR HXT  H N N 385 
VAL N    N N N 386 
VAL CA   C N S 387 
VAL C    C N N 388 
VAL O    O N N 389 
VAL CB   C N N 390 
VAL CG1  C N N 391 
VAL CG2  C N N 392 
VAL OXT  O N N 393 
VAL H    H N N 394 
VAL H2   H N N 395 
VAL HA   H N N 396 
VAL HB   H N N 397 
VAL HG11 H N N 398 
VAL HG12 H N N 399 
VAL HG13 H N N 400 
VAL HG21 H N N 401 
VAL HG22 H N N 402 
VAL HG23 H N N 403 
VAL HXT  H N N 404 
# 
loop_
_chem_comp_bond.comp_id 
_chem_comp_bond.atom_id_1 
_chem_comp_bond.atom_id_2 
_chem_comp_bond.value_order 
_chem_comp_bond.pdbx_aromatic_flag 
_chem_comp_bond.pdbx_stereo_config 
_chem_comp_bond.pdbx_ordinal 
ALA N   CA   sing N N 1   
ALA N   H    sing N N 2   
ALA N   H2   sing N N 3   
ALA CA  C    sing N N 4   
ALA CA  CB   sing N N 5   
ALA CA  HA   sing N N 6   
ALA C   O    doub N N 7   
ALA C   OXT  sing N N 8   
ALA CB  HB1  sing N N 9   
ALA CB  HB2  sing N N 10  
ALA CB  HB3  sing N N 11  
ALA OXT HXT  sing N N 12  
ARG N   CA   sing N N 13  
ARG N   H    sing N N 14  
ARG N   H2   sing N N 15  
ARG CA  C    sing N N 16  
ARG CA  CB   sing N N 17  
ARG CA  HA   sing N N 18  
ARG C   O    doub N N 19  
ARG C   OXT  sing N N 20  
ARG CB  CG   sing N N 21  
ARG CB  HB2  sing N N 22  
ARG CB  HB3  sing N N 23  
ARG CG  CD   sing N N 24  
ARG CG  HG2  sing N N 25  
ARG CG  HG3  sing N N 26  
ARG CD  NE   sing N N 27  
ARG CD  HD2  sing N N 28  
ARG CD  HD3  sing N N 29  
ARG NE  CZ   sing N N 30  
ARG NE  HE   sing N N 31  
ARG CZ  NH1  sing N N 32  
ARG CZ  NH2  doub N N 33  
ARG NH1 HH11 sing N N 34  
ARG NH1 HH12 sing N N 35  
ARG NH2 HH21 sing N N 36  
ARG NH2 HH22 sing N N 37  
ARG OXT HXT  sing N N 38  
ASN N   CA   sing N N 39  
ASN N   H    sing N N 40  
ASN N   H2   sing N N 41  
ASN CA  C    sing N N 42  
ASN CA  CB   sing N N 43  
ASN CA  HA   sing N N 44  
ASN C   O    doub N N 45  
ASN C   OXT  sing N N 46  
ASN CB  CG   sing N N 47  
ASN CB  HB2  sing N N 48  
ASN CB  HB3  sing N N 49  
ASN CG  OD1  doub N N 50  
ASN CG  ND2  sing N N 51  
ASN ND2 HD21 sing N N 52  
ASN ND2 HD22 sing N N 53  
ASN OXT HXT  sing N N 54  
ASP N   CA   sing N N 55  
ASP N   H    sing N N 56  
ASP N   H2   sing N N 57  
ASP CA  C    sing N N 58  
ASP CA  CB   sing N N 59  
ASP CA  HA   sing N N 60  
ASP C   O    doub N N 61  
ASP C   OXT  sing N N 62  
ASP CB  CG   sing N N 63  
ASP CB  HB2  sing N N 64  
ASP CB  HB3  sing N N 65  
ASP CG  OD1  doub N N 66  
ASP CG  OD2  sing N N 67  
ASP OD2 HD2  sing N N 68  
ASP OXT HXT  sing N N 69  
CYS N   CA   sing N N 70  
CYS N   H    sing N N 71  
CYS N   H2   sing N N 72  
CYS CA  C    sing N N 73  
CYS CA  CB   sing N N 74  
CYS CA  HA   sing N N 75  
CYS C   O    doub N N 76  
CYS C   OXT  sing N N 77  
CYS CB  SG   sing N N 78  
CYS CB  HB2  sing N N 79  
CYS CB  HB3  sing N N 80  
CYS SG  HG   sing N N 81  
CYS OXT HXT  sing N N 82  
GLN N   CA   sing N N 83  
GLN N   H    sing N N 84  
GLN N   H2   sing N N 85  
GLN CA  C    sing N N 86  
GLN CA  CB   sing N N 87  
GLN CA  HA   sing N N 88  
GLN C   O    doub N N 89  
GLN C   OXT  sing N N 90  
GLN CB  CG   sing N N 91  
GLN CB  HB2  sing N N 92  
GLN CB  HB3  sing N N 93  
GLN CG  CD   sing N N 94  
GLN CG  HG2  sing N N 95  
GLN CG  HG3  sing N N 96  
GLN CD  OE1  doub N N 97  
GLN CD  NE2  sing N N 98  
GLN NE2 HE21 sing N N 99  
GLN NE2 HE22 sing N N 100 
GLN OXT HXT  sing N N 101 
GLU N   CA   sing N N 102 
GLU N   H    sing N N 103 
GLU N   H2   sing N N 104 
GLU CA  C    sing N N 105 
GLU CA  CB   sing N N 106 
GLU CA  HA   sing N N 107 
GLU C   O    doub N N 108 
GLU C   OXT  sing N N 109 
GLU CB  CG   sing N N 110 
GLU CB  HB2  sing N N 111 
GLU CB  HB3  sing N N 112 
GLU CG  CD   sing N N 113 
GLU CG  HG2  sing N N 114 
GLU CG  HG3  sing N N 115 
GLU CD  OE1  doub N N 116 
GLU CD  OE2  sing N N 117 
GLU OE2 HE2  sing N N 118 
GLU OXT HXT  sing N N 119 
GLY N   CA   sing N N 120 
GLY N   H    sing N N 121 
GLY N   H2   sing N N 122 
GLY CA  C    sing N N 123 
GLY CA  HA2  sing N N 124 
GLY CA  HA3  sing N N 125 
GLY C   O    doub N N 126 
GLY C   OXT  sing N N 127 
GLY OXT HXT  sing N N 128 
GOL C1  O1   sing N N 129 
GOL C1  C2   sing N N 130 
GOL C1  H11  sing N N 131 
GOL C1  H12  sing N N 132 
GOL O1  HO1  sing N N 133 
GOL C2  O2   sing N N 134 
GOL C2  C3   sing N N 135 
GOL C2  H2   sing N N 136 
GOL O2  HO2  sing N N 137 
GOL C3  O3   sing N N 138 
GOL C3  H31  sing N N 139 
GOL C3  H32  sing N N 140 
GOL O3  HO3  sing N N 141 
HIS N   CA   sing N N 142 
HIS N   H    sing N N 143 
HIS N   H2   sing N N 144 
HIS CA  C    sing N N 145 
HIS CA  CB   sing N N 146 
HIS CA  HA   sing N N 147 
HIS C   O    doub N N 148 
HIS C   OXT  sing N N 149 
HIS CB  CG   sing N N 150 
HIS CB  HB2  sing N N 151 
HIS CB  HB3  sing N N 152 
HIS CG  ND1  sing Y N 153 
HIS CG  CD2  doub Y N 154 
HIS ND1 CE1  doub Y N 155 
HIS ND1 HD1  sing N N 156 
HIS CD2 NE2  sing Y N 157 
HIS CD2 HD2  sing N N 158 
HIS CE1 NE2  sing Y N 159 
HIS CE1 HE1  sing N N 160 
HIS NE2 HE2  sing N N 161 
HIS OXT HXT  sing N N 162 
HOH O   H1   sing N N 163 
HOH O   H2   sing N N 164 
ILE N   CA   sing N N 165 
ILE N   H    sing N N 166 
ILE N   H2   sing N N 167 
ILE CA  C    sing N N 168 
ILE CA  CB   sing N N 169 
ILE CA  HA   sing N N 170 
ILE C   O    doub N N 171 
ILE C   OXT  sing N N 172 
ILE CB  CG1  sing N N 173 
ILE CB  CG2  sing N N 174 
ILE CB  HB   sing N N 175 
ILE CG1 CD1  sing N N 176 
ILE CG1 HG12 sing N N 177 
ILE CG1 HG13 sing N N 178 
ILE CG2 HG21 sing N N 179 
ILE CG2 HG22 sing N N 180 
ILE CG2 HG23 sing N N 181 
ILE CD1 HD11 sing N N 182 
ILE CD1 HD12 sing N N 183 
ILE CD1 HD13 sing N N 184 
ILE OXT HXT  sing N N 185 
LEU N   CA   sing N N 186 
LEU N   H    sing N N 187 
LEU N   H2   sing N N 188 
LEU CA  C    sing N N 189 
LEU CA  CB   sing N N 190 
LEU CA  HA   sing N N 191 
LEU C   O    doub N N 192 
LEU C   OXT  sing N N 193 
LEU CB  CG   sing N N 194 
LEU CB  HB2  sing N N 195 
LEU CB  HB3  sing N N 196 
LEU CG  CD1  sing N N 197 
LEU CG  CD2  sing N N 198 
LEU CG  HG   sing N N 199 
LEU CD1 HD11 sing N N 200 
LEU CD1 HD12 sing N N 201 
LEU CD1 HD13 sing N N 202 
LEU CD2 HD21 sing N N 203 
LEU CD2 HD22 sing N N 204 
LEU CD2 HD23 sing N N 205 
LEU OXT HXT  sing N N 206 
LYS N   CA   sing N N 207 
LYS N   H    sing N N 208 
LYS N   H2   sing N N 209 
LYS CA  C    sing N N 210 
LYS CA  CB   sing N N 211 
LYS CA  HA   sing N N 212 
LYS C   O    doub N N 213 
LYS C   OXT  sing N N 214 
LYS CB  CG   sing N N 215 
LYS CB  HB2  sing N N 216 
LYS CB  HB3  sing N N 217 
LYS CG  CD   sing N N 218 
LYS CG  HG2  sing N N 219 
LYS CG  HG3  sing N N 220 
LYS CD  CE   sing N N 221 
LYS CD  HD2  sing N N 222 
LYS CD  HD3  sing N N 223 
LYS CE  NZ   sing N N 224 
LYS CE  HE2  sing N N 225 
LYS CE  HE3  sing N N 226 
LYS NZ  HZ1  sing N N 227 
LYS NZ  HZ2  sing N N 228 
LYS NZ  HZ3  sing N N 229 
LYS OXT HXT  sing N N 230 
MET N   CA   sing N N 231 
MET N   H    sing N N 232 
MET N   H2   sing N N 233 
MET CA  C    sing N N 234 
MET CA  CB   sing N N 235 
MET CA  HA   sing N N 236 
MET C   O    doub N N 237 
MET C   OXT  sing N N 238 
MET CB  CG   sing N N 239 
MET CB  HB2  sing N N 240 
MET CB  HB3  sing N N 241 
MET CG  SD   sing N N 242 
MET CG  HG2  sing N N 243 
MET CG  HG3  sing N N 244 
MET SD  CE   sing N N 245 
MET CE  HE1  sing N N 246 
MET CE  HE2  sing N N 247 
MET CE  HE3  sing N N 248 
MET OXT HXT  sing N N 249 
PHE N   CA   sing N N 250 
PHE N   H    sing N N 251 
PHE N   H2   sing N N 252 
PHE CA  C    sing N N 253 
PHE CA  CB   sing N N 254 
PHE CA  HA   sing N N 255 
PHE C   O    doub N N 256 
PHE C   OXT  sing N N 257 
PHE CB  CG   sing N N 258 
PHE CB  HB2  sing N N 259 
PHE CB  HB3  sing N N 260 
PHE CG  CD1  doub Y N 261 
PHE CG  CD2  sing Y N 262 
PHE CD1 CE1  sing Y N 263 
PHE CD1 HD1  sing N N 264 
PHE CD2 CE2  doub Y N 265 
PHE CD2 HD2  sing N N 266 
PHE CE1 CZ   doub Y N 267 
PHE CE1 HE1  sing N N 268 
PHE CE2 CZ   sing Y N 269 
PHE CE2 HE2  sing N N 270 
PHE CZ  HZ   sing N N 271 
PHE OXT HXT  sing N N 272 
PRO N   CA   sing N N 273 
PRO N   CD   sing N N 274 
PRO N   H    sing N N 275 
PRO CA  C    sing N N 276 
PRO CA  CB   sing N N 277 
PRO CA  HA   sing N N 278 
PRO C   O    doub N N 279 
PRO C   OXT  sing N N 280 
PRO CB  CG   sing N N 281 
PRO CB  HB2  sing N N 282 
PRO CB  HB3  sing N N 283 
PRO CG  CD   sing N N 284 
PRO CG  HG2  sing N N 285 
PRO CG  HG3  sing N N 286 
PRO CD  HD2  sing N N 287 
PRO CD  HD3  sing N N 288 
PRO OXT HXT  sing N N 289 
SER N   CA   sing N N 290 
SER N   H    sing N N 291 
SER N   H2   sing N N 292 
SER CA  C    sing N N 293 
SER CA  CB   sing N N 294 
SER CA  HA   sing N N 295 
SER C   O    doub N N 296 
SER C   OXT  sing N N 297 
SER CB  OG   sing N N 298 
SER CB  HB2  sing N N 299 
SER CB  HB3  sing N N 300 
SER OG  HG   sing N N 301 
SER OXT HXT  sing N N 302 
THR N   CA   sing N N 303 
THR N   H    sing N N 304 
THR N   H2   sing N N 305 
THR CA  C    sing N N 306 
THR CA  CB   sing N N 307 
THR CA  HA   sing N N 308 
THR C   O    doub N N 309 
THR C   OXT  sing N N 310 
THR CB  OG1  sing N N 311 
THR CB  CG2  sing N N 312 
THR CB  HB   sing N N 313 
THR OG1 HG1  sing N N 314 
THR CG2 HG21 sing N N 315 
THR CG2 HG22 sing N N 316 
THR CG2 HG23 sing N N 317 
THR OXT HXT  sing N N 318 
TRP N   CA   sing N N 319 
TRP N   H    sing N N 320 
TRP N   H2   sing N N 321 
TRP CA  C    sing N N 322 
TRP CA  CB   sing N N 323 
TRP CA  HA   sing N N 324 
TRP C   O    doub N N 325 
TRP C   OXT  sing N N 326 
TRP CB  CG   sing N N 327 
TRP CB  HB2  sing N N 328 
TRP CB  HB3  sing N N 329 
TRP CG  CD1  doub Y N 330 
TRP CG  CD2  sing Y N 331 
TRP CD1 NE1  sing Y N 332 
TRP CD1 HD1  sing N N 333 
TRP CD2 CE2  doub Y N 334 
TRP CD2 CE3  sing Y N 335 
TRP NE1 CE2  sing Y N 336 
TRP NE1 HE1  sing N N 337 
TRP CE2 CZ2  sing Y N 338 
TRP CE3 CZ3  doub Y N 339 
TRP CE3 HE3  sing N N 340 
TRP CZ2 CH2  doub Y N 341 
TRP CZ2 HZ2  sing N N 342 
TRP CZ3 CH2  sing Y N 343 
TRP CZ3 HZ3  sing N N 344 
TRP CH2 HH2  sing N N 345 
TRP OXT HXT  sing N N 346 
TYR N   CA   sing N N 347 
TYR N   H    sing N N 348 
TYR N   H2   sing N N 349 
TYR CA  C    sing N N 350 
TYR CA  CB   sing N N 351 
TYR CA  HA   sing N N 352 
TYR C   O    doub N N 353 
TYR C   OXT  sing N N 354 
TYR CB  CG   sing N N 355 
TYR CB  HB2  sing N N 356 
TYR CB  HB3  sing N N 357 
TYR CG  CD1  doub Y N 358 
TYR CG  CD2  sing Y N 359 
TYR CD1 CE1  sing Y N 360 
TYR CD1 HD1  sing N N 361 
TYR CD2 CE2  doub Y N 362 
TYR CD2 HD2  sing N N 363 
TYR CE1 CZ   doub Y N 364 
TYR CE1 HE1  sing N N 365 
TYR CE2 CZ   sing Y N 366 
TYR CE2 HE2  sing N N 367 
TYR CZ  OH   sing N N 368 
TYR OH  HH   sing N N 369 
TYR OXT HXT  sing N N 370 
VAL N   CA   sing N N 371 
VAL N   H    sing N N 372 
VAL N   H2   sing N N 373 
VAL CA  C    sing N N 374 
VAL CA  CB   sing N N 375 
VAL CA  HA   sing N N 376 
VAL C   O    doub N N 377 
VAL C   OXT  sing N N 378 
VAL CB  CG1  sing N N 379 
VAL CB  CG2  sing N N 380 
VAL CB  HB   sing N N 381 
VAL CG1 HG11 sing N N 382 
VAL CG1 HG12 sing N N 383 
VAL CG1 HG13 sing N N 384 
VAL CG2 HG21 sing N N 385 
VAL CG2 HG22 sing N N 386 
VAL CG2 HG23 sing N N 387 
VAL OXT HXT  sing N N 388 
# 
_atom_sites.entry_id                    2QCO 
_atom_sites.fract_transf_matrix[1][1]   0.00007775 
_atom_sites.fract_transf_matrix[1][2]   0.01071715 
_atom_sites.fract_transf_matrix[1][3]   -0.00066432 
_atom_sites.fract_transf_matrix[2][1]   0.00231350 
_atom_sites.fract_transf_matrix[2][2]   -0.00165648 
_atom_sites.fract_transf_matrix[2][3]   -0.02645241 
_atom_sites.fract_transf_matrix[3][1]   -0.01723800 
_atom_sites.fract_transf_matrix[3][2]   0.00003148 
_atom_sites.fract_transf_matrix[3][3]   -0.00150959 
_atom_sites.fract_transf_vector[1]      0.357452 
_atom_sites.fract_transf_vector[2]      0.481480 
_atom_sites.fract_transf_vector[3]      0.710499 
# 
loop_
_atom_type.symbol 
C 
N 
O 
S 
# 
loop_
_atom_site.group_PDB 
_atom_site.id 
_atom_site.type_symbol 
_atom_site.label_atom_id 
_atom_site.label_alt_id 
_atom_site.label_comp_id 
_atom_site.label_asym_id 
_atom_site.label_entity_id 
_atom_site.label_seq_id 
_atom_site.pdbx_PDB_ins_code 
_atom_site.Cartn_x 
_atom_site.Cartn_y 
_atom_site.Cartn_z 
_atom_site.occupancy 
_atom_site.B_iso_or_equiv 
_atom_site.pdbx_formal_charge 
_atom_site.auth_seq_id 
_atom_site.auth_comp_id 
_atom_site.auth_asym_id 
_atom_site.auth_atom_id 
_atom_site.pdbx_PDB_model_num 
ATOM   1    N N   . THR A 1 6   ? 14.503  -29.358 -0.184  1.00 53.09  ? 6   THR A N   1 
ATOM   2    C CA  . THR A 1 6   ? 14.036  -28.647 -1.409  1.00 54.87  ? 6   THR A CA  1 
ATOM   3    C C   . THR A 1 6   ? 14.866  -27.381 -1.643  1.00 53.34  ? 6   THR A C   1 
ATOM   4    O O   . THR A 1 6   ? 14.929  -26.513 -0.768  1.00 53.76  ? 6   THR A O   1 
ATOM   5    C CB  . THR A 1 6   ? 12.531  -28.290 -1.321  1.00 55.42  ? 6   THR A CB  1 
ATOM   6    O OG1 . THR A 1 6   ? 11.789  -29.432 -0.876  1.00 63.36  ? 6   THR A OG1 1 
ATOM   7    C CG2 . THR A 1 6   ? 11.996  -27.842 -2.677  1.00 52.38  ? 6   THR A CG2 1 
ATOM   8    N N   . PRO A 1 7   ? 15.515  -27.281 -2.821  1.00 51.70  ? 7   PRO A N   1 
ATOM   9    C CA  . PRO A 1 7   ? 16.326  -26.116 -3.184  1.00 49.75  ? 7   PRO A CA  1 
ATOM   10   C C   . PRO A 1 7   ? 15.495  -24.842 -3.332  1.00 47.53  ? 7   PRO A C   1 
ATOM   11   O O   . PRO A 1 7   ? 15.932  -23.775 -2.900  1.00 48.38  ? 7   PRO A O   1 
ATOM   12   C CB  . PRO A 1 7   ? 16.931  -26.512 -4.539  1.00 49.66  ? 7   PRO A CB  1 
ATOM   13   C CG  . PRO A 1 7   ? 16.787  -27.993 -4.615  1.00 48.68  ? 7   PRO A CG  1 
ATOM   14   C CD  . PRO A 1 7   ? 15.527  -28.298 -3.886  1.00 51.69  ? 7   PRO A CD  1 
ATOM   15   N N   . SER A 1 8   ? 14.310  -24.966 -3.928  1.00 45.96  ? 8   SER A N   1 
ATOM   16   C CA  . SER A 1 8   ? 13.406  -23.832 -4.144  1.00 45.56  ? 8   SER A CA  1 
ATOM   17   C C   . SER A 1 8   ? 12.930  -23.207 -2.833  1.00 44.95  ? 8   SER A C   1 
ATOM   18   O O   . SER A 1 8   ? 12.761  -21.989 -2.746  1.00 43.90  ? 8   SER A O   1 
ATOM   19   C CB  . SER A 1 8   ? 12.205  -24.259 -4.992  1.00 43.42  ? 8   SER A CB  1 
ATOM   20   O OG  . SER A 1 8   ? 12.616  -24.710 -6.270  1.00 44.66  ? 8   SER A OG  1 
ATOM   21   N N   . GLN A 1 9   ? 12.716  -24.050 -1.823  1.00 43.70  ? 9   GLN A N   1 
ATOM   22   C CA  . GLN A 1 9   ? 12.348  -23.595 -0.483  1.00 43.79  ? 9   GLN A CA  1 
ATOM   23   C C   . GLN A 1 9   ? 13.528  -22.920 0.214   1.00 42.29  ? 9   GLN A C   1 
ATOM   24   O O   . GLN A 1 9   ? 13.341  -21.994 1.008   1.00 43.39  ? 9   GLN A O   1 
ATOM   25   C CB  . GLN A 1 9   ? 11.839  -24.763 0.367   1.00 44.52  ? 9   GLN A CB  1 
ATOM   26   C CG  . GLN A 1 9   ? 10.480  -25.308 -0.058  1.00 50.49  ? 9   GLN A CG  1 
ATOM   27   C CD  . GLN A 1 9   ? 10.002  -26.461 0.810   1.00 59.33  ? 9   GLN A CD  1 
ATOM   28   O OE1 . GLN A 1 9   ? 10.799  -27.161 1.438   1.00 57.30  ? 9   GLN A OE1 1 
ATOM   29   N NE2 . GLN A 1 9   ? 8.691   -26.667 0.845   1.00 58.95  ? 9   GLN A NE2 1 
ATOM   30   N N   . LYS A 1 10  ? 14.736  -23.392 -0.088  1.00 39.27  ? 10  LYS A N   1 
ATOM   31   C CA  . LYS A 1 10  ? 15.964  -22.817 0.459   1.00 38.94  ? 10  LYS A CA  1 
ATOM   32   C C   . LYS A 1 10  ? 16.282  -21.451 -0.144  1.00 35.89  ? 10  LYS A C   1 
ATOM   33   O O   . LYS A 1 10  ? 16.865  -20.600 0.526   1.00 33.58  ? 10  LYS A O   1 
ATOM   34   C CB  . LYS A 1 10  ? 17.148  -23.770 0.269   1.00 38.26  ? 10  LYS A CB  1 
ATOM   35   C CG  . LYS A 1 10  ? 17.179  -24.932 1.251   1.00 43.39  ? 10  LYS A CG  1 
ATOM   36   C CD  . LYS A 1 10  ? 18.441  -25.765 1.080   1.00 44.65  ? 10  LYS A CD  1 
ATOM   37   C CE  . LYS A 1 10  ? 18.520  -26.886 2.108   1.00 51.14  ? 10  LYS A CE  1 
ATOM   38   N NZ  . LYS A 1 10  ? 17.508  -27.955 1.871   1.00 51.82  ? 10  LYS A NZ  1 
ATOM   39   N N   . VAL A 1 11  ? 15.903  -21.253 -1.407  1.00 34.89  ? 11  VAL A N   1 
ATOM   40   C CA  . VAL A 1 11  ? 16.088  -19.968 -2.091  1.00 36.25  ? 11  VAL A CA  1 
ATOM   41   C C   . VAL A 1 11  ? 15.119  -18.919 -1.542  1.00 35.02  ? 11  VAL A C   1 
ATOM   42   O O   . VAL A 1 11  ? 15.516  -17.785 -1.264  1.00 35.73  ? 11  VAL A O   1 
ATOM   43   C CB  . VAL A 1 11  ? 15.923  -20.096 -3.635  1.00 35.23  ? 11  VAL A CB  1 
ATOM   44   C CG1 . VAL A 1 11  ? 16.079  -18.739 -4.317  1.00 34.99  ? 11  VAL A CG1 1 
ATOM   45   C CG2 . VAL A 1 11  ? 16.931  -21.078 -4.208  1.00 33.61  ? 11  VAL A CG2 1 
ATOM   46   N N   . LEU A 1 12  ? 13.854  -19.311 -1.382  1.00 34.24  ? 12  LEU A N   1 
ATOM   47   C CA  . LEU A 1 12  ? 12.809  -18.420 -0.871  1.00 37.23  ? 12  LEU A CA  1 
ATOM   48   C C   . LEU A 1 12  ? 13.090  -17.950 0.556   1.00 37.12  ? 12  LEU A C   1 
ATOM   49   O O   . LEU A 1 12  ? 12.997  -16.756 0.846   1.00 38.78  ? 12  LEU A O   1 
ATOM   50   C CB  . LEU A 1 12  ? 11.432  -19.090 -0.950  1.00 37.43  ? 12  LEU A CB  1 
ATOM   51   C CG  . LEU A 1 12  ? 10.781  -19.252 -2.330  1.00 39.77  ? 12  LEU A CG  1 
ATOM   52   C CD1 . LEU A 1 12  ? 9.690   -20.310 -2.286  1.00 34.68  ? 12  LEU A CD1 1 
ATOM   53   C CD2 . LEU A 1 12  ? 10.229  -17.929 -2.855  1.00 39.24  ? 12  LEU A CD2 1 
ATOM   54   N N   . ALA A 1 13  ? 13.441  -18.891 1.433   1.00 36.09  ? 13  ALA A N   1 
ATOM   55   C CA  . ALA A 1 13  ? 13.780  -18.587 2.825   1.00 36.08  ? 13  ALA A CA  1 
ATOM   56   C C   . ALA A 1 13  ? 15.067  -17.770 2.935   1.00 36.62  ? 13  ALA A C   1 
ATOM   57   O O   . ALA A 1 13  ? 15.242  -16.994 3.877   1.00 35.44  ? 13  ALA A O   1 
ATOM   58   C CB  . ALA A 1 13  ? 13.894  -19.869 3.634   1.00 35.22  ? 13  ALA A CB  1 
ATOM   59   N N   . ARG A 1 14  ? 15.959  -17.956 1.964   1.00 36.11  ? 14  ARG A N   1 
ATOM   60   C CA  . ARG A 1 14  ? 17.196  -17.190 1.867   1.00 40.76  ? 14  ARG A CA  1 
ATOM   61   C C   . ARG A 1 14  ? 16.896  -15.761 1.413   1.00 38.62  ? 14  ARG A C   1 
ATOM   62   O O   . ARG A 1 14  ? 17.543  -14.814 1.862   1.00 39.44  ? 14  ARG A O   1 
ATOM   63   C CB  . ARG A 1 14  ? 18.145  -17.861 0.875   1.00 39.01  ? 14  ARG A CB  1 
ATOM   64   C CG  . ARG A 1 14  ? 19.622  -17.646 1.146   1.00 50.04  ? 14  ARG A CG  1 
ATOM   65   C CD  . ARG A 1 14  ? 20.432  -17.823 -0.130  1.00 50.92  ? 14  ARG A CD  1 
ATOM   66   N NE  . ARG A 1 14  ? 20.555  -16.565 -0.863  1.00 62.64  ? 14  ARG A NE  1 
ATOM   67   C CZ  . ARG A 1 14  ? 19.723  -16.144 -1.812  1.00 65.30  ? 14  ARG A CZ  1 
ATOM   68   N NH1 . ARG A 1 14  ? 18.679  -16.875 -2.181  1.00 71.55  ? 14  ARG A NH1 1 
ATOM   69   N NH2 . ARG A 1 14  ? 19.941  -14.978 -2.398  1.00 69.44  ? 14  ARG A NH2 1 
ATOM   70   N N   . GLN A 1 15  ? 15.911  -15.622 0.525   1.00 36.24  ? 15  GLN A N   1 
ATOM   71   C CA  . GLN A 1 15  ? 15.456  -14.316 0.040   1.00 36.91  ? 15  GLN A CA  1 
ATOM   72   C C   . GLN A 1 15  ? 14.724  -13.526 1.123   1.00 36.57  ? 15  GLN A C   1 
ATOM   73   O O   . GLN A 1 15  ? 14.829  -12.298 1.177   1.00 34.90  ? 15  GLN A O   1 
ATOM   74   C CB  . GLN A 1 15  ? 14.550  -14.477 -1.184  1.00 37.70  ? 15  GLN A CB  1 
ATOM   75   C CG  . GLN A 1 15  ? 15.294  -14.690 -2.498  1.00 42.62  ? 15  GLN A CG  1 
ATOM   76   C CD  . GLN A 1 15  ? 14.364  -14.894 -3.687  1.00 55.97  ? 15  GLN A CD  1 
ATOM   77   O OE1 . GLN A 1 15  ? 14.720  -15.569 -4.654  1.00 58.77  ? 15  GLN A OE1 1 
ATOM   78   N NE2 . GLN A 1 15  ? 13.170  -14.308 -3.623  1.00 60.32  ? 15  GLN A NE2 1 
ATOM   79   N N   . GLU A 1 16  ? 13.988  -14.236 1.976   1.00 34.84  ? 16  GLU A N   1 
ATOM   80   C CA  . GLU A 1 16  ? 13.256  -13.619 3.086   1.00 36.34  ? 16  GLU A CA  1 
ATOM   81   C C   . GLU A 1 16  ? 14.202  -13.087 4.163   1.00 35.34  ? 16  GLU A C   1 
ATOM   82   O O   . GLU A 1 16  ? 13.856  -12.156 4.891   1.00 34.85  ? 16  GLU A O   1 
ATOM   83   C CB  . GLU A 1 16  ? 12.255  -14.603 3.704   1.00 36.74  ? 16  GLU A CB  1 
ATOM   84   C CG  . GLU A 1 16  ? 11.141  -15.078 2.766   1.00 46.13  ? 16  GLU A CG  1 
ATOM   85   C CD  . GLU A 1 16  ? 10.281  -13.948 2.219   1.00 57.75  ? 16  GLU A CD  1 
ATOM   86   O OE1 . GLU A 1 16  ? 10.045  -13.925 0.993   1.00 59.28  ? 16  GLU A OE1 1 
ATOM   87   O OE2 . GLU A 1 16  ? 9.842   -13.084 3.009   1.00 60.32  ? 16  GLU A OE2 1 
ATOM   88   N N   . LYS A 1 17  ? 15.389  -13.686 4.253   1.00 32.71  ? 17  LYS A N   1 
ATOM   89   C CA  . LYS A 1 17  ? 16.422  -13.257 5.196   1.00 31.28  ? 17  LYS A CA  1 
ATOM   90   C C   . LYS A 1 17  ? 16.996  -11.890 4.816   1.00 29.85  ? 17  LYS A C   1 
ATOM   91   O O   . LYS A 1 17  ? 17.155  -11.022 5.677   1.00 32.44  ? 17  LYS A O   1 
ATOM   92   C CB  . LYS A 1 17  ? 17.537  -14.310 5.289   1.00 32.27  ? 17  LYS A CB  1 
ATOM   93   C CG  . LYS A 1 17  ? 18.683  -13.968 6.246   1.00 33.81  ? 17  LYS A CG  1 
ATOM   94   C CD  . LYS A 1 17  ? 18.253  -14.022 7.707   1.00 41.31  ? 17  LYS A CD  1 
ATOM   95   C CE  . LYS A 1 17  ? 19.364  -13.542 8.626   1.00 43.81  ? 17  LYS A CE  1 
ATOM   96   N NZ  . LYS A 1 17  ? 18.940  -13.540 10.054  1.00 46.37  ? 17  LYS A NZ  1 
ATOM   97   N N   . ILE A 1 18  ? 17.293  -11.708 3.529   1.00 30.43  ? 18  ILE A N   1 
ATOM   98   C CA  . ILE A 1 18  ? 17.845  -10.450 3.013   1.00 33.60  ? 18  ILE A CA  1 
ATOM   99   C C   . ILE A 1 18  ? 16.829  -9.316  3.154   1.00 32.85  ? 18  ILE A C   1 
ATOM   100  O O   . ILE A 1 18  ? 17.191  -8.183  3.478   1.00 33.41  ? 18  ILE A O   1 
ATOM   101  C CB  . ILE A 1 18  ? 18.282  -10.565 1.520   1.00 34.20  ? 18  ILE A CB  1 
ATOM   102  C CG1 . ILE A 1 18  ? 18.924  -11.930 1.213   1.00 40.12  ? 18  ILE A CG1 1 
ATOM   103  C CG2 . ILE A 1 18  ? 19.199  -9.401  1.119   1.00 36.48  ? 18  ILE A CG2 1 
ATOM   104  C CD1 . ILE A 1 18  ? 20.212  -12.235 1.969   1.00 41.18  ? 18  ILE A CD1 1 
ATOM   105  N N   . LYS A 1 19  ? 15.561  -9.640  2.912   1.00 30.23  ? 19  LYS A N   1 
ATOM   106  C CA  . LYS A 1 19  ? 14.461  -8.684  3.037   1.00 29.65  ? 19  LYS A CA  1 
ATOM   107  C C   . LYS A 1 19  ? 14.184  -8.319  4.494   1.00 32.13  ? 19  LYS A C   1 
ATOM   108  O O   . LYS A 1 19  ? 13.776  -7.196  4.787   1.00 31.03  ? 19  LYS A O   1 
ATOM   109  C CB  . LYS A 1 19  ? 13.197  -9.232  2.369   1.00 27.84  ? 19  LYS A CB  1 
ATOM   110  C CG  . LYS A 1 19  ? 13.275  -9.283  0.846   1.00 29.05  ? 19  LYS A CG  1 
ATOM   111  C CD  . LYS A 1 19  ? 12.262  -10.253 0.246   1.00 38.15  ? 19  LYS A CD  1 
ATOM   112  C CE  . LYS A 1 19  ? 10.875  -9.640  0.131   1.00 41.93  ? 19  LYS A CE  1 
ATOM   113  N NZ  . LYS A 1 19  ? 9.938   -10.554 -0.575  1.00 49.23  ? 19  LYS A NZ  1 
ATOM   114  N N   . ALA A 1 20  ? 14.409  -9.272  5.400   1.00 30.23  ? 20  ALA A N   1 
ATOM   115  C CA  . ALA A 1 20  ? 14.264  -9.035  6.837   1.00 31.75  ? 20  ALA A CA  1 
ATOM   116  C C   . ALA A 1 20  ? 15.432  -8.221  7.391   1.00 32.13  ? 20  ALA A C   1 
ATOM   117  O O   . ALA A 1 20  ? 15.253  -7.420  8.310   1.00 31.61  ? 20  ALA A O   1 
ATOM   118  C CB  . ALA A 1 20  ? 14.129  -10.353 7.587   1.00 32.68  ? 20  ALA A CB  1 
ATOM   119  N N   . VAL A 1 21  ? 16.620  -8.439  6.829   1.00 30.43  ? 21  VAL A N   1 
ATOM   120  C CA  . VAL A 1 21  ? 17.821  -7.686  7.200   1.00 29.31  ? 21  VAL A CA  1 
ATOM   121  C C   . VAL A 1 21  ? 17.713  -6.230  6.737   1.00 29.15  ? 21  VAL A C   1 
ATOM   122  O O   . VAL A 1 21  ? 18.023  -5.307  7.497   1.00 28.49  ? 21  VAL A O   1 
ATOM   123  C CB  . VAL A 1 21  ? 19.113  -8.363  6.652   1.00 30.93  ? 21  VAL A CB  1 
ATOM   124  C CG1 . VAL A 1 21  ? 20.286  -7.386  6.609   1.00 31.72  ? 21  VAL A CG1 1 
ATOM   125  C CG2 . VAL A 1 21  ? 19.472  -9.584  7.489   1.00 28.50  ? 21  VAL A CG2 1 
ATOM   126  N N   . ALA A 1 22  ? 17.260  -6.037  5.499   1.00 29.10  ? 22  ALA A N   1 
ATOM   127  C CA  . ALA A 1 22  ? 17.072  -4.702  4.930   1.00 32.18  ? 22  ALA A CA  1 
ATOM   128  C C   . ALA A 1 22  ? 15.995  -3.914  5.673   1.00 32.78  ? 22  ALA A C   1 
ATOM   129  O O   . ALA A 1 22  ? 16.216  -2.762  6.050   1.00 34.37  ? 22  ALA A O   1 
ATOM   130  C CB  . ALA A 1 22  ? 16.743  -4.796  3.444   1.00 30.90  ? 22  ALA A CB  1 
ATOM   131  N N   . LEU A 1 23  ? 14.843  -4.550  5.894   1.00 32.89  ? 23  LEU A N   1 
ATOM   132  C CA  . LEU A 1 23  ? 13.712  -3.940  6.602   1.00 33.09  ? 23  LEU A CA  1 
ATOM   133  C C   . LEU A 1 23  ? 14.081  -3.513  8.025   1.00 34.87  ? 23  LEU A C   1 
ATOM   134  O O   . LEU A 1 23  ? 13.626  -2.471  8.501   1.00 33.79  ? 23  LEU A O   1 
ATOM   135  C CB  . LEU A 1 23  ? 12.508  -4.898  6.610   1.00 32.42  ? 23  LEU A CB  1 
ATOM   136  C CG  . LEU A 1 23  ? 11.130  -4.555  7.207   1.00 39.31  ? 23  LEU A CG  1 
ATOM   137  C CD1 . LEU A 1 23  ? 11.054  -4.879  8.701   1.00 47.91  ? 23  LEU A CD1 1 
ATOM   138  C CD2 . LEU A 1 23  ? 10.686  -3.116  6.935   1.00 37.66  ? 23  LEU A CD2 1 
ATOM   139  N N   . GLU A 1 24  ? 14.902  -4.323  8.692   1.00 35.39  ? 24  GLU A N   1 
ATOM   140  C CA  . GLU A 1 24  ? 15.394  -4.003  10.030  1.00 38.07  ? 24  GLU A CA  1 
ATOM   141  C C   . GLU A 1 24  ? 16.330  -2.794  9.989   1.00 36.21  ? 24  GLU A C   1 
ATOM   142  O O   . GLU A 1 24  ? 16.245  -1.912  10.843  1.00 36.96  ? 24  GLU A O   1 
ATOM   143  C CB  . GLU A 1 24  ? 16.105  -5.211  10.648  1.00 36.89  ? 24  GLU A CB  1 
ATOM   144  C CG  . GLU A 1 24  ? 16.350  -5.100  12.151  1.00 43.94  ? 24  GLU A CG  1 
ATOM   145  C CD  . GLU A 1 24  ? 17.075  -6.306  12.732  1.00 48.25  ? 24  GLU A CD  1 
ATOM   146  O OE1 . GLU A 1 24  ? 17.758  -6.143  13.765  1.00 63.31  ? 24  GLU A OE1 1 
ATOM   147  O OE2 . GLU A 1 24  ? 16.965  -7.414  12.163  1.00 65.73  ? 24  GLU A OE2 1 
ATOM   148  N N   . LEU A 1 25  ? 17.204  -2.761  8.983   1.00 34.34  ? 25  LEU A N   1 
ATOM   149  C CA  . LEU A 1 25  ? 18.174  -1.677  8.814   1.00 34.66  ? 25  LEU A CA  1 
ATOM   150  C C   . LEU A 1 25  ? 17.536  -0.342  8.425   1.00 34.54  ? 25  LEU A C   1 
ATOM   151  O O   . LEU A 1 25  ? 18.023  0.717   8.824   1.00 34.68  ? 25  LEU A O   1 
ATOM   152  C CB  . LEU A 1 25  ? 19.251  -2.066  7.795   1.00 32.54  ? 25  LEU A CB  1 
ATOM   153  C CG  . LEU A 1 25  ? 20.380  -2.992  8.262   1.00 35.10  ? 25  LEU A CG  1 
ATOM   154  C CD1 . LEU A 1 25  ? 21.080  -3.626  7.070   1.00 31.90  ? 25  LEU A CD1 1 
ATOM   155  C CD2 . LEU A 1 25  ? 21.383  -2.256  9.148   1.00 34.17  ? 25  LEU A CD2 1 
ATOM   156  N N   . PHE A 1 26  ? 16.454  -0.397  7.649   1.00 33.05  ? 26  PHE A N   1 
ATOM   157  C CA  . PHE A 1 26  ? 15.720  0.811   7.258   1.00 33.09  ? 26  PHE A CA  1 
ATOM   158  C C   . PHE A 1 26  ? 14.955  1.413   8.438   1.00 36.73  ? 26  PHE A C   1 
ATOM   159  O O   . PHE A 1 26  ? 14.638  2.606   8.439   1.00 38.99  ? 26  PHE A O   1 
ATOM   160  C CB  . PHE A 1 26  ? 14.751  0.531   6.099   1.00 29.45  ? 26  PHE A CB  1 
ATOM   161  C CG  . PHE A 1 26  ? 15.418  0.050   4.833   1.00 27.14  ? 26  PHE A CG  1 
ATOM   162  C CD1 . PHE A 1 26  ? 16.655  0.553   4.433   1.00 23.52  ? 26  PHE A CD1 1 
ATOM   163  C CD2 . PHE A 1 26  ? 14.788  -0.891  4.023   1.00 26.20  ? 26  PHE A CD2 1 
ATOM   164  C CE1 . PHE A 1 26  ? 17.262  0.108   3.260   1.00 21.10  ? 26  PHE A CE1 1 
ATOM   165  C CE2 . PHE A 1 26  ? 15.387  -1.340  2.848   1.00 22.19  ? 26  PHE A CE2 1 
ATOM   166  C CZ  . PHE A 1 26  ? 16.626  -0.838  2.465   1.00 24.29  ? 26  PHE A CZ  1 
ATOM   167  N N   . LEU A 1 27  ? 14.670  0.580   9.437   1.00 36.81  ? 27  LEU A N   1 
ATOM   168  C CA  . LEU A 1 27  ? 13.904  0.988   10.614  1.00 37.26  ? 27  LEU A CA  1 
ATOM   169  C C   . LEU A 1 27  ? 14.780  1.449   11.780  1.00 39.26  ? 27  LEU A C   1 
ATOM   170  O O   . LEU A 1 27  ? 14.413  2.378   12.501  1.00 38.95  ? 27  LEU A O   1 
ATOM   171  C CB  . LEU A 1 27  ? 12.973  -0.146  11.064  1.00 36.47  ? 27  LEU A CB  1 
ATOM   172  C CG  . LEU A 1 27  ? 11.521  -0.205  10.564  1.00 36.94  ? 27  LEU A CG  1 
ATOM   173  C CD1 . LEU A 1 27  ? 11.385  0.015   9.056   1.00 40.12  ? 27  LEU A CD1 1 
ATOM   174  C CD2 . LEU A 1 27  ? 10.890  -1.531  10.964  1.00 40.40  ? 27  LEU A CD2 1 
ATOM   175  N N   . THR A 1 28  ? 15.933  0.804   11.960  1.00 39.30  ? 28  THR A N   1 
ATOM   176  C CA  . THR A 1 28  ? 16.817  1.107   13.094  1.00 41.59  ? 28  THR A CA  1 
ATOM   177  C C   . THR A 1 28  ? 17.941  2.099   12.769  1.00 42.91  ? 28  THR A C   1 
ATOM   178  O O   . THR A 1 28  ? 18.363  2.867   13.636  1.00 43.65  ? 28  THR A O   1 
ATOM   179  C CB  . THR A 1 28  ? 17.393  -0.182  13.758  1.00 42.04  ? 28  THR A CB  1 
ATOM   180  O OG1 . THR A 1 28  ? 17.977  0.149   15.024  1.00 46.58  ? 28  THR A OG1 1 
ATOM   181  C CG2 . THR A 1 28  ? 18.444  -0.858  12.876  1.00 37.89  ? 28  THR A CG2 1 
ATOM   182  N N   . LYS A 1 29  ? 18.415  2.076   11.525  1.00 42.13  ? 29  LYS A N   1 
ATOM   183  C CA  . LYS A 1 29  ? 19.517  2.937   11.093  1.00 42.19  ? 29  LYS A CA  1 
ATOM   184  C C   . LYS A 1 29  ? 19.024  4.057   10.176  1.00 42.14  ? 29  LYS A C   1 
ATOM   185  O O   . LYS A 1 29  ? 19.607  5.143   10.140  1.00 43.74  ? 29  LYS A O   1 
ATOM   186  C CB  . LYS A 1 29  ? 20.598  2.107   10.394  1.00 42.60  ? 29  LYS A CB  1 
ATOM   187  C CG  . LYS A 1 29  ? 21.954  2.792   10.277  1.00 44.90  ? 29  LYS A CG  1 
ATOM   188  C CD  . LYS A 1 29  ? 22.967  1.892   9.581   1.00 46.93  ? 29  LYS A CD  1 
ATOM   189  C CE  . LYS A 1 29  ? 24.324  2.569   9.445   1.00 56.88  ? 29  LYS A CE  1 
ATOM   190  N NZ  . LYS A 1 29  ? 24.310  3.689   8.461   1.00 57.85  ? 29  LYS A NZ  1 
ATOM   191  N N   . GLY A 1 30  ? 17.944  3.785   9.446   1.00 40.37  ? 30  GLY A N   1 
ATOM   192  C CA  . GLY A 1 30  ? 17.385  4.739   8.492   1.00 36.45  ? 30  GLY A CA  1 
ATOM   193  C C   . GLY A 1 30  ? 17.656  4.319   7.061   1.00 35.00  ? 30  GLY A C   1 
ATOM   194  O O   . GLY A 1 30  ? 18.699  3.731   6.769   1.00 36.85  ? 30  GLY A O   1 
ATOM   195  N N   . TYR A 1 31  ? 16.716  4.627   6.171   1.00 32.43  ? 31  TYR A N   1 
ATOM   196  C CA  . TYR A 1 31  ? 16.804  4.232   4.763   1.00 33.81  ? 31  TYR A CA  1 
ATOM   197  C C   . TYR A 1 31  ? 17.962  4.901   4.021   1.00 37.09  ? 31  TYR A C   1 
ATOM   198  O O   . TYR A 1 31  ? 18.698  4.238   3.286   1.00 36.89  ? 31  TYR A O   1 
ATOM   199  C CB  . TYR A 1 31  ? 15.476  4.501   4.044   1.00 33.48  ? 31  TYR A CB  1 
ATOM   200  C CG  . TYR A 1 31  ? 15.514  4.257   2.550   1.00 34.53  ? 31  TYR A CG  1 
ATOM   201  C CD1 . TYR A 1 31  ? 15.494  2.961   2.033   1.00 35.98  ? 31  TYR A CD1 1 
ATOM   202  C CD2 . TYR A 1 31  ? 15.567  5.323   1.651   1.00 33.89  ? 31  TYR A CD2 1 
ATOM   203  C CE1 . TYR A 1 31  ? 15.529  2.732   0.661   1.00 32.75  ? 31  TYR A CE1 1 
ATOM   204  C CE2 . TYR A 1 31  ? 15.601  5.106   0.278   1.00 33.18  ? 31  TYR A CE2 1 
ATOM   205  C CZ  . TYR A 1 31  ? 15.581  3.809   -0.209  1.00 36.09  ? 31  TYR A CZ  1 
ATOM   206  O OH  . TYR A 1 31  ? 15.615  3.589   -1.565  1.00 38.85  ? 31  TYR A OH  1 
ATOM   207  N N   . GLN A 1 32  ? 18.113  6.209   4.216   1.00 40.16  ? 32  GLN A N   1 
ATOM   208  C CA  . GLN A 1 32  ? 19.156  6.986   3.541   1.00 42.07  ? 32  GLN A CA  1 
ATOM   209  C C   . GLN A 1 32  ? 20.550  6.706   4.104   1.00 41.96  ? 32  GLN A C   1 
ATOM   210  O O   . GLN A 1 32  ? 21.550  6.841   3.396   1.00 43.93  ? 32  GLN A O   1 
ATOM   211  C CB  . GLN A 1 32  ? 18.845  8.487   3.610   1.00 43.28  ? 32  GLN A CB  1 
ATOM   212  C CG  . GLN A 1 32  ? 17.587  8.918   2.849   1.00 44.05  ? 32  GLN A CG  1 
ATOM   213  C CD  . GLN A 1 32  ? 17.712  8.773   1.337   1.00 51.23  ? 32  GLN A CD  1 
ATOM   214  O OE1 . GLN A 1 32  ? 16.813  8.248   0.680   1.00 52.84  ? 32  GLN A OE1 1 
ATOM   215  N NE2 . GLN A 1 32  ? 18.826  9.240   0.782   1.00 44.97  ? 32  GLN A NE2 1 
ATOM   216  N N   . GLU A 1 33  ? 20.604  6.316   5.377   1.00 43.14  ? 33  GLU A N   1 
ATOM   217  C CA  . GLU A 1 33  ? 21.862  5.991   6.049   1.00 44.55  ? 33  GLU A CA  1 
ATOM   218  C C   . GLU A 1 33  ? 22.390  4.615   5.645   1.00 44.39  ? 33  GLU A C   1 
ATOM   219  O O   . GLU A 1 33  ? 23.603  4.416   5.539   1.00 46.06  ? 33  GLU A O   1 
ATOM   220  C CB  . GLU A 1 33  ? 21.700  6.067   7.572   1.00 46.20  ? 33  GLU A CB  1 
ATOM   221  C CG  . GLU A 1 33  ? 21.603  7.485   8.140   1.00 51.96  ? 33  GLU A CG  1 
ATOM   222  C CD  . GLU A 1 33  ? 20.198  8.077   8.079   1.00 62.84  ? 33  GLU A CD  1 
ATOM   223  O OE1 . GLU A 1 33  ? 20.025  9.227   8.537   1.00 63.75  ? 33  GLU A OE1 1 
ATOM   224  O OE2 . GLU A 1 33  ? 19.267  7.406   7.581   1.00 67.70  ? 33  GLU A OE2 1 
ATOM   225  N N   . THR A 1 34  ? 21.473  3.674   5.426   1.00 42.56  ? 34  THR A N   1 
ATOM   226  C CA  . THR A 1 34  ? 21.821  2.306   5.042   1.00 38.53  ? 34  THR A CA  1 
ATOM   227  C C   . THR A 1 34  ? 22.259  2.241   3.579   1.00 40.21  ? 34  THR A C   1 
ATOM   228  O O   . THR A 1 34  ? 21.663  2.885   2.715   1.00 42.72  ? 34  THR A O   1 
ATOM   229  C CB  . THR A 1 34  ? 20.637  1.334   5.274   1.00 37.43  ? 34  THR A CB  1 
ATOM   230  O OG1 . THR A 1 34  ? 20.102  1.529   6.589   1.00 28.82  ? 34  THR A OG1 1 
ATOM   231  C CG2 . THR A 1 34  ? 21.077  -0.119  5.129   1.00 35.00  ? 34  THR A CG2 1 
ATOM   232  N N   . SER A 1 35  ? 23.312  1.469   3.321   1.00 39.28  ? 35  SER A N   1 
ATOM   233  C CA  . SER A 1 35  ? 23.775  1.199   1.963   1.00 38.78  ? 35  SER A CA  1 
ATOM   234  C C   . SER A 1 35  ? 23.560  -0.274  1.619   1.00 38.33  ? 35  SER A C   1 
ATOM   235  O O   . SER A 1 35  ? 23.070  -1.045  2.450   1.00 38.24  ? 35  SER A O   1 
ATOM   236  C CB  . SER A 1 35  ? 25.252  1.580   1.814   1.00 39.72  ? 35  SER A CB  1 
ATOM   237  O OG  . SER A 1 35  ? 26.068  0.834   2.701   1.00 41.86  ? 35  SER A OG  1 
ATOM   238  N N   . LEU A 1 36  ? 23.917  -0.658  0.394   1.00 38.10  ? 36  LEU A N   1 
ATOM   239  C CA  . LEU A 1 36  ? 23.811  -2.044  -0.052  1.00 40.44  ? 36  LEU A CA  1 
ATOM   240  C C   . LEU A 1 36  ? 24.774  -2.930  0.738   1.00 41.69  ? 36  LEU A C   1 
ATOM   241  O O   . LEU A 1 36  ? 24.404  -4.019  1.181   1.00 41.76  ? 36  LEU A O   1 
ATOM   242  C CB  . LEU A 1 36  ? 24.112  -2.149  -1.551  1.00 40.49  ? 36  LEU A CB  1 
ATOM   243  C CG  . LEU A 1 36  ? 23.290  -3.074  -2.458  1.00 46.12  ? 36  LEU A CG  1 
ATOM   244  C CD1 . LEU A 1 36  ? 23.958  -3.164  -3.819  1.00 44.31  ? 36  LEU A CD1 1 
ATOM   245  C CD2 . LEU A 1 36  ? 23.071  -4.472  -1.883  1.00 43.41  ? 36  LEU A CD2 1 
ATOM   246  N N   . SER A 1 37  ? 26.000  -2.438  0.921   1.00 41.45  ? 37  SER A N   1 
ATOM   247  C CA  . SER A 1 37  ? 27.052  -3.151  1.652   1.00 41.77  ? 37  SER A CA  1 
ATOM   248  C C   . SER A 1 37  ? 26.691  -3.421  3.114   1.00 41.42  ? 37  SER A C   1 
ATOM   249  O O   . SER A 1 37  ? 27.173  -4.389  3.708   1.00 42.49  ? 37  SER A O   1 
ATOM   250  C CB  . SER A 1 37  ? 28.374  -2.381  1.569   1.00 41.54  ? 37  SER A CB  1 
ATOM   251  O OG  . SER A 1 37  ? 28.237  -1.071  2.091   1.00 41.67  ? 37  SER A OG  1 
ATOM   252  N N   . ASP A 1 38  ? 25.849  -2.559  3.685   1.00 40.53  ? 38  ASP A N   1 
ATOM   253  C CA  . ASP A 1 38  ? 25.326  -2.748  5.037   1.00 41.26  ? 38  ASP A CA  1 
ATOM   254  C C   . ASP A 1 38  ? 24.388  -3.952  5.098   1.00 40.65  ? 38  ASP A C   1 
ATOM   255  O O   . ASP A 1 38  ? 24.379  -4.692  6.084   1.00 40.29  ? 38  ASP A O   1 
ATOM   256  C CB  . ASP A 1 38  ? 24.590  -1.489  5.514   1.00 43.26  ? 38  ASP A CB  1 
ATOM   257  C CG  . ASP A 1 38  ? 25.515  -0.293  5.695   1.00 51.39  ? 38  ASP A CG  1 
ATOM   258  O OD1 . ASP A 1 38  ? 26.621  -0.280  5.112   1.00 61.86  ? 38  ASP A OD1 1 
ATOM   259  O OD2 . ASP A 1 38  ? 25.127  0.645   6.423   1.00 54.96  ? 38  ASP A OD2 1 
ATOM   260  N N   . ILE A 1 39  ? 23.604  -4.139  4.038   1.00 38.83  ? 39  ILE A N   1 
ATOM   261  C CA  . ILE A 1 39  ? 22.663  -5.254  3.939   1.00 39.33  ? 39  ILE A CA  1 
ATOM   262  C C   . ILE A 1 39  ? 23.393  -6.561  3.612   1.00 41.27  ? 39  ILE A C   1 
ATOM   263  O O   . ILE A 1 39  ? 23.027  -7.623  4.120   1.00 42.01  ? 39  ILE A O   1 
ATOM   264  C CB  . ILE A 1 39  ? 21.545  -4.975  2.895   1.00 38.74  ? 39  ILE A CB  1 
ATOM   265  C CG1 . ILE A 1 39  ? 20.935  -3.586  3.122   1.00 36.99  ? 39  ILE A CG1 1 
ATOM   266  C CG2 . ILE A 1 39  ? 20.454  -6.048  2.967   1.00 35.82  ? 39  ILE A CG2 1 
ATOM   267  C CD1 . ILE A 1 39  ? 20.262  -2.983  1.900   1.00 32.41  ? 39  ILE A CD1 1 
ATOM   268  N N   . ILE A 1 40  ? 24.427  -6.470  2.774   1.00 42.61  ? 40  ILE A N   1 
ATOM   269  C CA  . ILE A 1 40  ? 25.234  -7.633  2.379   1.00 44.90  ? 40  ILE A CA  1 
ATOM   270  C C   . ILE A 1 40  ? 25.958  -8.259  3.577   1.00 46.42  ? 40  ILE A C   1 
ATOM   271  O O   . ILE A 1 40  ? 25.961  -9.484  3.734   1.00 47.65  ? 40  ILE A O   1 
ATOM   272  C CB  . ILE A 1 40  ? 26.257  -7.277  1.259   1.00 44.40  ? 40  ILE A CB  1 
ATOM   273  C CG1 . ILE A 1 40  ? 25.536  -6.768  0.006   1.00 47.87  ? 40  ILE A CG1 1 
ATOM   274  C CG2 . ILE A 1 40  ? 27.133  -8.485  0.910   1.00 46.46  ? 40  ILE A CG2 1 
ATOM   275  C CD1 . ILE A 1 40  ? 26.425  -5.996  -0.959  1.00 43.13  ? 40  ILE A CD1 1 
ATOM   276  N N   . LYS A 1 41  ? 26.554  -7.415  4.418   1.00 49.25  ? 41  LYS A N   1 
ATOM   277  C CA  . LYS A 1 41  ? 27.319  -7.874  5.580   1.00 50.92  ? 41  LYS A CA  1 
ATOM   278  C C   . LYS A 1 41  ? 26.441  -8.539  6.643   1.00 51.38  ? 41  LYS A C   1 
ATOM   279  O O   . LYS A 1 41  ? 26.747  -9.640  7.105   1.00 50.64  ? 41  LYS A O   1 
ATOM   280  C CB  . LYS A 1 41  ? 28.114  -6.721  6.203   1.00 52.61  ? 41  LYS A CB  1 
ATOM   281  C CG  . LYS A 1 41  ? 29.056  -7.159  7.316   1.00 53.22  ? 41  LYS A CG  1 
ATOM   282  C CD  . LYS A 1 41  ? 29.316  -6.038  8.306   1.00 60.37  ? 41  LYS A CD  1 
ATOM   283  C CE  . LYS A 1 41  ? 30.085  -6.538  9.521   1.00 61.14  ? 41  LYS A CE  1 
ATOM   284  N NZ  . LYS A 1 41  ? 31.499  -6.891  9.201   1.00 59.57  ? 41  LYS A NZ  1 
ATOM   285  N N   . LEU A 1 42  ? 25.356  -7.863  7.024   1.00 50.93  ? 42  LEU A N   1 
ATOM   286  C CA  . LEU A 1 42  ? 24.449  -8.356  8.065   1.00 50.68  ? 42  LEU A CA  1 
ATOM   287  C C   . LEU A 1 42  ? 23.672  -9.608  7.652   1.00 50.82  ? 42  LEU A C   1 
ATOM   288  O O   . LEU A 1 42  ? 23.164  -10.340 8.505   1.00 52.24  ? 42  LEU A O   1 
ATOM   289  C CB  . LEU A 1 42  ? 23.490  -7.249  8.525   1.00 51.34  ? 42  LEU A CB  1 
ATOM   290  C CG  . LEU A 1 42  ? 23.913  -6.377  9.714   1.00 51.53  ? 42  LEU A CG  1 
ATOM   291  C CD1 . LEU A 1 42  ? 24.976  -5.350  9.331   1.00 56.07  ? 42  LEU A CD1 1 
ATOM   292  C CD2 . LEU A 1 42  ? 22.700  -5.682  10.311  1.00 52.33  ? 42  LEU A CD2 1 
ATOM   293  N N   . SER A 1 43  ? 23.585  -9.845  6.344   1.00 51.44  ? 43  SER A N   1 
ATOM   294  C CA  . SER A 1 43  ? 23.002  -11.073 5.809   1.00 52.13  ? 43  SER A CA  1 
ATOM   295  C C   . SER A 1 43  ? 23.954  -12.254 5.988   1.00 55.93  ? 43  SER A C   1 
ATOM   296  O O   . SER A 1 43  ? 23.516  -13.403 6.097   1.00 56.05  ? 43  SER A O   1 
ATOM   297  C CB  . SER A 1 43  ? 22.655  -10.902 4.331   1.00 50.67  ? 43  SER A CB  1 
ATOM   298  O OG  . SER A 1 43  ? 21.636  -9.932  4.154   1.00 48.93  ? 43  SER A OG  1 
ATOM   299  N N   . GLY A 1 44  ? 25.253  -11.960 6.016   1.00 58.68  ? 44  GLY A N   1 
ATOM   300  C CA  . GLY A 1 44  ? 26.286  -12.979 6.181   1.00 62.74  ? 44  GLY A CA  1 
ATOM   301  C C   . GLY A 1 44  ? 26.589  -13.695 4.880   1.00 66.11  ? 44  GLY A C   1 
ATOM   302  O O   . GLY A 1 44  ? 26.836  -13.058 3.854   1.00 67.45  ? 44  GLY A O   1 
ATOM   303  N N   . GLY A 1 45  ? 26.568  -15.024 4.928   1.00 68.60  ? 45  GLY A N   1 
ATOM   304  C CA  . GLY A 1 45  ? 26.775  -15.852 3.742   1.00 70.69  ? 45  GLY A CA  1 
ATOM   305  C C   . GLY A 1 45  ? 25.462  -16.320 3.142   1.00 72.86  ? 45  GLY A C   1 
ATOM   306  O O   . GLY A 1 45  ? 25.326  -17.484 2.759   1.00 73.47  ? 45  GLY A O   1 
ATOM   307  N N   . SER A 1 46  ? 24.499  -15.405 3.059   1.00 73.87  ? 46  SER A N   1 
ATOM   308  C CA  . SER A 1 46  ? 23.168  -15.708 2.542   1.00 74.23  ? 46  SER A CA  1 
ATOM   309  C C   . SER A 1 46  ? 22.767  -14.783 1.391   1.00 74.45  ? 46  SER A C   1 
ATOM   310  O O   . SER A 1 46  ? 21.680  -14.921 0.827   1.00 74.60  ? 46  SER A O   1 
ATOM   311  C CB  . SER A 1 46  ? 22.131  -15.634 3.667   1.00 74.60  ? 46  SER A CB  1 
ATOM   312  O OG  . SER A 1 46  ? 22.421  -16.567 4.693   1.00 75.54  ? 46  SER A OG  1 
ATOM   313  N N   . TYR A 1 47  ? 23.649  -13.849 1.042   1.00 74.76  ? 47  TYR A N   1 
ATOM   314  C CA  . TYR A 1 47  ? 23.378  -12.885 -0.024  1.00 75.92  ? 47  TYR A CA  1 
ATOM   315  C C   . TYR A 1 47  ? 23.696  -13.458 -1.406  1.00 78.55  ? 47  TYR A C   1 
ATOM   316  O O   . TYR A 1 47  ? 22.796  -13.624 -2.233  1.00 78.35  ? 47  TYR A O   1 
ATOM   317  C CB  . TYR A 1 47  ? 24.135  -11.573 0.227   1.00 74.42  ? 47  TYR A CB  1 
ATOM   318  C CG  . TYR A 1 47  ? 23.813  -10.468 -0.758  1.00 72.33  ? 47  TYR A CG  1 
ATOM   319  C CD1 . TYR A 1 47  ? 22.580  -9.813  -0.726  1.00 73.16  ? 47  TYR A CD1 1 
ATOM   320  C CD2 . TYR A 1 47  ? 24.745  -10.071 -1.716  1.00 71.18  ? 47  TYR A CD2 1 
ATOM   321  C CE1 . TYR A 1 47  ? 22.283  -8.797  -1.631  1.00 72.17  ? 47  TYR A CE1 1 
ATOM   322  C CE2 . TYR A 1 47  ? 24.457  -9.055  -2.622  1.00 72.24  ? 47  TYR A CE2 1 
ATOM   323  C CZ  . TYR A 1 47  ? 23.226  -8.423  -2.574  1.00 72.16  ? 47  TYR A CZ  1 
ATOM   324  O OH  . TYR A 1 47  ? 22.940  -7.420  -3.471  1.00 70.26  ? 47  TYR A OH  1 
ATOM   325  N N   . SER A 1 48  ? 24.977  -13.758 -1.639  1.00 81.51  ? 48  SER A N   1 
ATOM   326  C CA  . SER A 1 48  ? 25.470  -14.341 -2.899  1.00 84.94  ? 48  SER A CA  1 
ATOM   327  C C   . SER A 1 48  ? 25.020  -13.575 -4.151  1.00 86.55  ? 48  SER A C   1 
ATOM   328  O O   . SER A 1 48  ? 24.433  -14.155 -5.069  1.00 87.02  ? 48  SER A O   1 
ATOM   329  C CB  . SER A 1 48  ? 25.097  -15.829 -2.994  1.00 84.62  ? 48  SER A CB  1 
ATOM   330  O OG  . SER A 1 48  ? 25.651  -16.425 -4.154  1.00 85.51  ? 48  SER A OG  1 
ATOM   331  N N   . ASN A 1 49  ? 25.315  -12.274 -4.171  1.00 89.46  ? 49  ASN A N   1 
ATOM   332  C CA  . ASN A 1 49  ? 24.936  -11.351 -5.260  1.00 92.11  ? 49  ASN A CA  1 
ATOM   333  C C   . ASN A 1 49  ? 23.658  -11.723 -6.030  1.00 93.51  ? 49  ASN A C   1 
ATOM   334  O O   . ASN A 1 49  ? 23.644  -11.761 -7.263  1.00 94.78  ? 49  ASN A O   1 
ATOM   335  C CB  . ASN A 1 49  ? 26.124  -11.094 -6.206  1.00 91.93  ? 49  ASN A CB  1 
ATOM   336  C CG  . ASN A 1 49  ? 26.508  -12.316 -7.027  1.00 93.10  ? 49  ASN A CG  1 
ATOM   337  O OD1 . ASN A 1 49  ? 26.988  -13.318 -6.495  1.00 91.47  ? 49  ASN A OD1 1 
ATOM   338  N ND2 . ASN A 1 49  ? 26.310  -12.228 -8.337  1.00 93.94  ? 49  ASN A ND2 1 
ATOM   339  N N   . ILE A 1 50  ? 22.586  -11.973 -5.279  1.00 94.69  ? 50  ILE A N   1 
ATOM   340  C CA  . ILE A 1 50  ? 21.317  -12.484 -5.819  1.00 95.42  ? 50  ILE A CA  1 
ATOM   341  C C   . ILE A 1 50  ? 20.715  -11.612 -6.931  1.00 96.10  ? 50  ILE A C   1 
ATOM   342  O O   . ILE A 1 50  ? 20.824  -10.384 -6.910  1.00 95.67  ? 50  ILE A O   1 
ATOM   343  C CB  . ILE A 1 50  ? 20.299  -12.819 -4.668  1.00 95.37  ? 50  ILE A CB  1 
ATOM   344  C CG1 . ILE A 1 50  ? 18.976  -13.410 -5.202  1.00 96.49  ? 50  ILE A CG1 1 
ATOM   345  C CG2 . ILE A 1 50  ? 20.127  -11.635 -3.698  1.00 94.23  ? 50  ILE A CG2 1 
ATOM   346  C CD1 . ILE A 1 50  ? 17.832  -12.417 -5.406  1.00 95.69  ? 50  ILE A CD1 1 
ATOM   347  N N   . TYR A 1 51  ? 20.077  -12.282 -7.890  1.00 97.07  ? 51  TYR A N   1 
ATOM   348  C CA  . TYR A 1 51  ? 19.743  -11.712 -9.193  1.00 97.48  ? 51  TYR A CA  1 
ATOM   349  C C   . TYR A 1 51  ? 18.249  -11.414 -9.355  1.00 96.70  ? 51  TYR A C   1 
ATOM   350  O O   . TYR A 1 51  ? 17.521  -12.153 -10.025 1.00 96.80  ? 51  TYR A O   1 
ATOM   351  C CB  . TYR A 1 51  ? 20.226  -12.660 -10.304 1.00 98.43  ? 51  TYR A CB  1 
ATOM   352  C CG  . TYR A 1 51  ? 21.385  -13.544 -9.880  1.00 99.80  ? 51  TYR A CG  1 
ATOM   353  C CD1 . TYR A 1 51  ? 21.159  -14.797 -9.307  1.00 100.63 ? 51  TYR A CD1 1 
ATOM   354  C CD2 . TYR A 1 51  ? 22.703  -13.121 -10.038 1.00 100.40 ? 51  TYR A CD2 1 
ATOM   355  C CE1 . TYR A 1 51  ? 22.216  -15.607 -8.906  1.00 100.88 ? 51  TYR A CE1 1 
ATOM   356  C CE2 . TYR A 1 51  ? 23.768  -13.926 -9.642  1.00 100.63 ? 51  TYR A CE2 1 
ATOM   357  C CZ  . TYR A 1 51  ? 23.517  -15.166 -9.077  1.00 100.69 ? 51  TYR A CZ  1 
ATOM   358  O OH  . TYR A 1 51  ? 24.564  -15.962 -8.682  1.00 100.67 ? 51  TYR A OH  1 
ATOM   359  N N   . ASP A 1 52  ? 17.807  -10.325 -8.730  1.00 95.25  ? 52  ASP A N   1 
ATOM   360  C CA  . ASP A 1 52  ? 16.442  -9.817  -8.878  1.00 93.34  ? 52  ASP A CA  1 
ATOM   361  C C   . ASP A 1 52  ? 16.471  -8.290  -8.805  1.00 91.63  ? 52  ASP A C   1 
ATOM   362  O O   . ASP A 1 52  ? 17.094  -7.638  -9.645  1.00 91.93  ? 52  ASP A O   1 
ATOM   363  C CB  . ASP A 1 52  ? 15.517  -10.406 -7.803  1.00 93.63  ? 52  ASP A CB  1 
ATOM   364  C CG  . ASP A 1 52  ? 14.988  -11.784 -8.170  1.00 95.16  ? 52  ASP A CG  1 
ATOM   365  O OD1 . ASP A 1 52  ? 14.498  -11.961 -9.308  1.00 95.06  ? 52  ASP A OD1 1 
ATOM   366  O OD2 . ASP A 1 52  ? 15.051  -12.692 -7.315  1.00 93.03  ? 52  ASP A OD2 1 
ATOM   367  N N   . GLY A 1 53  ? 15.793  -7.728  -7.807  1.00 89.14  ? 53  GLY A N   1 
ATOM   368  C CA  . GLY A 1 53  ? 15.905  -6.306  -7.488  1.00 86.24  ? 53  GLY A CA  1 
ATOM   369  C C   . GLY A 1 53  ? 16.829  -6.114  -6.299  1.00 84.04  ? 53  GLY A C   1 
ATOM   370  O O   . GLY A 1 53  ? 17.006  -4.999  -5.805  1.00 84.81  ? 53  GLY A O   1 
ATOM   371  N N   . PHE A 1 54  ? 17.429  -7.216  -5.855  1.00 80.95  ? 54  PHE A N   1 
ATOM   372  C CA  . PHE A 1 54  ? 18.281  -7.254  -4.669  1.00 76.91  ? 54  PHE A CA  1 
ATOM   373  C C   . PHE A 1 54  ? 19.653  -6.607  -4.888  1.00 76.06  ? 54  PHE A C   1 
ATOM   374  O O   . PHE A 1 54  ? 20.420  -6.431  -3.937  1.00 76.52  ? 54  PHE A O   1 
ATOM   375  C CB  . PHE A 1 54  ? 18.459  -8.705  -4.210  1.00 76.64  ? 54  PHE A CB  1 
ATOM   376  C CG  . PHE A 1 54  ? 17.244  -9.296  -3.535  1.00 76.09  ? 54  PHE A CG  1 
ATOM   377  C CD1 . PHE A 1 54  ? 16.055  -9.493  -4.237  1.00 78.05  ? 54  PHE A CD1 1 
ATOM   378  C CD2 . PHE A 1 54  ? 17.300  -9.681  -2.199  1.00 73.73  ? 54  PHE A CD2 1 
ATOM   379  C CE1 . PHE A 1 54  ? 14.939  -10.046 -3.613  1.00 76.11  ? 54  PHE A CE1 1 
ATOM   380  C CE2 . PHE A 1 54  ? 16.189  -10.233 -1.567  1.00 70.70  ? 54  PHE A CE2 1 
ATOM   381  C CZ  . PHE A 1 54  ? 15.007  -10.417 -2.275  1.00 73.83  ? 54  PHE A CZ  1 
ATOM   382  N N   . LYS A 1 55  ? 19.952  -6.252  -6.137  1.00 74.59  ? 55  LYS A N   1 
ATOM   383  C CA  . LYS A 1 55  ? 21.237  -5.642  -6.500  1.00 73.02  ? 55  LYS A CA  1 
ATOM   384  C C   . LYS A 1 55  ? 21.325  -4.145  -6.164  1.00 69.97  ? 55  LYS A C   1 
ATOM   385  O O   . LYS A 1 55  ? 22.254  -3.459  -6.599  1.00 70.08  ? 55  LYS A O   1 
ATOM   386  C CB  . LYS A 1 55  ? 21.560  -5.897  -7.982  1.00 73.96  ? 55  LYS A CB  1 
ATOM   387  C CG  . LYS A 1 55  ? 20.472  -5.465  -8.967  1.00 76.04  ? 55  LYS A CG  1 
ATOM   388  C CD  . LYS A 1 55  ? 20.801  -5.873  -10.403 1.00 78.34  ? 55  LYS A CD  1 
ATOM   389  C CE  . LYS A 1 55  ? 20.322  -7.287  -10.734 1.00 81.74  ? 55  LYS A CE  1 
ATOM   390  N NZ  . LYS A 1 55  ? 21.192  -8.355  -10.166 1.00 82.81  ? 55  LYS A NZ  1 
ATOM   391  N N   . SER A 1 56  ? 20.355  -3.655  -5.392  1.00 64.67  ? 56  SER A N   1 
ATOM   392  C CA  . SER A 1 56  ? 20.326  -2.268  -4.923  1.00 59.75  ? 56  SER A CA  1 
ATOM   393  C C   . SER A 1 56  ? 19.445  -2.144  -3.681  1.00 56.55  ? 56  SER A C   1 
ATOM   394  O O   . SER A 1 56  ? 18.554  -2.969  -3.461  1.00 57.25  ? 56  SER A O   1 
ATOM   395  C CB  . SER A 1 56  ? 19.818  -1.330  -6.024  1.00 60.70  ? 56  SER A CB  1 
ATOM   396  O OG  . SER A 1 56  ? 18.521  -1.701  -6.458  1.00 60.55  ? 56  SER A OG  1 
ATOM   397  N N   . LYS A 1 57  ? 19.695  -1.112  -2.876  1.00 51.48  ? 57  LYS A N   1 
ATOM   398  C CA  . LYS A 1 57  ? 18.894  -0.853  -1.675  1.00 47.24  ? 57  LYS A CA  1 
ATOM   399  C C   . LYS A 1 57  ? 17.493  -0.337  -2.014  1.00 44.08  ? 57  LYS A C   1 
ATOM   400  O O   . LYS A 1 57  ? 16.569  -0.450  -1.204  1.00 43.99  ? 57  LYS A O   1 
ATOM   401  C CB  . LYS A 1 57  ? 19.617  0.110   -0.721  1.00 45.92  ? 57  LYS A CB  1 
ATOM   402  C CG  . LYS A 1 57  ? 19.768  1.543   -1.226  1.00 44.59  ? 57  LYS A CG  1 
ATOM   403  C CD  . LYS A 1 57  ? 20.123  2.482   -0.087  1.00 46.51  ? 57  LYS A CD  1 
ATOM   404  C CE  . LYS A 1 57  ? 20.201  3.928   -0.551  1.00 37.38  ? 57  LYS A CE  1 
ATOM   405  N NZ  . LYS A 1 57  ? 20.507  4.854   0.575   1.00 35.02  ? 57  LYS A NZ  1 
ATOM   406  N N   . GLU A 1 58  ? 17.351  0.227   -3.213  1.00 43.04  ? 58  GLU A N   1 
ATOM   407  C CA  . GLU A 1 58  ? 16.063  0.695   -3.718  1.00 43.51  ? 58  GLU A CA  1 
ATOM   408  C C   . GLU A 1 58  ? 15.169  -0.488  -4.083  1.00 40.73  ? 58  GLU A C   1 
ATOM   409  O O   . GLU A 1 58  ? 14.036  -0.584  -3.610  1.00 40.47  ? 58  GLU A O   1 
ATOM   410  C CB  . GLU A 1 58  ? 16.250  1.607   -4.937  1.00 44.91  ? 58  GLU A CB  1 
ATOM   411  C CG  . GLU A 1 58  ? 16.788  3.005   -4.626  1.00 49.92  ? 58  GLU A CG  1 
ATOM   412  C CD  . GLU A 1 58  ? 18.287  3.037   -4.367  1.00 57.55  ? 58  GLU A CD  1 
ATOM   413  O OE1 . GLU A 1 58  ? 19.019  2.186   -4.920  1.00 59.50  ? 58  GLU A OE1 1 
ATOM   414  O OE2 . GLU A 1 58  ? 18.737  3.924   -3.612  1.00 65.73  ? 58  GLU A OE2 1 
ATOM   415  N N   . GLY A 1 59  ? 15.695  -1.386  -4.916  1.00 40.20  ? 59  GLY A N   1 
ATOM   416  C CA  . GLY A 1 59  ? 14.971  -2.580  -5.352  1.00 37.69  ? 59  GLY A CA  1 
ATOM   417  C C   . GLY A 1 59  ? 14.624  -3.524  -4.215  1.00 35.77  ? 59  GLY A C   1 
ATOM   418  O O   . GLY A 1 59  ? 13.583  -4.183  -4.248  1.00 38.19  ? 59  GLY A O   1 
ATOM   419  N N   . LEU A 1 60  ? 15.501  -3.587  -3.214  1.00 34.26  ? 60  LEU A N   1 
ATOM   420  C CA  . LEU A 1 60  ? 15.258  -4.360  -1.996  1.00 33.49  ? 60  LEU A CA  1 
ATOM   421  C C   . LEU A 1 60  ? 14.047  -3.842  -1.222  1.00 35.29  ? 60  LEU A C   1 
ATOM   422  O O   . LEU A 1 60  ? 13.270  -4.631  -0.681  1.00 37.23  ? 60  LEU A O   1 
ATOM   423  C CB  . LEU A 1 60  ? 16.499  -4.358  -1.098  1.00 31.89  ? 60  LEU A CB  1 
ATOM   424  C CG  . LEU A 1 60  ? 17.430  -5.569  -1.194  1.00 32.44  ? 60  LEU A CG  1 
ATOM   425  C CD1 . LEU A 1 60  ? 18.864  -5.183  -0.870  1.00 30.81  ? 60  LEU A CD1 1 
ATOM   426  C CD2 . LEU A 1 60  ? 16.950  -6.685  -0.275  1.00 31.54  ? 60  LEU A CD2 1 
ATOM   427  N N   . PHE A 1 61  ? 13.898  -2.519  -1.178  1.00 32.90  ? 61  PHE A N   1 
ATOM   428  C CA  . PHE A 1 61  ? 12.754  -1.876  -0.534  1.00 29.69  ? 61  PHE A CA  1 
ATOM   429  C C   . PHE A 1 61  ? 11.446  -2.175  -1.269  1.00 28.21  ? 61  PHE A C   1 
ATOM   430  O O   . PHE A 1 61  ? 10.419  -2.432  -0.636  1.00 28.93  ? 61  PHE A O   1 
ATOM   431  C CB  . PHE A 1 61  ? 12.982  -0.361  -0.413  1.00 29.26  ? 61  PHE A CB  1 
ATOM   432  C CG  . PHE A 1 61  ? 11.728  0.430   -0.136  1.00 25.77  ? 61  PHE A CG  1 
ATOM   433  C CD1 . PHE A 1 61  ? 11.110  0.374   1.111   1.00 25.14  ? 61  PHE A CD1 1 
ATOM   434  C CD2 . PHE A 1 61  ? 11.171  1.238   -1.124  1.00 26.07  ? 61  PHE A CD2 1 
ATOM   435  C CE1 . PHE A 1 61  ? 9.950   1.102   1.366   1.00 31.10  ? 61  PHE A CE1 1 
ATOM   436  C CE2 . PHE A 1 61  ? 10.013  1.972   -0.878  1.00 27.64  ? 61  PHE A CE2 1 
ATOM   437  C CZ  . PHE A 1 61  ? 9.401   1.903   0.370   1.00 29.35  ? 61  PHE A CZ  1 
ATOM   438  N N   . PHE A 1 62  ? 11.494  -2.144  -2.600  1.00 29.26  ? 62  PHE A N   1 
ATOM   439  C CA  . PHE A 1 62  ? 10.320  -2.428  -3.426  1.00 32.50  ? 62  PHE A CA  1 
ATOM   440  C C   . PHE A 1 62  ? 9.958   -3.915  -3.453  1.00 35.30  ? 62  PHE A C   1 
ATOM   441  O O   . PHE A 1 62  ? 8.817   -4.272  -3.750  1.00 35.03  ? 62  PHE A O   1 
ATOM   442  C CB  . PHE A 1 62  ? 10.498  -1.878  -4.847  1.00 32.05  ? 62  PHE A CB  1 
ATOM   443  C CG  . PHE A 1 62  ? 10.436  -0.376  -4.927  1.00 31.69  ? 62  PHE A CG  1 
ATOM   444  C CD1 . PHE A 1 62  ? 11.581  0.368   -5.189  1.00 34.98  ? 62  PHE A CD1 1 
ATOM   445  C CD2 . PHE A 1 62  ? 9.232   0.297   -4.738  1.00 29.45  ? 62  PHE A CD2 1 
ATOM   446  C CE1 . PHE A 1 62  ? 11.530  1.758   -5.262  1.00 30.15  ? 62  PHE A CE1 1 
ATOM   447  C CE2 . PHE A 1 62  ? 9.169   1.687   -4.808  1.00 30.81  ? 62  PHE A CE2 1 
ATOM   448  C CZ  . PHE A 1 62  ? 10.322  2.418   -5.071  1.00 30.37  ? 62  PHE A CZ  1 
ATOM   449  N N   . GLU A 1 63  ? 10.932  -4.770  -3.140  1.00 34.33  ? 63  GLU A N   1 
ATOM   450  C CA  . GLU A 1 63  ? 10.682  -6.199  -2.950  1.00 35.92  ? 63  GLU A CA  1 
ATOM   451  C C   . GLU A 1 63  ? 9.903   -6.442  -1.657  1.00 35.72  ? 63  GLU A C   1 
ATOM   452  O O   . GLU A 1 63  ? 9.048   -7.329  -1.597  1.00 36.79  ? 63  GLU A O   1 
ATOM   453  C CB  . GLU A 1 63  ? 11.994  -6.990  -2.936  1.00 37.41  ? 63  GLU A CB  1 
ATOM   454  C CG  . GLU A 1 63  ? 12.563  -7.303  -4.320  1.00 42.21  ? 63  GLU A CG  1 
ATOM   455  C CD  . GLU A 1 63  ? 11.949  -8.537  -4.972  1.00 58.46  ? 63  GLU A CD  1 
ATOM   456  O OE1 . GLU A 1 63  ? 12.433  -8.930  -6.055  1.00 66.26  ? 63  GLU A OE1 1 
ATOM   457  O OE2 . GLU A 1 63  ? 10.992  -9.119  -4.413  1.00 62.01  ? 63  GLU A OE2 1 
ATOM   458  N N   . ILE A 1 64  ? 10.212  -5.650  -0.631  1.00 33.55  ? 64  ILE A N   1 
ATOM   459  C CA  . ILE A 1 64  ? 9.473   -5.675  0.631   1.00 33.18  ? 64  ILE A CA  1 
ATOM   460  C C   . ILE A 1 64  ? 8.097   -5.030  0.437   1.00 37.43  ? 64  ILE A C   1 
ATOM   461  O O   . ILE A 1 64  ? 7.094   -5.534  0.945   1.00 38.56  ? 64  ILE A O   1 
ATOM   462  C CB  . ILE A 1 64  ? 10.253  -4.970  1.778   1.00 34.00  ? 64  ILE A CB  1 
ATOM   463  C CG1 . ILE A 1 64  ? 11.637  -5.604  1.959   1.00 35.53  ? 64  ILE A CG1 1 
ATOM   464  C CG2 . ILE A 1 64  ? 9.472   -5.035  3.093   1.00 33.88  ? 64  ILE A CG2 1 
ATOM   465  C CD1 . ILE A 1 64  ? 12.643  -4.723  2.687   1.00 29.94  ? 64  ILE A CD1 1 
ATOM   466  N N   . LEU A 1 65  ? 8.062   -3.931  -0.320  1.00 37.23  ? 65  LEU A N   1 
ATOM   467  C CA  . LEU A 1 65  ? 6.821   -3.207  -0.611  1.00 39.81  ? 65  LEU A CA  1 
ATOM   468  C C   . LEU A 1 65  ? 5.838   -4.069  -1.409  1.00 40.04  ? 65  LEU A C   1 
ATOM   469  O O   . LEU A 1 65  ? 4.621   -3.923  -1.263  1.00 40.14  ? 65  LEU A O   1 
ATOM   470  C CB  . LEU A 1 65  ? 7.120   -1.910  -1.374  1.00 40.13  ? 65  LEU A CB  1 
ATOM   471  C CG  . LEU A 1 65  ? 6.449   -0.589  -0.962  1.00 42.01  ? 65  LEU A CG  1 
ATOM   472  C CD1 . LEU A 1 65  ? 6.850   0.518   -1.924  1.00 40.77  ? 65  LEU A CD1 1 
ATOM   473  C CD2 . LEU A 1 65  ? 4.928   -0.675  -0.872  1.00 36.90  ? 65  LEU A CD2 1 
ATOM   474  N N   . ASP A 1 66  ? 6.372   -4.957  -2.247  1.00 40.64  ? 66  ASP A N   1 
ATOM   475  C CA  . ASP A 1 66  ? 5.559   -5.911  -3.005  1.00 42.26  ? 66  ASP A CA  1 
ATOM   476  C C   . ASP A 1 66  ? 4.784   -6.857  -2.090  1.00 42.26  ? 66  ASP A C   1 
ATOM   477  O O   . ASP A 1 66  ? 3.598   -7.105  -2.312  1.00 43.44  ? 66  ASP A O   1 
ATOM   478  C CB  . ASP A 1 66  ? 6.427   -6.715  -3.983  1.00 43.66  ? 66  ASP A CB  1 
ATOM   479  C CG  . ASP A 1 66  ? 6.677   -5.982  -5.292  1.00 51.62  ? 66  ASP A CG  1 
ATOM   480  O OD1 . ASP A 1 66  ? 5.774   -5.258  -5.767  1.00 59.54  ? 66  ASP A OD1 1 
ATOM   481  O OD2 . ASP A 1 66  ? 7.780   -6.141  -5.856  1.00 57.29  ? 66  ASP A OD2 1 
ATOM   482  N N   . ASP A 1 67  ? 5.459   -7.369  -1.061  1.00 40.43  ? 67  ASP A N   1 
ATOM   483  C CA  . ASP A 1 67  ? 4.845   -8.265  -0.078  1.00 41.23  ? 67  ASP A CA  1 
ATOM   484  C C   . ASP A 1 67  ? 3.801   -7.553  0.779   1.00 41.55  ? 67  ASP A C   1 
ATOM   485  O O   . ASP A 1 67  ? 2.791   -8.150  1.161   1.00 41.01  ? 67  ASP A O   1 
ATOM   486  C CB  . ASP A 1 67  ? 5.916   -8.893  0.821   1.00 40.41  ? 67  ASP A CB  1 
ATOM   487  C CG  . ASP A 1 67  ? 6.819   -9.863  0.077   1.00 42.70  ? 67  ASP A CG  1 
ATOM   488  O OD1 . ASP A 1 67  ? 6.887   -9.803  -1.170  1.00 48.69  ? 67  ASP A OD1 1 
ATOM   489  O OD2 . ASP A 1 67  ? 7.472   -10.691 0.748   1.00 50.67  ? 67  ASP A OD2 1 
ATOM   490  N N   . ILE A 1 68  ? 4.056   -6.280  1.075   1.00 41.35  ? 68  ILE A N   1 
ATOM   491  C CA  . ILE A 1 68  ? 3.148   -5.450  1.868   1.00 42.05  ? 68  ILE A CA  1 
ATOM   492  C C   . ILE A 1 68  ? 1.868   -5.136  1.084   1.00 41.50  ? 68  ILE A C   1 
ATOM   493  O O   . ILE A 1 68  ? 0.763   -5.231  1.625   1.00 41.47  ? 68  ILE A O   1 
ATOM   494  C CB  . ILE A 1 68  ? 3.845   -4.144  2.344   1.00 43.30  ? 68  ILE A CB  1 
ATOM   495  C CG1 . ILE A 1 68  ? 5.047   -4.473  3.237   1.00 46.20  ? 68  ILE A CG1 1 
ATOM   496  C CG2 . ILE A 1 68  ? 2.875   -3.244  3.100   1.00 44.71  ? 68  ILE A CG2 1 
ATOM   497  C CD1 . ILE A 1 68  ? 6.068   -3.356  3.340   1.00 52.12  ? 68  ILE A CD1 1 
ATOM   498  N N   . CYS A 1 69  ? 2.029   -4.778  -0.191  1.00 41.51  ? 69  CYS A N   1 
ATOM   499  C CA  . CYS A 1 69  ? 0.898   -4.478  -1.073  1.00 45.27  ? 69  CYS A CA  1 
ATOM   500  C C   . CYS A 1 69  ? 0.054   -5.710  -1.398  1.00 46.27  ? 69  CYS A C   1 
ATOM   501  O O   . CYS A 1 69  ? -1.164  -5.605  -1.560  1.00 44.99  ? 69  CYS A O   1 
ATOM   502  C CB  . CYS A 1 69  ? 1.378   -3.813  -2.365  1.00 45.77  ? 69  CYS A CB  1 
ATOM   503  S SG  . CYS A 1 69  ? 1.763   -2.057  -2.196  1.00 56.69  ? 69  CYS A SG  1 
ATOM   504  N N   . LYS A 1 70  ? 0.706   -6.869  -1.498  1.00 48.31  ? 70  LYS A N   1 
ATOM   505  C CA  . LYS A 1 70  ? 0.010   -8.138  -1.719  1.00 51.40  ? 70  LYS A CA  1 
ATOM   506  C C   . LYS A 1 70  ? -0.770  -8.574  -0.481  1.00 50.34  ? 70  LYS A C   1 
ATOM   507  O O   . LYS A 1 70  ? -1.828  -9.196  -0.595  1.00 50.73  ? 70  LYS A O   1 
ATOM   508  C CB  . LYS A 1 70  ? 0.989   -9.237  -2.143  1.00 51.99  ? 70  LYS A CB  1 
ATOM   509  C CG  . LYS A 1 70  ? 1.386   -9.191  -3.616  1.00 57.10  ? 70  LYS A CG  1 
ATOM   510  C CD  . LYS A 1 70  ? 2.239   -10.392 -4.018  1.00 56.98  ? 70  LYS A CD  1 
ATOM   511  C CE  . LYS A 1 70  ? 3.692   -10.240 -3.581  1.00 62.78  ? 70  LYS A CE  1 
ATOM   512  N NZ  . LYS A 1 70  ? 4.518   -11.411 -3.978  1.00 63.30  ? 70  LYS A NZ  1 
ATOM   513  N N   . LYS A 1 71  ? -0.240  -8.245  0.697   1.00 49.89  ? 71  LYS A N   1 
ATOM   514  C CA  . LYS A 1 71  ? -0.906  -8.546  1.962   1.00 50.52  ? 71  LYS A CA  1 
ATOM   515  C C   . LYS A 1 71  ? -2.101  -7.620  2.196   1.00 50.46  ? 71  LYS A C   1 
ATOM   516  O O   . LYS A 1 71  ? -3.135  -8.058  2.701   1.00 48.34  ? 71  LYS A O   1 
ATOM   517  C CB  . LYS A 1 71  ? 0.082   -8.464  3.132   1.00 51.00  ? 71  LYS A CB  1 
ATOM   518  C CG  . LYS A 1 71  ? -0.443  -9.018  4.464   1.00 58.49  ? 71  LYS A CG  1 
ATOM   519  C CD  . LYS A 1 71  ? -0.574  -10.543 4.464   1.00 62.68  ? 71  LYS A CD  1 
ATOM   520  C CE  . LYS A 1 71  ? 0.770   -11.233 4.659   1.00 64.57  ? 71  LYS A CE  1 
ATOM   521  N NZ  . LYS A 1 71  ? 0.637   -12.716 4.660   1.00 64.83  ? 71  LYS A NZ  1 
ATOM   522  N N   . HIS A 1 72  ? -1.949  -6.348  1.826   1.00 50.57  ? 72  HIS A N   1 
ATOM   523  C CA  . HIS A 1 72  ? -3.035  -5.370  1.931   1.00 51.69  ? 72  HIS A CA  1 
ATOM   524  C C   . HIS A 1 72  ? -4.182  -5.693  0.979   1.00 50.82  ? 72  HIS A C   1 
ATOM   525  O O   . HIS A 1 72  ? -5.351  -5.527  1.331   1.00 51.05  ? 72  HIS A O   1 
ATOM   526  C CB  . HIS A 1 72  ? -2.531  -3.947  1.665   1.00 52.66  ? 72  HIS A CB  1 
ATOM   527  C CG  . HIS A 1 72  ? -1.625  -3.408  2.728   1.00 59.89  ? 72  HIS A CG  1 
ATOM   528  N ND1 . HIS A 1 72  ? -1.718  -3.782  4.051   1.00 64.11  ? 72  HIS A ND1 1 
ATOM   529  C CD2 . HIS A 1 72  ? -0.624  -2.498  2.664   1.00 63.31  ? 72  HIS A CD2 1 
ATOM   530  C CE1 . HIS A 1 72  ? -0.802  -3.141  4.752   1.00 67.20  ? 72  HIS A CE1 1 
ATOM   531  N NE2 . HIS A 1 72  ? -0.126  -2.353  3.935   1.00 68.12  ? 72  HIS A NE2 1 
ATOM   532  N N   . PHE A 1 73  ? -3.835  -6.151  -0.223  1.00 49.09  ? 73  PHE A N   1 
ATOM   533  C CA  . PHE A 1 73  ? -4.816  -6.499  -1.251  1.00 50.77  ? 73  PHE A CA  1 
ATOM   534  C C   . PHE A 1 73  ? -5.754  -7.610  -0.782  1.00 50.60  ? 73  PHE A C   1 
ATOM   535  O O   . PHE A 1 73  ? -6.973  -7.463  -0.850  1.00 48.68  ? 73  PHE A O   1 
ATOM   536  C CB  . PHE A 1 73  ? -4.111  -6.907  -2.552  1.00 49.71  ? 73  PHE A CB  1 
ATOM   537  C CG  . PHE A 1 73  ? -5.033  -7.039  -3.736  1.00 50.50  ? 73  PHE A CG  1 
ATOM   538  C CD1 . PHE A 1 73  ? -5.310  -5.940  -4.544  1.00 49.97  ? 73  PHE A CD1 1 
ATOM   539  C CD2 . PHE A 1 73  ? -5.615  -8.265  -4.052  1.00 45.29  ? 73  PHE A CD2 1 
ATOM   540  C CE1 . PHE A 1 73  ? -6.158  -6.056  -5.643  1.00 50.22  ? 73  PHE A CE1 1 
ATOM   541  C CE2 . PHE A 1 73  ? -6.466  -8.390  -5.147  1.00 46.35  ? 73  PHE A CE2 1 
ATOM   542  C CZ  . PHE A 1 73  ? -6.738  -7.284  -5.944  1.00 50.70  ? 73  PHE A CZ  1 
ATOM   543  N N   . HIS A 1 74  ? -5.175  -8.707  -0.295  1.00 53.35  ? 74  HIS A N   1 
ATOM   544  C CA  . HIS A 1 74  ? -5.945  -9.872  0.147   1.00 55.82  ? 74  HIS A CA  1 
ATOM   545  C C   . HIS A 1 74  ? -6.670  -9.657  1.478   1.00 55.23  ? 74  HIS A C   1 
ATOM   546  O O   . HIS A 1 74  ? -7.657  -10.339 1.761   1.00 54.90  ? 74  HIS A O   1 
ATOM   547  C CB  . HIS A 1 74  ? -5.053  -11.116 0.215   1.00 57.29  ? 74  HIS A CB  1 
ATOM   548  C CG  . HIS A 1 74  ? -4.651  -11.647 -1.126  1.00 66.88  ? 74  HIS A CG  1 
ATOM   549  N ND1 . HIS A 1 74  ? -5.529  -12.309 -1.958  1.00 71.11  ? 74  HIS A ND1 1 
ATOM   550  C CD2 . HIS A 1 74  ? -3.464  -11.619 -1.778  1.00 71.41  ? 74  HIS A CD2 1 
ATOM   551  C CE1 . HIS A 1 74  ? -4.901  -12.661 -3.066  1.00 72.90  ? 74  HIS A CE1 1 
ATOM   552  N NE2 . HIS A 1 74  ? -3.647  -12.255 -2.982  1.00 72.29  ? 74  HIS A NE2 1 
ATOM   553  N N   . LEU A 1 75  ? -6.180  -8.717  2.286   1.00 54.46  ? 75  LEU A N   1 
ATOM   554  C CA  . LEU A 1 75  ? -6.816  -8.378  3.562   1.00 54.66  ? 75  LEU A CA  1 
ATOM   555  C C   . LEU A 1 75  ? -8.111  -7.596  3.344   1.00 56.28  ? 75  LEU A C   1 
ATOM   556  O O   . LEU A 1 75  ? -9.140  -7.911  3.946   1.00 56.19  ? 75  LEU A O   1 
ATOM   557  C CB  . LEU A 1 75  ? -5.853  -7.598  4.467   1.00 54.46  ? 75  LEU A CB  1 
ATOM   558  C CG  . LEU A 1 75  ? -6.285  -7.285  5.906   1.00 56.12  ? 75  LEU A CG  1 
ATOM   559  C CD1 . LEU A 1 75  ? -5.108  -7.401  6.856   1.00 59.46  ? 75  LEU A CD1 1 
ATOM   560  C CD2 . LEU A 1 75  ? -6.936  -5.907  6.022   1.00 55.15  ? 75  LEU A CD2 1 
ATOM   561  N N   . ILE A 1 76  ? -8.046  -6.574  2.489   1.00 56.02  ? 76  ILE A N   1 
ATOM   562  C CA  . ILE A 1 76  ? -9.219  -5.773  2.139   1.00 56.57  ? 76  ILE A CA  1 
ATOM   563  C C   . ILE A 1 76  ? -10.204 -6.605  1.313   1.00 58.33  ? 76  ILE A C   1 
ATOM   564  O O   . ILE A 1 76  ? -11.418 -6.518  1.514   1.00 57.13  ? 76  ILE A O   1 
ATOM   565  C CB  . ILE A 1 76  ? -8.835  -4.475  1.375   1.00 55.52  ? 76  ILE A CB  1 
ATOM   566  C CG1 . ILE A 1 76  ? -7.839  -3.638  2.185   1.00 51.73  ? 76  ILE A CG1 1 
ATOM   567  C CG2 . ILE A 1 76  ? -10.077 -3.646  1.060   1.00 53.35  ? 76  ILE A CG2 1 
ATOM   568  C CD1 . ILE A 1 76  ? -7.114  -2.573  1.371   1.00 44.17  ? 76  ILE A CD1 1 
ATOM   569  N N   . TYR A 1 77  ? -9.666  -7.417  0.402   1.00 62.07  ? 77  TYR A N   1 
ATOM   570  C CA  . TYR A 1 77  ? -10.465 -8.299  -0.453  1.00 65.84  ? 77  TYR A CA  1 
ATOM   571  C C   . TYR A 1 77  ? -11.319 -9.279  0.353   1.00 67.34  ? 77  TYR A C   1 
ATOM   572  O O   . TYR A 1 77  ? -12.487 -9.491  0.032   1.00 68.17  ? 77  TYR A O   1 
ATOM   573  C CB  . TYR A 1 77  ? -9.561  -9.053  -1.440  1.00 66.49  ? 77  TYR A CB  1 
ATOM   574  C CG  . TYR A 1 77  ? -10.253 -10.122 -2.261  1.00 70.04  ? 77  TYR A CG  1 
ATOM   575  C CD1 . TYR A 1 77  ? -10.071 -11.475 -1.972  1.00 72.49  ? 77  TYR A CD1 1 
ATOM   576  C CD2 . TYR A 1 77  ? -11.083 -9.782  -3.331  1.00 73.58  ? 77  TYR A CD2 1 
ATOM   577  C CE1 . TYR A 1 77  ? -10.701 -12.464 -2.723  1.00 73.76  ? 77  TYR A CE1 1 
ATOM   578  C CE2 . TYR A 1 77  ? -11.717 -10.765 -4.089  1.00 74.75  ? 77  TYR A CE2 1 
ATOM   579  C CZ  . TYR A 1 77  ? -11.521 -12.101 -3.779  1.00 74.66  ? 77  TYR A CZ  1 
ATOM   580  O OH  . TYR A 1 77  ? -12.145 -13.076 -4.524  1.00 77.27  ? 77  TYR A OH  1 
ATOM   581  N N   . SER A 1 78  ? -10.731 -9.860  1.398   1.00 68.80  ? 78  SER A N   1 
ATOM   582  C CA  . SER A 1 78  ? -11.431 -10.812 2.264   1.00 71.00  ? 78  SER A CA  1 
ATOM   583  C C   . SER A 1 78  ? -12.541 -10.153 3.084   1.00 71.73  ? 78  SER A C   1 
ATOM   584  O O   . SER A 1 78  ? -13.565 -10.779 3.368   1.00 71.85  ? 78  SER A O   1 
ATOM   585  C CB  . SER A 1 78  ? -10.443 -11.521 3.196   1.00 71.20  ? 78  SER A CB  1 
ATOM   586  O OG  . SER A 1 78  ? -9.753  -10.591 4.014   1.00 75.15  ? 78  SER A OG  1 
ATOM   587  N N   . LYS A 1 79  ? -12.331 -8.891  3.454   1.00 72.73  ? 79  LYS A N   1 
ATOM   588  C CA  . LYS A 1 79  ? -13.303 -8.135  4.244   1.00 74.65  ? 79  LYS A CA  1 
ATOM   589  C C   . LYS A 1 79  ? -14.472 -7.614  3.405   1.00 76.04  ? 79  LYS A C   1 
ATOM   590  O O   . LYS A 1 79  ? -15.538 -7.309  3.946   1.00 76.03  ? 79  LYS A O   1 
ATOM   591  C CB  . LYS A 1 79  ? -12.619 -6.979  4.982   1.00 74.07  ? 79  LYS A CB  1 
ATOM   592  C CG  . LYS A 1 79  ? -11.728 -7.416  6.137   1.00 75.71  ? 79  LYS A CG  1 
ATOM   593  C CD  . LYS A 1 79  ? -11.127 -6.221  6.857   1.00 79.38  ? 79  LYS A CD  1 
ATOM   594  C CE  . LYS A 1 79  ? -10.228 -6.659  8.002   1.00 84.09  ? 79  LYS A CE  1 
ATOM   595  N NZ  . LYS A 1 79  ? -9.628  -5.498  8.715   1.00 82.00  ? 79  LYS A NZ  1 
ATOM   596  N N   . THR A 1 80  ? -14.269 -7.518  2.092   1.00 77.38  ? 80  THR A N   1 
ATOM   597  C CA  . THR A 1 80  ? -15.299 -7.013  1.179   1.00 78.27  ? 80  THR A CA  1 
ATOM   598  C C   . THR A 1 80  ? -15.958 -8.107  0.324   1.00 80.07  ? 80  THR A C   1 
ATOM   599  O O   . THR A 1 80  ? -17.030 -7.889  -0.245  1.00 79.49  ? 80  THR A O   1 
ATOM   600  C CB  . THR A 1 80  ? -14.764 -5.865  0.276   1.00 77.86  ? 80  THR A CB  1 
ATOM   601  O OG1 . THR A 1 80  ? -15.862 -5.216  -0.380  1.00 77.33  ? 80  THR A OG1 1 
ATOM   602  C CG2 . THR A 1 80  ? -13.786 -6.388  -0.772  1.00 74.80  ? 80  THR A CG2 1 
ATOM   603  N N   . GLN A 1 81  ? -15.314 -9.269  0.234   1.00 82.17  ? 81  GLN A N   1 
ATOM   604  C CA  . GLN A 1 81  ? -15.862 -10.396 -0.524  1.00 84.99  ? 81  GLN A CA  1 
ATOM   605  C C   . GLN A 1 81  ? -16.894 -11.168 0.297   1.00 86.60  ? 81  GLN A C   1 
ATOM   606  O O   . GLN A 1 81  ? -17.783 -11.816 -0.261  1.00 87.28  ? 81  GLN A O   1 
ATOM   607  C CB  . GLN A 1 81  ? -14.746 -11.331 -1.006  1.00 85.00  ? 81  GLN A CB  1 
ATOM   608  C CG  . GLN A 1 81  ? -15.137 -12.264 -2.158  1.00 88.47  ? 81  GLN A CG  1 
ATOM   609  C CD  . GLN A 1 81  ? -15.129 -11.589 -3.526  1.00 92.82  ? 81  GLN A CD  1 
ATOM   610  O OE1 . GLN A 1 81  ? -15.390 -10.389 -3.652  1.00 94.13  ? 81  GLN A OE1 1 
ATOM   611  N NE2 . GLN A 1 81  ? -14.836 -12.367 -4.561  1.00 92.44  ? 81  GLN A NE2 1 
ATOM   612  N N   . GLU A 1 82  ? -16.774 -11.086 1.621   1.00 87.76  ? 82  GLU A N   1 
ATOM   613  C CA  . GLU A 1 82  ? -17.717 -11.740 2.529   1.00 89.23  ? 82  GLU A CA  1 
ATOM   614  C C   . GLU A 1 82  ? -18.935 -10.848 2.812   1.00 89.46  ? 82  GLU A C   1 
ATOM   615  O O   . GLU A 1 82  ? -19.545 -10.916 3.885   1.00 89.59  ? 82  GLU A O   1 
ATOM   616  C CB  . GLU A 1 82  ? -17.008 -12.167 3.824   1.00 89.42  ? 82  GLU A CB  1 
ATOM   617  C CG  . GLU A 1 82  ? -17.729 -13.257 4.626   1.00 92.42  ? 82  GLU A CG  1 
ATOM   618  C CD  . GLU A 1 82  ? -18.149 -14.449 3.779   1.00 94.45  ? 82  GLU A CD  1 
ATOM   619  O OE1 . GLU A 1 82  ? -17.298 -15.007 3.052   1.00 94.75  ? 82  GLU A OE1 1 
ATOM   620  O OE2 . GLU A 1 82  ? -19.336 -14.835 3.849   1.00 92.88  ? 82  GLU A OE2 1 
ATOM   621  N N   . ILE A 1 83  ? -19.281 -10.018 1.829   1.00 89.73  ? 83  ILE A N   1 
ATOM   622  C CA  . ILE A 1 83  ? -20.462 -9.156  1.886   1.00 90.09  ? 83  ILE A CA  1 
ATOM   623  C C   . ILE A 1 83  ? -20.982 -8.858  0.466   1.00 89.77  ? 83  ILE A C   1 
ATOM   624  O O   . ILE A 1 83  ? -21.676 -7.864  0.232   1.00 89.75  ? 83  ILE A O   1 
ATOM   625  C CB  . ILE A 1 83  ? -20.201 -7.864  2.741   1.00 89.91  ? 83  ILE A CB  1 
ATOM   626  C CG1 . ILE A 1 83  ? -21.521 -7.202  3.164   1.00 90.75  ? 83  ILE A CG1 1 
ATOM   627  C CG2 . ILE A 1 83  ? -19.236 -6.899  2.032   1.00 90.32  ? 83  ILE A CG2 1 
ATOM   628  C CD1 . ILE A 1 83  ? -21.401 -6.259  4.352   1.00 90.73  ? 83  ILE A CD1 1 
ATOM   629  N N   . LYS A 1 84  ? -20.648 -9.746  -0.471  1.00 89.94  ? 84  LYS A N   1 
ATOM   630  C CA  . LYS A 1 84  ? -21.103 -9.643  -1.860  1.00 88.95  ? 84  LYS A CA  1 
ATOM   631  C C   . LYS A 1 84  ? -22.584 -10.032 -1.971  1.00 87.71  ? 84  LYS A C   1 
ATOM   632  O O   . LYS A 1 84  ? -22.935 -11.086 -2.512  1.00 87.92  ? 84  LYS A O   1 
ATOM   633  C CB  . LYS A 1 84  ? -20.216 -10.494 -2.786  1.00 89.63  ? 84  LYS A CB  1 
ATOM   634  C CG  . LYS A 1 84  ? -20.525 -10.383 -4.287  1.00 90.66  ? 84  LYS A CG  1 
ATOM   635  C CD  . LYS A 1 84  ? -20.200 -9.004  -4.852  1.00 91.94  ? 84  LYS A CD  1 
ATOM   636  C CE  . LYS A 1 84  ? -20.652 -8.868  -6.301  1.00 92.76  ? 84  LYS A CE  1 
ATOM   637  N NZ  . LYS A 1 84  ? -19.838 -9.697  -7.237  1.00 91.61  ? 84  LYS A NZ  1 
ATOM   638  N N   . ASN A 1 85  ? -23.436 -9.161  -1.435  1.00 85.17  ? 85  ASN A N   1 
ATOM   639  C CA  . ASN A 1 85  ? -24.889 -9.332  -1.440  1.00 81.10  ? 85  ASN A CA  1 
ATOM   640  C C   . ASN A 1 85  ? -25.596 -8.049  -1.012  1.00 78.34  ? 85  ASN A C   1 
ATOM   641  O O   . ASN A 1 85  ? -26.738 -7.798  -1.401  1.00 78.25  ? 85  ASN A O   1 
ATOM   642  C CB  . ASN A 1 85  ? -25.318 -10.500 -0.536  1.00 81.54  ? 85  ASN A CB  1 
ATOM   643  C CG  . ASN A 1 85  ? -24.805 -10.364 0.891   1.00 81.44  ? 85  ASN A CG  1 
ATOM   644  O OD1 . ASN A 1 85  ? -25.256 -9.506  1.650   1.00 74.90  ? 85  ASN A OD1 1 
ATOM   645  N ND2 . ASN A 1 85  ? -23.867 -11.227 1.263   1.00 79.63  ? 85  ASN A ND2 1 
ATOM   646  N N   . GLY A 1 86  ? -24.900 -7.244  -0.211  1.00 74.44  ? 86  GLY A N   1 
ATOM   647  C CA  . GLY A 1 86  ? -25.453 -6.011  0.339   1.00 69.39  ? 86  GLY A CA  1 
ATOM   648  C C   . GLY A 1 86  ? -25.460 -4.840  -0.625  1.00 66.24  ? 86  GLY A C   1 
ATOM   649  O O   . GLY A 1 86  ? -25.301 -5.012  -1.836  1.00 65.80  ? 86  GLY A O   1 
ATOM   650  N N   . THR A 1 87  ? -25.643 -3.645  -0.071  1.00 63.12  ? 87  THR A N   1 
ATOM   651  C CA  . THR A 1 87  ? -25.739 -2.417  -0.858  1.00 61.16  ? 87  THR A CA  1 
ATOM   652  C C   . THR A 1 87  ? -24.365 -1.876  -1.255  1.00 60.20  ? 87  THR A C   1 
ATOM   653  O O   . THR A 1 87  ? -23.332 -2.384  -0.808  1.00 59.97  ? 87  THR A O   1 
ATOM   654  C CB  . THR A 1 87  ? -26.521 -1.318  -0.098  1.00 61.24  ? 87  THR A CB  1 
ATOM   655  O OG1 . THR A 1 87  ? -25.904 -1.076  1.173   1.00 59.81  ? 87  THR A OG1 1 
ATOM   656  C CG2 . THR A 1 87  ? -27.970 -1.735  0.116   1.00 62.69  ? 87  THR A CG2 1 
ATOM   657  N N   . LEU A 1 88  ? -24.372 -0.845  -2.098  1.00 57.96  ? 88  LEU A N   1 
ATOM   658  C CA  . LEU A 1 88  ? -23.157 -0.149  -2.518  1.00 57.31  ? 88  LEU A CA  1 
ATOM   659  C C   . LEU A 1 88  ? -22.542 0.601   -1.336  1.00 56.00  ? 88  LEU A C   1 
ATOM   660  O O   . LEU A 1 88  ? -21.326 0.790   -1.275  1.00 55.01  ? 88  LEU A O   1 
ATOM   661  C CB  . LEU A 1 88  ? -23.483 0.828   -3.651  1.00 57.22  ? 88  LEU A CB  1 
ATOM   662  C CG  . LEU A 1 88  ? -22.489 1.013   -4.805  1.00 58.18  ? 88  LEU A CG  1 
ATOM   663  C CD1 . LEU A 1 88  ? -23.221 1.541   -6.027  1.00 55.85  ? 88  LEU A CD1 1 
ATOM   664  C CD2 . LEU A 1 88  ? -21.329 1.934   -4.436  1.00 54.39  ? 88  LEU A CD2 1 
ATOM   665  N N   . LYS A 1 89  ? -23.399 1.019   -0.405  1.00 54.92  ? 89  LYS A N   1 
ATOM   666  C CA  . LYS A 1 89  ? -22.987 1.699   0.821   1.00 55.35  ? 89  LYS A CA  1 
ATOM   667  C C   . LYS A 1 89  ? -22.207 0.768   1.749   1.00 55.96  ? 89  LYS A C   1 
ATOM   668  O O   . LYS A 1 89  ? -21.180 1.159   2.311   1.00 56.03  ? 89  LYS A O   1 
ATOM   669  C CB  . LYS A 1 89  ? -24.217 2.259   1.548   1.00 55.96  ? 89  LYS A CB  1 
ATOM   670  C CG  . LYS A 1 89  ? -23.910 3.085   2.790   1.00 55.97  ? 89  LYS A CG  1 
ATOM   671  C CD  . LYS A 1 89  ? -25.187 3.469   3.525   1.00 55.79  ? 89  LYS A CD  1 
ATOM   672  C CE  . LYS A 1 89  ? -24.890 4.125   4.868   1.00 61.45  ? 89  LYS A CE  1 
ATOM   673  N NZ  . LYS A 1 89  ? -24.273 5.474   4.725   1.00 59.29  ? 89  LYS A NZ  1 
ATOM   674  N N   . GLU A 1 90  ? -22.700 -0.460  1.897   1.00 56.88  ? 90  GLU A N   1 
ATOM   675  C CA  . GLU A 1 90  ? -22.116 -1.439  2.814   1.00 58.86  ? 90  GLU A CA  1 
ATOM   676  C C   . GLU A 1 90  ? -20.753 -1.958  2.360   1.00 56.10  ? 90  GLU A C   1 
ATOM   677  O O   . GLU A 1 90  ? -19.874 -2.200  3.189   1.00 57.09  ? 90  GLU A O   1 
ATOM   678  C CB  . GLU A 1 90  ? -23.083 -2.602  3.050   1.00 58.64  ? 90  GLU A CB  1 
ATOM   679  C CG  . GLU A 1 90  ? -24.266 -2.242  3.939   1.00 64.57  ? 90  GLU A CG  1 
ATOM   680  C CD  . GLU A 1 90  ? -25.320 -3.331  3.991   1.00 66.74  ? 90  GLU A CD  1 
ATOM   681  O OE1 . GLU A 1 90  ? -25.728 -3.825  2.918   1.00 74.60  ? 90  GLU A OE1 1 
ATOM   682  O OE2 . GLU A 1 90  ? -25.751 -3.682  5.110   1.00 71.17  ? 90  GLU A OE2 1 
ATOM   683  N N   . ILE A 1 91  ? -20.581 -2.126  1.049   1.00 54.49  ? 91  ILE A N   1 
ATOM   684  C CA  . ILE A 1 91  ? -19.297 -2.564  0.491   1.00 52.39  ? 91  ILE A CA  1 
ATOM   685  C C   . ILE A 1 91  ? -18.262 -1.432  0.466   1.00 50.44  ? 91  ILE A C   1 
ATOM   686  O O   . ILE A 1 91  ? -17.058 -1.688  0.512   1.00 48.23  ? 91  ILE A O   1 
ATOM   687  C CB  . ILE A 1 91  ? -19.443 -3.250  -0.907  1.00 52.64  ? 91  ILE A CB  1 
ATOM   688  C CG1 . ILE A 1 91  ? -20.127 -2.334  -1.928  1.00 54.89  ? 91  ILE A CG1 1 
ATOM   689  C CG2 . ILE A 1 91  ? -20.197 -4.568  -0.787  1.00 53.63  ? 91  ILE A CG2 1 
ATOM   690  C CD1 . ILE A 1 91  ? -19.178 -1.704  -2.925  1.00 59.68  ? 91  ILE A CD1 1 
ATOM   691  N N   . LEU A 1 92  ? -18.743 -0.191  0.395   1.00 48.19  ? 92  LEU A N   1 
ATOM   692  C CA  . LEU A 1 92  ? -17.885 0.995   0.458   1.00 48.43  ? 92  LEU A CA  1 
ATOM   693  C C   . LEU A 1 92  ? -17.360 1.254   1.868   1.00 48.51  ? 92  LEU A C   1 
ATOM   694  O O   . LEU A 1 92  ? -16.202 1.638   2.042   1.00 46.47  ? 92  LEU A O   1 
ATOM   695  C CB  . LEU A 1 92  ? -18.623 2.233   -0.066  1.00 47.28  ? 92  LEU A CB  1 
ATOM   696  C CG  . LEU A 1 92  ? -18.256 2.831   -1.432  1.00 49.84  ? 92  LEU A CG  1 
ATOM   697  C CD1 . LEU A 1 92  ? -18.117 1.785   -2.534  1.00 47.79  ? 92  LEU A CD1 1 
ATOM   698  C CD2 . LEU A 1 92  ? -19.269 3.897   -1.824  1.00 49.46  ? 92  LEU A CD2 1 
ATOM   699  N N   . THR A 1 93  ? -18.221 1.051   2.866   1.00 47.76  ? 93  THR A N   1 
ATOM   700  C CA  . THR A 1 93  ? -17.837 1.196   4.271   1.00 46.34  ? 93  THR A CA  1 
ATOM   701  C C   . THR A 1 93  ? -16.915 0.063   4.716   1.00 46.76  ? 93  THR A C   1 
ATOM   702  O O   . THR A 1 93  ? -16.002 0.277   5.514   1.00 47.10  ? 93  THR A O   1 
ATOM   703  C CB  . THR A 1 93  ? -19.064 1.251   5.212   1.00 47.04  ? 93  THR A CB  1 
ATOM   704  O OG1 . THR A 1 93  ? -19.955 0.171   4.910   1.00 51.30  ? 93  THR A OG1 1 
ATOM   705  C CG2 . THR A 1 93  ? -19.804 2.575   5.067   1.00 37.64  ? 93  THR A CG2 1 
ATOM   706  N N   . SER A 1 94  ? -17.162 -1.138  4.192   1.00 46.88  ? 94  SER A N   1 
ATOM   707  C CA  . SER A 1 94  ? -16.333 -2.310  4.480   1.00 46.80  ? 94  SER A CA  1 
ATOM   708  C C   . SER A 1 94  ? -14.950 -2.179  3.846   1.00 46.30  ? 94  SER A C   1 
ATOM   709  O O   . SER A 1 94  ? -13.949 -2.594  4.437   1.00 47.22  ? 94  SER A O   1 
ATOM   710  C CB  . SER A 1 94  ? -17.019 -3.590  3.998   1.00 47.27  ? 94  SER A CB  1 
ATOM   711  O OG  . SER A 1 94  ? -16.286 -4.740  4.383   1.00 52.43  ? 94  SER A OG  1 
ATOM   712  N N   . PHE A 1 95  ? -14.906 -1.607  2.643   1.00 43.56  ? 95  PHE A N   1 
ATOM   713  C CA  . PHE A 1 95  ? -13.647 -1.289  1.974   1.00 41.31  ? 95  PHE A CA  1 
ATOM   714  C C   . PHE A 1 95  ? -12.951 -0.143  2.702   1.00 40.25  ? 95  PHE A C   1 
ATOM   715  O O   . PHE A 1 95  ? -11.748 -0.206  2.961   1.00 41.05  ? 95  PHE A O   1 
ATOM   716  C CB  . PHE A 1 95  ? -13.890 -0.912  0.506   1.00 39.78  ? 95  PHE A CB  1 
ATOM   717  C CG  . PHE A 1 95  ? -12.629 -0.634  -0.272  1.00 37.64  ? 95  PHE A CG  1 
ATOM   718  C CD1 . PHE A 1 95  ? -12.046 -1.627  -1.051  1.00 33.87  ? 95  PHE A CD1 1 
ATOM   719  C CD2 . PHE A 1 95  ? -12.028 0.622   -0.232  1.00 36.79  ? 95  PHE A CD2 1 
ATOM   720  C CE1 . PHE A 1 95  ? -10.881 -1.378  -1.771  1.00 40.00  ? 95  PHE A CE1 1 
ATOM   721  C CE2 . PHE A 1 95  ? -10.861 0.880   -0.944  1.00 33.15  ? 95  PHE A CE2 1 
ATOM   722  C CZ  . PHE A 1 95  ? -10.289 -0.121  -1.719  1.00 39.08  ? 95  PHE A CZ  1 
ATOM   723  N N   . GLY A 1 96  ? -13.723 0.894   3.025   1.00 40.45  ? 96  GLY A N   1 
ATOM   724  C CA  . GLY A 1 96  ? -13.213 2.099   3.676   1.00 39.94  ? 96  GLY A CA  1 
ATOM   725  C C   . GLY A 1 96  ? -12.533 1.849   5.007   1.00 41.23  ? 96  GLY A C   1 
ATOM   726  O O   . GLY A 1 96  ? -11.434 2.350   5.246   1.00 38.88  ? 96  GLY A O   1 
ATOM   727  N N   . LEU A 1 97  ? -13.187 1.069   5.868   1.00 40.95  ? 97  LEU A N   1 
ATOM   728  C CA  . LEU A 1 97  ? -12.661 0.743   7.196   1.00 38.91  ? 97  LEU A CA  1 
ATOM   729  C C   . LEU A 1 97  ? -11.348 -0.038  7.142   1.00 37.39  ? 97  LEU A C   1 
ATOM   730  O O   . LEU A 1 97  ? -10.464 0.172   7.973   1.00 37.54  ? 97  LEU A O   1 
ATOM   731  C CB  . LEU A 1 97  ? -13.700 -0.026  8.022   1.00 41.06  ? 97  LEU A CB  1 
ATOM   732  C CG  . LEU A 1 97  ? -14.867 0.761   8.630   1.00 43.87  ? 97  LEU A CG  1 
ATOM   733  C CD1 . LEU A 1 97  ? -16.014 -0.175  8.986   1.00 40.15  ? 97  LEU A CD1 1 
ATOM   734  C CD2 . LEU A 1 97  ? -14.432 1.569   9.848   1.00 37.79  ? 97  LEU A CD2 1 
ATOM   735  N N   . ALA A 1 98  ? -11.229 -0.933  6.162   1.00 37.09  ? 98  ALA A N   1 
ATOM   736  C CA  . ALA A 1 98  ? -10.008 -1.710  5.955   1.00 37.26  ? 98  ALA A CA  1 
ATOM   737  C C   . ALA A 1 98  ? -8.906  -0.867  5.312   1.00 38.81  ? 98  ALA A C   1 
ATOM   738  O O   . ALA A 1 98  ? -7.722  -1.067  5.588   1.00 39.45  ? 98  ALA A O   1 
ATOM   739  C CB  . ALA A 1 98  ? -10.299 -2.940  5.108   1.00 34.76  ? 98  ALA A CB  1 
ATOM   740  N N   . PHE A 1 99  ? -9.312  0.072   4.459   1.00 39.67  ? 99  PHE A N   1 
ATOM   741  C CA  . PHE A 1 99  ? -8.388  0.960   3.754   1.00 39.41  ? 99  PHE A CA  1 
ATOM   742  C C   . PHE A 1 99  ? -7.803  2.023   4.685   1.00 40.12  ? 99  PHE A C   1 
ATOM   743  O O   . PHE A 1 99  ? -6.612  2.331   4.611   1.00 42.77  ? 99  PHE A O   1 
ATOM   744  C CB  . PHE A 1 99  ? -9.099  1.618   2.565   1.00 37.46  ? 99  PHE A CB  1 
ATOM   745  C CG  . PHE A 1 99  ? -8.183  2.371   1.639   1.00 39.27  ? 99  PHE A CG  1 
ATOM   746  C CD1 . PHE A 1 99  ? -7.435  1.697   0.677   1.00 36.56  ? 99  PHE A CD1 1 
ATOM   747  C CD2 . PHE A 1 99  ? -8.085  3.757   1.712   1.00 42.04  ? 99  PHE A CD2 1 
ATOM   748  C CE1 . PHE A 1 99  ? -6.591  2.391   -0.187  1.00 27.78  ? 99  PHE A CE1 1 
ATOM   749  C CE2 . PHE A 1 99  ? -7.244  4.460   0.854   1.00 36.99  ? 99  PHE A CE2 1 
ATOM   750  C CZ  . PHE A 1 99  ? -6.497  3.776   -0.099  1.00 37.68  ? 99  PHE A CZ  1 
ATOM   751  N N   . ILE A 1 100 ? -8.647  2.573   5.557   1.00 43.39  ? 100 ILE A N   1 
ATOM   752  C CA  . ILE A 1 100 ? -8.240  3.623   6.494   1.00 44.92  ? 100 ILE A CA  1 
ATOM   753  C C   . ILE A 1 100 ? -7.408  3.073   7.662   1.00 47.26  ? 100 ILE A C   1 
ATOM   754  O O   . ILE A 1 100 ? -6.590  3.792   8.240   1.00 47.26  ? 100 ILE A O   1 
ATOM   755  C CB  . ILE A 1 100 ? -9.470  4.443   7.007   1.00 46.18  ? 100 ILE A CB  1 
ATOM   756  C CG1 . ILE A 1 100 ? -9.046  5.812   7.556   1.00 45.94  ? 100 ILE A CG1 1 
ATOM   757  C CG2 . ILE A 1 100 ? -10.286 3.653   8.029   1.00 40.99  ? 100 ILE A CG2 1 
ATOM   758  C CD1 . ILE A 1 100 ? -8.754  6.852   6.489   1.00 55.69  ? 100 ILE A CD1 1 
ATOM   759  N N   . GLU A 1 101 ? -7.621  1.799   7.992   1.00 47.63  ? 101 GLU A N   1 
ATOM   760  C CA  . GLU A 1 101 ? -6.906  1.134   9.083   1.00 48.28  ? 101 GLU A CA  1 
ATOM   761  C C   . GLU A 1 101 ? -5.435  0.918   8.734   1.00 45.91  ? 101 GLU A C   1 
ATOM   762  O O   . GLU A 1 101 ? -4.564  1.030   9.597   1.00 44.25  ? 101 GLU A O   1 
ATOM   763  C CB  . GLU A 1 101 ? -7.573  -0.204  9.421   1.00 48.58  ? 101 GLU A CB  1 
ATOM   764  C CG  . GLU A 1 101 ? -7.105  -0.841  10.728  1.00 53.50  ? 101 GLU A CG  1 
ATOM   765  C CD  . GLU A 1 101 ? -7.696  -2.224  10.964  1.00 55.57  ? 101 GLU A CD  1 
ATOM   766  O OE1 . GLU A 1 101 ? -8.060  -2.906  9.982   1.00 64.56  ? 101 GLU A OE1 1 
ATOM   767  O OE2 . GLU A 1 101 ? -7.789  -2.633  12.141  1.00 64.06  ? 101 GLU A OE2 1 
ATOM   768  N N   . ILE A 1 102 ? -5.176  0.611   7.464   1.00 44.39  ? 102 ILE A N   1 
ATOM   769  C CA  . ILE A 1 102 ? -3.823  0.366   6.961   1.00 42.59  ? 102 ILE A CA  1 
ATOM   770  C C   . ILE A 1 102 ? -2.949  1.623   7.021   1.00 41.61  ? 102 ILE A C   1 
ATOM   771  O O   . ILE A 1 102 ? -1.819  1.577   7.514   1.00 42.04  ? 102 ILE A O   1 
ATOM   772  C CB  . ILE A 1 102 ? -3.862  -0.229  5.524   1.00 43.10  ? 102 ILE A CB  1 
ATOM   773  C CG1 . ILE A 1 102 ? -4.283  -1.703  5.578   1.00 43.14  ? 102 ILE A CG1 1 
ATOM   774  C CG2 . ILE A 1 102 ? -2.512  -0.075  4.819   1.00 43.01  ? 102 ILE A CG2 1 
ATOM   775  C CD1 . ILE A 1 102 ? -4.809  -2.255  4.267   1.00 40.01  ? 102 ILE A CD1 1 
ATOM   776  N N   . PHE A 1 103 ? -3.486  2.741   6.534   1.00 38.67  ? 103 PHE A N   1 
ATOM   777  C CA  . PHE A 1 103 ? -2.740  3.999   6.470   1.00 37.92  ? 103 PHE A CA  1 
ATOM   778  C C   . PHE A 1 103 ? -2.610  4.712   7.820   1.00 39.31  ? 103 PHE A C   1 
ATOM   779  O O   . PHE A 1 103 ? -1.818  5.647   7.955   1.00 40.43  ? 103 PHE A O   1 
ATOM   780  C CB  . PHE A 1 103 ? -3.343  4.932   5.415   1.00 38.32  ? 103 PHE A CB  1 
ATOM   781  C CG  . PHE A 1 103 ? -3.070  4.501   4.000   1.00 36.50  ? 103 PHE A CG  1 
ATOM   782  C CD1 . PHE A 1 103 ? -3.995  3.734   3.300   1.00 40.08  ? 103 PHE A CD1 1 
ATOM   783  C CD2 . PHE A 1 103 ? -1.881  4.856   3.369   1.00 39.04  ? 103 PHE A CD2 1 
ATOM   784  C CE1 . PHE A 1 103 ? -3.742  3.328   1.992   1.00 41.20  ? 103 PHE A CE1 1 
ATOM   785  C CE2 . PHE A 1 103 ? -1.619  4.455   2.061   1.00 43.01  ? 103 PHE A CE2 1 
ATOM   786  C CZ  . PHE A 1 103 ? -2.553  3.692   1.371   1.00 37.55  ? 103 PHE A CZ  1 
ATOM   787  N N   . ASN A 1 104 ? -3.381  4.267   8.810   1.00 40.71  ? 104 ASN A N   1 
ATOM   788  C CA  . ASN A 1 104 ? -3.291  4.816   10.165  1.00 38.37  ? 104 ASN A CA  1 
ATOM   789  C C   . ASN A 1 104 ? -2.412  3.984   11.105  1.00 38.41  ? 104 ASN A C   1 
ATOM   790  O O   . ASN A 1 104 ? -2.588  4.005   12.327  1.00 39.58  ? 104 ASN A O   1 
ATOM   791  C CB  . ASN A 1 104 ? -4.686  5.045   10.754  1.00 36.86  ? 104 ASN A CB  1 
ATOM   792  C CG  . ASN A 1 104 ? -5.307  6.349   10.288  1.00 41.85  ? 104 ASN A CG  1 
ATOM   793  O OD1 . ASN A 1 104 ? -4.742  7.427   10.483  1.00 39.86  ? 104 ASN A OD1 1 
ATOM   794  N ND2 . ASN A 1 104 ? -6.478  6.258   9.673   1.00 41.20  ? 104 ASN A ND2 1 
ATOM   795  N N   . GLN A 1 105 ? -1.463  3.259   10.517  1.00 37.44  ? 105 GLN A N   1 
ATOM   796  C CA  . GLN A 1 105 ? -0.451  2.520   11.265  1.00 38.36  ? 105 GLN A CA  1 
ATOM   797  C C   . GLN A 1 105 ? 0.906   3.199   11.074  1.00 38.05  ? 105 GLN A C   1 
ATOM   798  O O   . GLN A 1 105 ? 1.166   3.763   10.008  1.00 39.56  ? 105 GLN A O   1 
ATOM   799  C CB  . GLN A 1 105 ? -0.380  1.061   10.794  1.00 38.17  ? 105 GLN A CB  1 
ATOM   800  C CG  . GLN A 1 105 ? -1.696  0.281   10.875  1.00 44.51  ? 105 GLN A CG  1 
ATOM   801  C CD  . GLN A 1 105 ? -2.232  0.134   12.292  1.00 51.22  ? 105 GLN A CD  1 
ATOM   802  O OE1 . GLN A 1 105 ? -1.479  -0.112  13.237  1.00 56.28  ? 105 GLN A OE1 1 
ATOM   803  N NE2 . GLN A 1 105 ? -3.544  0.274   12.442  1.00 52.13  ? 105 GLN A NE2 1 
ATOM   804  N N   . PRO A 1 106 ? 1.775   3.153   12.107  1.00 36.95  ? 106 PRO A N   1 
ATOM   805  C CA  . PRO A 1 106 ? 3.104   3.777   12.035  1.00 38.33  ? 106 PRO A CA  1 
ATOM   806  C C   . PRO A 1 106 ? 3.998   3.215   10.925  1.00 39.48  ? 106 PRO A C   1 
ATOM   807  O O   . PRO A 1 106 ? 4.977   3.859   10.540  1.00 39.75  ? 106 PRO A O   1 
ATOM   808  C CB  . PRO A 1 106 ? 3.711   3.474   13.411  1.00 36.70  ? 106 PRO A CB  1 
ATOM   809  C CG  . PRO A 1 106 ? 2.937   2.315   13.932  1.00 37.30  ? 106 PRO A CG  1 
ATOM   810  C CD  . PRO A 1 106 ? 1.551   2.512   13.416  1.00 36.77  ? 106 PRO A CD  1 
ATOM   811  N N   . GLU A 1 107 ? 3.660   2.026   10.427  1.00 39.70  ? 107 GLU A N   1 
ATOM   812  C CA  . GLU A 1 107 ? 4.396   1.393   9.332   1.00 39.35  ? 107 GLU A CA  1 
ATOM   813  C C   . GLU A 1 107 ? 4.185   2.136   8.014   1.00 36.77  ? 107 GLU A C   1 
ATOM   814  O O   . GLU A 1 107 ? 5.151   2.473   7.328   1.00 35.73  ? 107 GLU A O   1 
ATOM   815  C CB  . GLU A 1 107 ? 3.999   -0.082  9.180   1.00 41.51  ? 107 GLU A CB  1 
ATOM   816  C CG  . GLU A 1 107 ? 4.476   -0.995  10.309  1.00 45.49  ? 107 GLU A CG  1 
ATOM   817  C CD  . GLU A 1 107 ? 3.575   -0.954  11.533  1.00 47.81  ? 107 GLU A CD  1 
ATOM   818  O OE1 . GLU A 1 107 ? 2.347   -1.135  11.384  1.00 50.88  ? 107 GLU A OE1 1 
ATOM   819  O OE2 . GLU A 1 107 ? 4.098   -0.746  12.647  1.00 58.29  ? 107 GLU A OE2 1 
ATOM   820  N N   . ALA A 1 108 ? 2.920   2.399   7.681   1.00 36.69  ? 108 ALA A N   1 
ATOM   821  C CA  . ALA A 1 108 ? 2.549   3.100   6.447   1.00 37.53  ? 108 ALA A CA  1 
ATOM   822  C C   . ALA A 1 108 ? 3.177   4.492   6.342   1.00 37.05  ? 108 ALA A C   1 
ATOM   823  O O   . ALA A 1 108 ? 3.424   4.987   5.240   1.00 39.80  ? 108 ALA A O   1 
ATOM   824  C CB  . ALA A 1 108 ? 1.034   3.191   6.326   1.00 36.86  ? 108 ALA A CB  1 
ATOM   825  N N   . VAL A 1 109 ? 3.429   5.109   7.494   1.00 34.88  ? 109 VAL A N   1 
ATOM   826  C CA  . VAL A 1 109 ? 4.097   6.406   7.562   1.00 34.62  ? 109 VAL A CA  1 
ATOM   827  C C   . VAL A 1 109 ? 5.599   6.242   7.318   1.00 33.73  ? 109 VAL A C   1 
ATOM   828  O O   . VAL A 1 109 ? 6.216   7.063   6.634   1.00 31.16  ? 109 VAL A O   1 
ATOM   829  C CB  . VAL A 1 109 ? 3.876   7.099   8.931   1.00 35.63  ? 109 VAL A CB  1 
ATOM   830  C CG1 . VAL A 1 109 ? 4.190   8.581   8.833   1.00 35.22  ? 109 VAL A CG1 1 
ATOM   831  C CG2 . VAL A 1 109 ? 2.449   6.899   9.417   1.00 30.28  ? 109 VAL A CG2 1 
ATOM   832  N N   . ALA A 1 110 ? 6.171   5.176   7.878   1.00 32.88  ? 110 ALA A N   1 
ATOM   833  C CA  . ALA A 1 110 ? 7.598   4.880   7.746   1.00 32.78  ? 110 ALA A CA  1 
ATOM   834  C C   . ALA A 1 110 ? 7.987   4.523   6.311   1.00 30.37  ? 110 ALA A C   1 
ATOM   835  O O   . ALA A 1 110 ? 9.044   4.937   5.832   1.00 30.47  ? 110 ALA A O   1 
ATOM   836  C CB  . ALA A 1 110 ? 8.002   3.765   8.705   1.00 33.98  ? 110 ALA A CB  1 
ATOM   837  N N   . PHE A 1 111 ? 7.130   3.757   5.637   1.00 31.84  ? 111 PHE A N   1 
ATOM   838  C CA  . PHE A 1 111 ? 7.346   3.404   4.233   1.00 31.81  ? 111 PHE A CA  1 
ATOM   839  C C   . PHE A 1 111 ? 7.039   4.580   3.310   1.00 30.67  ? 111 PHE A C   1 
ATOM   840  O O   . PHE A 1 111 ? 7.620   4.693   2.230   1.00 30.11  ? 111 PHE A O   1 
ATOM   841  C CB  . PHE A 1 111 ? 6.511   2.180   3.835   1.00 35.27  ? 111 PHE A CB  1 
ATOM   842  C CG  . PHE A 1 111 ? 6.854   0.931   4.602   1.00 40.79  ? 111 PHE A CG  1 
ATOM   843  C CD1 . PHE A 1 111 ? 5.896   0.298   5.386   1.00 49.81  ? 111 PHE A CD1 1 
ATOM   844  C CD2 . PHE A 1 111 ? 8.135   0.388   4.542   1.00 51.10  ? 111 PHE A CD2 1 
ATOM   845  C CE1 . PHE A 1 111 ? 6.207   -0.856  6.102   1.00 51.90  ? 111 PHE A CE1 1 
ATOM   846  C CE2 . PHE A 1 111 ? 8.455   -0.764  5.252   1.00 52.97  ? 111 PHE A CE2 1 
ATOM   847  C CZ  . PHE A 1 111 ? 7.489   -1.387  6.036   1.00 48.15  ? 111 PHE A CZ  1 
ATOM   848  N N   . GLY A 1 112 ? 6.126   5.447   3.746   1.00 27.16  ? 112 GLY A N   1 
ATOM   849  C CA  . GLY A 1 112 ? 5.784   6.665   3.016   1.00 28.31  ? 112 GLY A CA  1 
ATOM   850  C C   . GLY A 1 112 ? 6.945   7.640   2.936   1.00 25.07  ? 112 GLY A C   1 
ATOM   851  O O   . GLY A 1 112 ? 7.160   8.272   1.903   1.00 27.67  ? 112 GLY A O   1 
ATOM   852  N N   . LYS A 1 113 ? 7.693   7.750   4.034   1.00 26.25  ? 113 LYS A N   1 
ATOM   853  C CA  . LYS A 1 113 ? 8.883   8.605   4.102   1.00 27.68  ? 113 LYS A CA  1 
ATOM   854  C C   . LYS A 1 113 ? 9.973   8.157   3.129   1.00 27.59  ? 113 LYS A C   1 
ATOM   855  O O   . LYS A 1 113 ? 10.697  8.986   2.574   1.00 29.07  ? 113 LYS A O   1 
ATOM   856  C CB  . LYS A 1 113 ? 9.443   8.637   5.526   1.00 27.15  ? 113 LYS A CB  1 
ATOM   857  C CG  . LYS A 1 113 ? 8.619   9.451   6.510   1.00 27.29  ? 113 LYS A CG  1 
ATOM   858  C CD  . LYS A 1 113 ? 9.307   9.532   7.864   1.00 30.94  ? 113 LYS A CD  1 
ATOM   859  C CE  . LYS A 1 113 ? 8.651   10.570  8.764   1.00 38.79  ? 113 LYS A CE  1 
ATOM   860  N NZ  . LYS A 1 113 ? 8.892   11.965  8.295   1.00 49.28  ? 113 LYS A NZ  1 
ATOM   861  N N   . ILE A 1 114 ? 10.077  6.843   2.934   1.00 27.51  ? 114 ILE A N   1 
ATOM   862  C CA  . ILE A 1 114 ? 11.050  6.249   2.018   1.00 27.15  ? 114 ILE A CA  1 
ATOM   863  C C   . ILE A 1 114 ? 10.688  6.547   0.557   1.00 28.30  ? 114 ILE A C   1 
ATOM   864  O O   . ILE A 1 114 ? 11.563  6.866   -0.252  1.00 30.15  ? 114 ILE A O   1 
ATOM   865  C CB  . ILE A 1 114 ? 11.186  4.720   2.252   1.00 27.09  ? 114 ILE A CB  1 
ATOM   866  C CG1 . ILE A 1 114 ? 11.655  4.439   3.686   1.00 27.09  ? 114 ILE A CG1 1 
ATOM   867  C CG2 . ILE A 1 114 ? 12.145  4.096   1.242   1.00 28.04  ? 114 ILE A CG2 1 
ATOM   868  C CD1 . ILE A 1 114 ? 11.379  3.027   4.178   1.00 36.17  ? 114 ILE A CD1 1 
ATOM   869  N N   . ILE A 1 115 ? 9.398   6.449   0.237   1.00 27.67  ? 115 ILE A N   1 
ATOM   870  C CA  . ILE A 1 115 ? 8.892   6.741   -1.108  1.00 30.59  ? 115 ILE A CA  1 
ATOM   871  C C   . ILE A 1 115 ? 9.063   8.226   -1.451  1.00 31.97  ? 115 ILE A C   1 
ATOM   872  O O   . ILE A 1 115 ? 9.467   8.569   -2.565  1.00 34.71  ? 115 ILE A O   1 
ATOM   873  C CB  . ILE A 1 115 ? 7.404   6.307   -1.267  1.00 30.77  ? 115 ILE A CB  1 
ATOM   874  C CG1 . ILE A 1 115 ? 7.261   4.795   -1.047  1.00 33.32  ? 115 ILE A CG1 1 
ATOM   875  C CG2 . ILE A 1 115 ? 6.863   6.690   -2.649  1.00 31.69  ? 115 ILE A CG2 1 
ATOM   876  C CD1 . ILE A 1 115 ? 5.849   4.339   -0.706  1.00 31.16  ? 115 ILE A CD1 1 
ATOM   877  N N   . TYR A 1 116 ? 8.773   9.093   -0.483  1.00 31.24  ? 116 TYR A N   1 
ATOM   878  C CA  . TYR A 1 116 ? 8.878   10.544  -0.658  1.00 30.39  ? 116 TYR A CA  1 
ATOM   879  C C   . TYR A 1 116 ? 10.322  11.020  -0.845  1.00 31.52  ? 116 TYR A C   1 
ATOM   880  O O   . TYR A 1 116 ? 10.567  12.011  -1.534  1.00 31.62  ? 116 TYR A O   1 
ATOM   881  C CB  . TYR A 1 116 ? 8.225   11.272  0.525   1.00 30.03  ? 116 TYR A CB  1 
ATOM   882  C CG  . TYR A 1 116 ? 6.716   11.428  0.426   1.00 29.77  ? 116 TYR A CG  1 
ATOM   883  C CD1 . TYR A 1 116 ? 5.899   10.355  0.064   1.00 29.26  ? 116 TYR A CD1 1 
ATOM   884  C CD2 . TYR A 1 116 ? 6.104   12.647  0.720   1.00 23.38  ? 116 TYR A CD2 1 
ATOM   885  C CE1 . TYR A 1 116 ? 4.519   10.494  -0.020  1.00 29.13  ? 116 TYR A CE1 1 
ATOM   886  C CE2 . TYR A 1 116 ? 4.720   12.797  0.641   1.00 26.25  ? 116 TYR A CE2 1 
ATOM   887  C CZ  . TYR A 1 116 ? 3.937   11.714  0.269   1.00 31.02  ? 116 TYR A CZ  1 
ATOM   888  O OH  . TYR A 1 116 ? 2.570   11.847  0.186   1.00 34.45  ? 116 TYR A OH  1 
ATOM   889  N N   . SER A 1 117 ? 11.267  10.305  -0.236  1.00 30.94  ? 117 SER A N   1 
ATOM   890  C CA  . SER A 1 117 ? 12.689  10.648  -0.317  1.00 29.57  ? 117 SER A CA  1 
ATOM   891  C C   . SER A 1 117 ? 13.323  10.276  -1.661  1.00 31.60  ? 117 SER A C   1 
ATOM   892  O O   . SER A 1 117 ? 14.365  10.823  -2.033  1.00 33.29  ? 117 SER A O   1 
ATOM   893  C CB  . SER A 1 117 ? 13.466  9.994   0.830   1.00 30.83  ? 117 SER A CB  1 
ATOM   894  O OG  . SER A 1 117 ? 13.362  8.582   0.783   1.00 28.56  ? 117 SER A OG  1 
ATOM   895  N N   . GLN A 1 118 ? 12.690  9.351   -2.382  1.00 34.58  ? 118 GLN A N   1 
ATOM   896  C CA  . GLN A 1 118 ? 13.178  8.899   -3.688  1.00 36.60  ? 118 GLN A CA  1 
ATOM   897  C C   . GLN A 1 118 ? 12.632  9.754   -4.837  1.00 35.56  ? 118 GLN A C   1 
ATOM   898  O O   . GLN A 1 118 ? 12.478  9.274   -5.965  1.00 34.75  ? 118 GLN A O   1 
ATOM   899  C CB  . GLN A 1 118 ? 12.825  7.423   -3.909  1.00 37.59  ? 118 GLN A CB  1 
ATOM   900  C CG  . GLN A 1 118 ? 13.566  6.450   -2.999  1.00 39.66  ? 118 GLN A CG  1 
ATOM   901  C CD  . GLN A 1 118 ? 13.179  5.001   -3.245  1.00 46.42  ? 118 GLN A CD  1 
ATOM   902  O OE1 . GLN A 1 118 ? 12.736  4.304   -2.332  1.00 52.68  ? 118 GLN A OE1 1 
ATOM   903  N NE2 . GLN A 1 118 ? 13.344  4.542   -4.481  1.00 45.05  ? 118 GLN A NE2 1 
ATOM   904  N N   . VAL A 1 119 ? 12.355  11.021  -4.543  1.00 34.68  ? 119 VAL A N   1 
ATOM   905  C CA  . VAL A 1 119 ? 11.771  11.947  -5.514  1.00 35.10  ? 119 VAL A CA  1 
ATOM   906  C C   . VAL A 1 119 ? 12.801  12.447  -6.540  1.00 35.26  ? 119 VAL A C   1 
ATOM   907  O O   . VAL A 1 119 ? 12.438  12.808  -7.663  1.00 36.09  ? 119 VAL A O   1 
ATOM   908  C CB  . VAL A 1 119 ? 11.032  13.125  -4.799  1.00 35.54  ? 119 VAL A CB  1 
ATOM   909  C CG1 . VAL A 1 119 ? 12.012  14.056  -4.083  1.00 32.61  ? 119 VAL A CG1 1 
ATOM   910  C CG2 . VAL A 1 119 ? 10.149  13.895  -5.771  1.00 38.53  ? 119 VAL A CG2 1 
ATOM   911  N N   . TYR A 1 120 ? 14.076  12.451  -6.156  1.00 35.59  ? 120 TYR A N   1 
ATOM   912  C CA  . TYR A 1 120 ? 15.156  12.867  -7.054  1.00 41.78  ? 120 TYR A CA  1 
ATOM   913  C C   . TYR A 1 120 ? 16.012  11.694  -7.546  1.00 44.21  ? 120 TYR A C   1 
ATOM   914  O O   . TYR A 1 120 ? 17.176  11.876  -7.920  1.00 44.32  ? 120 TYR A O   1 
ATOM   915  C CB  . TYR A 1 120 ? 16.032  13.941  -6.394  1.00 38.73  ? 120 TYR A CB  1 
ATOM   916  C CG  . TYR A 1 120 ? 15.392  15.312  -6.328  1.00 38.39  ? 120 TYR A CG  1 
ATOM   917  C CD1 . TYR A 1 120 ? 15.005  15.863  -5.107  1.00 35.03  ? 120 TYR A CD1 1 
ATOM   918  C CD2 . TYR A 1 120 ? 15.175  16.061  -7.486  1.00 34.50  ? 120 TYR A CD2 1 
ATOM   919  C CE1 . TYR A 1 120 ? 14.417  17.123  -5.039  1.00 35.49  ? 120 TYR A CE1 1 
ATOM   920  C CE2 . TYR A 1 120 ? 14.586  17.321  -7.429  1.00 35.95  ? 120 TYR A CE2 1 
ATOM   921  C CZ  . TYR A 1 120 ? 14.211  17.845  -6.203  1.00 37.61  ? 120 TYR A CZ  1 
ATOM   922  O OH  . TYR A 1 120 ? 13.629  19.091  -6.140  1.00 37.57  ? 120 TYR A OH  1 
ATOM   923  N N   . ASP A 1 121 ? 15.428  10.497  -7.546  1.00 47.17  ? 121 ASP A N   1 
ATOM   924  C CA  . ASP A 1 121 ? 16.108  9.294   -8.025  1.00 46.88  ? 121 ASP A CA  1 
ATOM   925  C C   . ASP A 1 121 ? 16.231  9.314   -9.547  1.00 47.05  ? 121 ASP A C   1 
ATOM   926  O O   . ASP A 1 121 ? 15.243  9.519   -10.257 1.00 46.68  ? 121 ASP A O   1 
ATOM   927  C CB  . ASP A 1 121 ? 15.368  8.035   -7.559  1.00 47.40  ? 121 ASP A CB  1 
ATOM   928  C CG  . ASP A 1 121 ? 16.103  6.753   -7.917  1.00 51.98  ? 121 ASP A CG  1 
ATOM   929  O OD1 . ASP A 1 121 ? 17.308  6.637   -7.600  1.00 55.83  ? 121 ASP A OD1 1 
ATOM   930  O OD2 . ASP A 1 121 ? 15.470  5.854   -8.510  1.00 58.29  ? 121 ASP A OD2 1 
ATOM   931  N N   . LYS A 1 122 ? 17.450  9.102   -10.034 1.00 48.58  ? 122 LYS A N   1 
ATOM   932  C CA  . LYS A 1 122 ? 17.745  9.169   -11.465 1.00 51.22  ? 122 LYS A CA  1 
ATOM   933  C C   . LYS A 1 122 ? 17.478  7.835   -12.165 1.00 50.74  ? 122 LYS A C   1 
ATOM   934  O O   . LYS A 1 122 ? 17.221  7.800   -13.371 1.00 49.61  ? 122 LYS A O   1 
ATOM   935  C CB  . LYS A 1 122 ? 19.199  9.607   -11.682 1.00 52.62  ? 122 LYS A CB  1 
ATOM   936  C CG  . LYS A 1 122 ? 19.409  10.589  -12.835 1.00 56.46  ? 122 LYS A CG  1 
ATOM   937  C CD  . LYS A 1 122 ? 19.644  9.885   -14.167 1.00 62.84  ? 122 LYS A CD  1 
ATOM   938  C CE  . LYS A 1 122 ? 19.870  10.882  -15.297 1.00 62.83  ? 122 LYS A CE  1 
ATOM   939  N NZ  . LYS A 1 122 ? 18.639  11.654  -15.638 1.00 65.25  ? 122 LYS A NZ  1 
ATOM   940  N N   . ASP A 1 123 ? 17.529  6.745   -11.401 1.00 50.48  ? 123 ASP A N   1 
ATOM   941  C CA  . ASP A 1 123 ? 17.365  5.394   -11.944 1.00 51.95  ? 123 ASP A CA  1 
ATOM   942  C C   . ASP A 1 123 ? 15.904  4.989   -12.173 1.00 50.33  ? 123 ASP A C   1 
ATOM   943  O O   . ASP A 1 123 ? 15.636  3.979   -12.832 1.00 50.16  ? 123 ASP A O   1 
ATOM   944  C CB  . ASP A 1 123 ? 18.065  4.369   -11.045 1.00 52.92  ? 123 ASP A CB  1 
ATOM   945  C CG  . ASP A 1 123 ? 19.577  4.533   -11.031 1.00 57.42  ? 123 ASP A CG  1 
ATOM   946  O OD1 . ASP A 1 123 ? 20.162  4.530   -9.928  1.00 63.26  ? 123 ASP A OD1 1 
ATOM   947  O OD2 . ASP A 1 123 ? 20.181  4.666   -12.118 1.00 60.64  ? 123 ASP A OD2 1 
ATOM   948  N N   . ARG A 1 124 ? 14.976  5.779   -11.629 1.00 49.52  ? 124 ARG A N   1 
ATOM   949  C CA  . ARG A 1 124 ? 13.528  5.561   -11.780 1.00 48.01  ? 124 ARG A CA  1 
ATOM   950  C C   . ARG A 1 124 ? 13.045  4.205   -11.247 1.00 43.65  ? 124 ARG A C   1 
ATOM   951  O O   . ARG A 1 124 ? 12.368  3.453   -11.953 1.00 40.57  ? 124 ARG A O   1 
ATOM   952  C CB  . ARG A 1 124 ? 13.086  5.757   -13.239 1.00 49.94  ? 124 ARG A CB  1 
ATOM   953  C CG  . ARG A 1 124 ? 12.943  7.208   -13.674 1.00 52.96  ? 124 ARG A CG  1 
ATOM   954  C CD  . ARG A 1 124 ? 12.580  7.324   -15.155 1.00 56.20  ? 124 ARG A CD  1 
ATOM   955  N NE  . ARG A 1 124 ? 11.241  6.811   -15.455 1.00 65.77  ? 124 ARG A NE  1 
ATOM   956  C CZ  . ARG A 1 124 ? 10.989  5.644   -16.047 1.00 63.90  ? 124 ARG A CZ  1 
ATOM   957  N NH1 . ARG A 1 124 ? 11.982  4.844   -16.415 1.00 66.10  ? 124 ARG A NH1 1 
ATOM   958  N NH2 . ARG A 1 124 ? 9.735   5.277   -16.271 1.00 60.66  ? 124 ARG A NH2 1 
ATOM   959  N N   . HIS A 1 125 ? 13.396  3.907   -9.997  1.00 38.78  ? 125 HIS A N   1 
ATOM   960  C CA  . HIS A 1 125 ? 12.920  2.697   -9.325  1.00 38.74  ? 125 HIS A CA  1 
ATOM   961  C C   . HIS A 1 125 ? 11.459  2.848   -8.909  1.00 38.54  ? 125 HIS A C   1 
ATOM   962  O O   . HIS A 1 125 ? 10.698  1.877   -8.916  1.00 36.76  ? 125 HIS A O   1 
ATOM   963  C CB  . HIS A 1 125 ? 13.777  2.386   -8.096  1.00 39.98  ? 125 HIS A CB  1 
ATOM   964  C CG  . HIS A 1 125 ? 15.198  2.046   -8.417  1.00 44.48  ? 125 HIS A CG  1 
ATOM   965  N ND1 . HIS A 1 125 ? 15.578  0.813   -8.902  1.00 52.03  ? 125 HIS A ND1 1 
ATOM   966  C CD2 . HIS A 1 125 ? 16.334  2.776   -8.315  1.00 45.12  ? 125 HIS A CD2 1 
ATOM   967  C CE1 . HIS A 1 125 ? 16.887  0.800   -9.088  1.00 52.36  ? 125 HIS A CE1 1 
ATOM   968  N NE2 . HIS A 1 125 ? 17.369  1.978   -8.738  1.00 47.37  ? 125 HIS A NE2 1 
ATOM   969  N N   . LEU A 1 126 ? 11.086  4.073   -8.547  1.00 36.84  ? 126 LEU A N   1 
ATOM   970  C CA  . LEU A 1 126 ? 9.729   4.402   -8.123  1.00 36.27  ? 126 LEU A CA  1 
ATOM   971  C C   . LEU A 1 126 ? 8.776   4.407   -9.319  1.00 33.71  ? 126 LEU A C   1 
ATOM   972  O O   . LEU A 1 126 ? 7.622   3.990   -9.204  1.00 29.06  ? 126 LEU A O   1 
ATOM   973  C CB  . LEU A 1 126 ? 9.717   5.773   -7.441  1.00 37.76  ? 126 LEU A CB  1 
ATOM   974  C CG  . LEU A 1 126 ? 8.925   5.989   -6.147  1.00 42.88  ? 126 LEU A CG  1 
ATOM   975  C CD1 . LEU A 1 126 ? 9.256   7.361   -5.583  1.00 41.45  ? 126 LEU A CD1 1 
ATOM   976  C CD2 . LEU A 1 126 ? 7.420   5.847   -6.344  1.00 39.04  ? 126 LEU A CD2 1 
ATOM   977  N N   . ALA A 1 127 ? 9.275   4.882   -10.460 1.00 33.98  ? 127 ALA A N   1 
ATOM   978  C CA  . ALA A 1 127 ? 8.493   4.957   -11.694 1.00 34.92  ? 127 ALA A CA  1 
ATOM   979  C C   . ALA A 1 127 ? 8.224   3.579   -12.293 1.00 34.20  ? 127 ALA A C   1 
ATOM   980  O O   . ALA A 1 127 ? 7.131   3.320   -12.798 1.00 37.15  ? 127 ALA A O   1 
ATOM   981  C CB  . ALA A 1 127 ? 9.188   5.856   -12.709 1.00 32.71  ? 127 ALA A CB  1 
ATOM   982  N N   . ASN A 1 128 ? 9.226   2.704   -12.230 1.00 35.62  ? 128 ASN A N   1 
ATOM   983  C CA  . ASN A 1 128 ? 9.113   1.348   -12.764 1.00 38.33  ? 128 ASN A CA  1 
ATOM   984  C C   . ASN A 1 128 ? 8.249   0.425   -11.908 1.00 37.85  ? 128 ASN A C   1 
ATOM   985  O O   . ASN A 1 128 ? 7.651   -0.520  -12.423 1.00 38.05  ? 128 ASN A O   1 
ATOM   986  C CB  . ASN A 1 128 ? 10.501  0.733   -12.973 1.00 36.58  ? 128 ASN A CB  1 
ATOM   987  C CG  . ASN A 1 128 ? 11.271  1.390   -14.107 1.00 40.18  ? 128 ASN A CG  1 
ATOM   988  O OD1 . ASN A 1 128 ? 10.696  1.790   -15.122 1.00 42.41  ? 128 ASN A OD1 1 
ATOM   989  N ND2 . ASN A 1 128 ? 12.585  1.494   -13.943 1.00 42.24  ? 128 ASN A ND2 1 
ATOM   990  N N   . TRP A 1 129 ? 8.187   0.701   -10.606 1.00 36.48  ? 129 TRP A N   1 
ATOM   991  C CA  . TRP A 1 129 ? 7.399   -0.112  -9.681  1.00 36.33  ? 129 TRP A CA  1 
ATOM   992  C C   . TRP A 1 129 ? 5.900   0.173   -9.783  1.00 37.18  ? 129 TRP A C   1 
ATOM   993  O O   . TRP A 1 129 ? 5.096   -0.759  -9.810  1.00 36.36  ? 129 TRP A O   1 
ATOM   994  C CB  . TRP A 1 129 ? 7.884   0.071   -8.238  1.00 37.62  ? 129 TRP A CB  1 
ATOM   995  C CG  . TRP A 1 129 ? 7.168   -0.806  -7.248  1.00 39.42  ? 129 TRP A CG  1 
ATOM   996  C CD1 . TRP A 1 129 ? 7.444   -2.112  -6.959  1.00 39.61  ? 129 TRP A CD1 1 
ATOM   997  C CD2 . TRP A 1 129 ? 6.060   -0.438  -6.416  1.00 41.10  ? 129 TRP A CD2 1 
ATOM   998  N NE1 . TRP A 1 129 ? 6.577   -2.581  -6.001  1.00 40.06  ? 129 TRP A NE1 1 
ATOM   999  C CE2 . TRP A 1 129 ? 5.716   -1.574  -5.650  1.00 38.73  ? 129 TRP A CE2 1 
ATOM   1000 C CE3 . TRP A 1 129 ? 5.322   0.742   -6.245  1.00 40.94  ? 129 TRP A CE3 1 
ATOM   1001 C CZ2 . TRP A 1 129 ? 4.666   -1.567  -4.725  1.00 43.36  ? 129 TRP A CZ2 1 
ATOM   1002 C CZ3 . TRP A 1 129 ? 4.278   0.750   -5.325  1.00 44.57  ? 129 TRP A CZ3 1 
ATOM   1003 C CH2 . TRP A 1 129 ? 3.962   -0.399  -4.578  1.00 44.03  ? 129 TRP A CH2 1 
ATOM   1004 N N   . ILE A 1 130 ? 5.533   1.453   -9.842  1.00 36.58  ? 130 ILE A N   1 
ATOM   1005 C CA  . ILE A 1 130 ? 4.126   1.858   -9.941  1.00 39.09  ? 130 ILE A CA  1 
ATOM   1006 C C   . ILE A 1 130 ? 3.511   1.458   -11.285 1.00 39.56  ? 130 ILE A C   1 
ATOM   1007 O O   . ILE A 1 130 ? 2.407   0.909   -11.329 1.00 37.34  ? 130 ILE A O   1 
ATOM   1008 C CB  . ILE A 1 130 ? 3.937   3.383   -9.675  1.00 40.20  ? 130 ILE A CB  1 
ATOM   1009 C CG1 . ILE A 1 130 ? 4.251   3.713   -8.210  1.00 43.97  ? 130 ILE A CG1 1 
ATOM   1010 C CG2 . ILE A 1 130 ? 2.516   3.834   -10.036 1.00 40.57  ? 130 ILE A CG2 1 
ATOM   1011 C CD1 . ILE A 1 130 ? 4.124   5.186   -7.849  1.00 41.39  ? 130 ILE A CD1 1 
ATOM   1012 N N   . GLU A 1 131 ? 4.242   1.717   -12.368 1.00 41.71  ? 131 GLU A N   1 
ATOM   1013 C CA  . GLU A 1 131 ? 3.766   1.443   -13.728 1.00 47.77  ? 131 GLU A CA  1 
ATOM   1014 C C   . GLU A 1 131 ? 3.650   -0.051  -14.055 1.00 46.85  ? 131 GLU A C   1 
ATOM   1015 O O   . GLU A 1 131 ? 2.919   -0.431  -14.973 1.00 48.02  ? 131 GLU A O   1 
ATOM   1016 C CB  . GLU A 1 131 ? 4.655   2.145   -14.759 1.00 47.24  ? 131 GLU A CB  1 
ATOM   1017 C CG  . GLU A 1 131 ? 4.471   3.661   -14.815 1.00 56.93  ? 131 GLU A CG  1 
ATOM   1018 C CD  . GLU A 1 131 ? 5.545   4.366   -15.628 1.00 56.00  ? 131 GLU A CD  1 
ATOM   1019 O OE1 . GLU A 1 131 ? 6.033   3.787   -16.623 1.00 62.10  ? 131 GLU A OE1 1 
ATOM   1020 O OE2 . GLU A 1 131 ? 5.899   5.511   -15.273 1.00 62.64  ? 131 GLU A OE2 1 
ATOM   1021 N N   . ASN A 1 132 ? 4.365   -0.887  -13.303 1.00 45.45  ? 132 ASN A N   1 
ATOM   1022 C CA  . ASN A 1 132 ? 4.327   -2.337  -13.505 1.00 46.45  ? 132 ASN A CA  1 
ATOM   1023 C C   . ASN A 1 132 ? 3.515   -3.099  -12.451 1.00 46.63  ? 132 ASN A C   1 
ATOM   1024 O O   . ASN A 1 132 ? 3.222   -4.285  -12.626 1.00 48.18  ? 132 ASN A O   1 
ATOM   1025 C CB  . ASN A 1 132 ? 5.748   -2.908  -13.610 1.00 43.37  ? 132 ASN A CB  1 
ATOM   1026 C CG  . ASN A 1 132 ? 6.449   -2.503  -14.899 1.00 45.52  ? 132 ASN A CG  1 
ATOM   1027 O OD1 . ASN A 1 132 ? 5.889   -2.615  -15.990 1.00 48.94  ? 132 ASN A OD1 1 
ATOM   1028 N ND2 . ASN A 1 132 ? 7.687   -2.040  -14.775 1.00 45.37  ? 132 ASN A ND2 1 
ATOM   1029 N N   . ASN A 1 133 ? 3.151   -2.414  -11.368 1.00 47.84  ? 133 ASN A N   1 
ATOM   1030 C CA  . ASN A 1 133 ? 2.314   -3.005  -10.320 1.00 50.46  ? 133 ASN A CA  1 
ATOM   1031 C C   . ASN A 1 133 ? 0.968   -2.289  -10.173 1.00 50.95  ? 133 ASN A C   1 
ATOM   1032 O O   . ASN A 1 133 ? 0.422   -2.189  -9.072  1.00 49.85  ? 133 ASN A O   1 
ATOM   1033 C CB  . ASN A 1 133 ? 3.058   -3.039  -8.977  1.00 51.21  ? 133 ASN A CB  1 
ATOM   1034 C CG  . ASN A 1 133 ? 4.236   -3.999  -8.981  1.00 55.05  ? 133 ASN A CG  1 
ATOM   1035 O OD1 . ASN A 1 133 ? 4.161   -5.089  -8.415  1.00 62.64  ? 133 ASN A OD1 1 
ATOM   1036 N ND2 . ASN A 1 133 ? 5.331   -3.597  -9.618  1.00 54.14  ? 133 ASN A ND2 1 
ATOM   1037 N N   . GLN A 1 134 ? 0.439   -1.810  -11.299 1.00 53.40  ? 134 GLN A N   1 
ATOM   1038 C CA  . GLN A 1 134 ? -0.821  -1.067  -11.335 1.00 57.47  ? 134 GLN A CA  1 
ATOM   1039 C C   . GLN A 1 134 ? -2.029  -1.953  -11.018 1.00 58.31  ? 134 GLN A C   1 
ATOM   1040 O O   . GLN A 1 134 ? -3.014  -1.487  -10.439 1.00 58.66  ? 134 GLN A O   1 
ATOM   1041 C CB  . GLN A 1 134 ? -1.000  -0.394  -12.701 1.00 58.44  ? 134 GLN A CB  1 
ATOM   1042 C CG  . GLN A 1 134 ? -1.998  0.768   -12.725 1.00 64.01  ? 134 GLN A CG  1 
ATOM   1043 C CD  . GLN A 1 134 ? -1.410  2.091   -12.245 1.00 69.81  ? 134 GLN A CD  1 
ATOM   1044 O OE1 . GLN A 1 134 ? -0.263  2.159   -11.798 1.00 70.41  ? 134 GLN A OE1 1 
ATOM   1045 N NE2 . GLN A 1 134 ? -2.202  3.153   -12.338 1.00 71.06  ? 134 GLN A NE2 1 
ATOM   1046 N N   . GLN A 1 135 ? -1.940  -3.227  -11.396 1.00 58.36  ? 135 GLN A N   1 
ATOM   1047 C CA  . GLN A 1 135 ? -3.019  -4.192  -11.170 1.00 59.44  ? 135 GLN A CA  1 
ATOM   1048 C C   . GLN A 1 135 ? -3.048  -4.735  -9.738  1.00 59.23  ? 135 GLN A C   1 
ATOM   1049 O O   . GLN A 1 135 ? -4.046  -5.323  -9.311  1.00 60.98  ? 135 GLN A O   1 
ATOM   1050 C CB  . GLN A 1 135 ? -2.944  -5.343  -12.188 1.00 59.62  ? 135 GLN A CB  1 
ATOM   1051 C CG  . GLN A 1 135 ? -1.778  -6.325  -11.997 1.00 59.36  ? 135 GLN A CG  1 
ATOM   1052 C CD  . GLN A 1 135 ? -0.435  -5.786  -12.475 1.00 62.21  ? 135 GLN A CD  1 
ATOM   1053 O OE1 . GLN A 1 135 ? -0.369  -4.837  -13.259 1.00 58.16  ? 135 GLN A OE1 1 
ATOM   1054 N NE2 . GLN A 1 135 ? 0.645   -6.399  -12.003 1.00 57.11  ? 135 GLN A NE2 1 
ATOM   1055 N N   . ASN A 1 136 ? -1.955  -4.529  -9.003  1.00 57.63  ? 136 ASN A N   1 
ATOM   1056 C CA  . ASN A 1 136 ? -1.827  -5.021  -7.631  1.00 56.50  ? 136 ASN A CA  1 
ATOM   1057 C C   . ASN A 1 136 ? -2.326  -4.052  -6.555  1.00 53.93  ? 136 ASN A C   1 
ATOM   1058 O O   . ASN A 1 136 ? -2.472  -4.438  -5.392  1.00 53.16  ? 136 ASN A O   1 
ATOM   1059 C CB  . ASN A 1 136 ? -0.377  -5.431  -7.340  1.00 58.22  ? 136 ASN A CB  1 
ATOM   1060 C CG  . ASN A 1 136 ? -0.020  -6.788  -7.929  1.00 62.44  ? 136 ASN A CG  1 
ATOM   1061 O OD1 . ASN A 1 136 ? -0.547  -7.194  -8.966  1.00 65.08  ? 136 ASN A OD1 1 
ATOM   1062 N ND2 . ASN A 1 136 ? 0.890   -7.494  -7.266  1.00 66.93  ? 136 ASN A ND2 1 
ATOM   1063 N N   . PHE A 1 137 ? -2.582  -2.803  -6.944  1.00 51.92  ? 137 PHE A N   1 
ATOM   1064 C CA  . PHE A 1 137 ? -3.088  -1.792  -6.013  1.00 51.16  ? 137 PHE A CA  1 
ATOM   1065 C C   . PHE A 1 137 ? -4.525  -2.083  -5.575  1.00 49.84  ? 137 PHE A C   1 
ATOM   1066 O O   . PHE A 1 137 ? -5.289  -2.724  -6.302  1.00 47.12  ? 137 PHE A O   1 
ATOM   1067 C CB  . PHE A 1 137 ? -2.978  -0.384  -6.609  1.00 52.41  ? 137 PHE A CB  1 
ATOM   1068 C CG  . PHE A 1 137 ? -1.562  0.114   -6.751  1.00 56.17  ? 137 PHE A CG  1 
ATOM   1069 C CD1 . PHE A 1 137 ? -1.061  0.468   -8.000  1.00 56.96  ? 137 PHE A CD1 1 
ATOM   1070 C CD2 . PHE A 1 137 ? -0.732  0.236   -5.638  1.00 57.40  ? 137 PHE A CD2 1 
ATOM   1071 C CE1 . PHE A 1 137 ? 0.245   0.933   -8.142  1.00 61.08  ? 137 PHE A CE1 1 
ATOM   1072 C CE2 . PHE A 1 137 ? 0.577   0.698   -5.770  1.00 59.57  ? 137 PHE A CE2 1 
ATOM   1073 C CZ  . PHE A 1 137 ? 1.066   1.047   -7.024  1.00 56.75  ? 137 PHE A CZ  1 
ATOM   1074 N N   . SER A 1 138 ? -4.880  -1.598  -4.388  1.00 49.57  ? 138 SER A N   1 
ATOM   1075 C CA  . SER A 1 138 ? -6.148  -1.942  -3.740  1.00 51.40  ? 138 SER A CA  1 
ATOM   1076 C C   . SER A 1 138 ? -7.386  -1.244  -4.313  1.00 50.13  ? 138 SER A C   1 
ATOM   1077 O O   . SER A 1 138 ? -8.514  -1.630  -3.996  1.00 50.79  ? 138 SER A O   1 
ATOM   1078 C CB  . SER A 1 138 ? -6.057  -1.700  -2.228  1.00 51.49  ? 138 SER A CB  1 
ATOM   1079 O OG  . SER A 1 138 ? -5.777  -0.340  -1.942  1.00 55.51  ? 138 SER A OG  1 
ATOM   1080 N N   . TYR A 1 139 ? -7.182  -0.232  -5.156  1.00 49.32  ? 139 TYR A N   1 
ATOM   1081 C CA  . TYR A 1 139 ? -8.300  0.468   -5.799  1.00 48.39  ? 139 TYR A CA  1 
ATOM   1082 C C   . TYR A 1 139 ? -8.976  -0.392  -6.872  1.00 48.40  ? 139 TYR A C   1 
ATOM   1083 O O   . TYR A 1 139 ? -10.128 -0.149  -7.238  1.00 47.59  ? 139 TYR A O   1 
ATOM   1084 C CB  . TYR A 1 139 ? -7.862  1.827   -6.369  1.00 47.79  ? 139 TYR A CB  1 
ATOM   1085 C CG  . TYR A 1 139 ? -7.094  1.765   -7.676  1.00 52.92  ? 139 TYR A CG  1 
ATOM   1086 C CD1 . TYR A 1 139 ? -5.703  1.676   -7.685  1.00 54.96  ? 139 TYR A CD1 1 
ATOM   1087 C CD2 . TYR A 1 139 ? -7.759  1.815   -8.902  1.00 55.24  ? 139 TYR A CD2 1 
ATOM   1088 C CE1 . TYR A 1 139 ? -4.993  1.625   -8.882  1.00 54.80  ? 139 TYR A CE1 1 
ATOM   1089 C CE2 . TYR A 1 139 ? -7.058  1.764   -10.104 1.00 56.45  ? 139 TYR A CE2 1 
ATOM   1090 C CZ  . TYR A 1 139 ? -5.677  1.670   -10.086 1.00 55.74  ? 139 TYR A CZ  1 
ATOM   1091 O OH  . TYR A 1 139 ? -4.980  1.620   -11.271 1.00 54.32  ? 139 TYR A OH  1 
ATOM   1092 N N   . ASN A 1 140 ? -8.247  -1.393  -7.364  1.00 48.98  ? 140 ASN A N   1 
ATOM   1093 C CA  . ASN A 1 140 ? -8.760  -2.340  -8.358  1.00 49.05  ? 140 ASN A CA  1 
ATOM   1094 C C   . ASN A 1 140 ? -9.872  -3.237  -7.814  1.00 49.93  ? 140 ASN A C   1 
ATOM   1095 O O   . ASN A 1 140 ? -10.658 -3.794  -8.585  1.00 50.73  ? 140 ASN A O   1 
ATOM   1096 C CB  . ASN A 1 140 ? -7.620  -3.196  -8.917  1.00 49.09  ? 140 ASN A CB  1 
ATOM   1097 C CG  . ASN A 1 140 ? -6.605  -2.381  -9.698  1.00 50.26  ? 140 ASN A CG  1 
ATOM   1098 O OD1 . ASN A 1 140 ? -6.934  -1.750  -10.704 1.00 50.42  ? 140 ASN A OD1 1 
ATOM   1099 N ND2 . ASN A 1 140 ? -5.358  -2.400  -9.243  1.00 44.36  ? 140 ASN A ND2 1 
ATOM   1100 N N   . ILE A 1 141 ? -9.924  -3.374  -6.490  1.00 50.04  ? 141 ILE A N   1 
ATOM   1101 C CA  . ILE A 1 141 ? -10.978 -4.133  -5.816  1.00 50.05  ? 141 ILE A CA  1 
ATOM   1102 C C   . ILE A 1 141 ? -12.330 -3.438  -5.998  1.00 51.73  ? 141 ILE A C   1 
ATOM   1103 O O   . ILE A 1 141 ? -13.316 -4.081  -6.364  1.00 52.24  ? 141 ILE A O   1 
ATOM   1104 C CB  . ILE A 1 141 ? -10.673 -4.339  -4.306  1.00 50.51  ? 141 ILE A CB  1 
ATOM   1105 C CG1 . ILE A 1 141 ? -9.277  -4.944  -4.114  1.00 47.95  ? 141 ILE A CG1 1 
ATOM   1106 C CG2 . ILE A 1 141 ? -11.734 -5.227  -3.659  1.00 49.60  ? 141 ILE A CG2 1 
ATOM   1107 C CD1 . ILE A 1 141 ? -8.711  -4.796  -2.709  1.00 46.78  ? 141 ILE A CD1 1 
ATOM   1108 N N   . LEU A 1 142 ? -12.361 -2.127  -5.754  1.00 52.00  ? 142 LEU A N   1 
ATOM   1109 C CA  . LEU A 1 142 ? -13.564 -1.315  -5.957  1.00 53.95  ? 142 LEU A CA  1 
ATOM   1110 C C   . LEU A 1 142 ? -13.957 -1.238  -7.429  1.00 55.18  ? 142 LEU A C   1 
ATOM   1111 O O   . LEU A 1 142 ? -15.143 -1.259  -7.759  1.00 54.38  ? 142 LEU A O   1 
ATOM   1112 C CB  . LEU A 1 142 ? -13.368 0.103   -5.413  1.00 53.43  ? 142 LEU A CB  1 
ATOM   1113 C CG  . LEU A 1 142 ? -13.359 0.367   -3.906  1.00 54.76  ? 142 LEU A CG  1 
ATOM   1114 C CD1 . LEU A 1 142 ? -12.950 1.807   -3.660  1.00 53.21  ? 142 LEU A CD1 1 
ATOM   1115 C CD2 . LEU A 1 142 ? -14.711 0.076   -3.263  1.00 59.51  ? 142 LEU A CD2 1 
ATOM   1116 N N   . MET A 1 143 ? -12.952 -1.153  -8.302  1.00 56.65  ? 143 MET A N   1 
ATOM   1117 C CA  . MET A 1 143 ? -13.153 -1.062  -9.750  1.00 57.24  ? 143 MET A CA  1 
ATOM   1118 C C   . MET A 1 143 ? -14.009 -2.211  -10.288 1.00 57.99  ? 143 MET A C   1 
ATOM   1119 O O   . MET A 1 143 ? -14.780 -2.030  -11.233 1.00 59.20  ? 143 MET A O   1 
ATOM   1120 C CB  . MET A 1 143 ? -11.800 -1.021  -10.470 1.00 58.08  ? 143 MET A CB  1 
ATOM   1121 C CG  . MET A 1 143 ? -11.860 -0.508  -11.907 1.00 57.59  ? 143 MET A CG  1 
ATOM   1122 S SD  . MET A 1 143 ? -10.246 -0.449  -12.715 1.00 54.96  ? 143 MET A SD  1 
ATOM   1123 C CE  . MET A 1 143 ? -9.934  -2.188  -13.015 1.00 58.59  ? 143 MET A CE  1 
ATOM   1124 N N   . GLY A 1 144 ? -13.866 -3.385  -9.676  1.00 57.87  ? 144 GLY A N   1 
ATOM   1125 C CA  . GLY A 1 144 ? -14.680 -4.550  -10.010 1.00 58.35  ? 144 GLY A CA  1 
ATOM   1126 C C   . GLY A 1 144 ? -16.118 -4.419  -9.539  1.00 59.04  ? 144 GLY A C   1 
ATOM   1127 O O   . GLY A 1 144 ? -17.041 -4.864  -10.222 1.00 58.81  ? 144 GLY A O   1 
ATOM   1128 N N   . PHE A 1 145 ? -16.303 -3.808  -8.368  1.00 58.97  ? 145 PHE A N   1 
ATOM   1129 C CA  . PHE A 1 145 ? -17.633 -3.595  -7.791  1.00 59.69  ? 145 PHE A CA  1 
ATOM   1130 C C   . PHE A 1 145 ? -18.459 -2.561  -8.558  1.00 59.86  ? 145 PHE A C   1 
ATOM   1131 O O   . PHE A 1 145 ? -19.682 -2.683  -8.647  1.00 60.93  ? 145 PHE A O   1 
ATOM   1132 C CB  . PHE A 1 145 ? -17.529 -3.190  -6.317  1.00 59.48  ? 145 PHE A CB  1 
ATOM   1133 C CG  . PHE A 1 145 ? -17.338 -4.348  -5.374  1.00 63.32  ? 145 PHE A CG  1 
ATOM   1134 C CD1 . PHE A 1 145 ? -16.063 -4.746  -4.990  1.00 64.01  ? 145 PHE A CD1 1 
ATOM   1135 C CD2 . PHE A 1 145 ? -18.437 -5.035  -4.866  1.00 68.86  ? 145 PHE A CD2 1 
ATOM   1136 C CE1 . PHE A 1 145 ? -15.881 -5.816  -4.115  1.00 67.32  ? 145 PHE A CE1 1 
ATOM   1137 C CE2 . PHE A 1 145 ? -18.267 -6.105  -3.991  1.00 67.36  ? 145 PHE A CE2 1 
ATOM   1138 C CZ  . PHE A 1 145 ? -16.986 -6.497  -3.616  1.00 65.25  ? 145 PHE A CZ  1 
ATOM   1139 N N   . PHE A 1 146 ? -17.786 -1.548  -9.104  1.00 59.43  ? 146 PHE A N   1 
ATOM   1140 C CA  . PHE A 1 146 ? -18.449 -0.513  -9.900  1.00 60.27  ? 146 PHE A CA  1 
ATOM   1141 C C   . PHE A 1 146 ? -18.865 -1.021  -11.282 1.00 62.44  ? 146 PHE A C   1 
ATOM   1142 O O   . PHE A 1 146 ? -19.841 -0.535  -11.858 1.00 62.10  ? 146 PHE A O   1 
ATOM   1143 C CB  . PHE A 1 146 ? -17.559 0.729   -10.042 1.00 58.67  ? 146 PHE A CB  1 
ATOM   1144 C CG  . PHE A 1 146 ? -17.387 1.513   -8.766  1.00 56.28  ? 146 PHE A CG  1 
ATOM   1145 C CD1 . PHE A 1 146 ? -16.129 1.653   -8.188  1.00 51.17  ? 146 PHE A CD1 1 
ATOM   1146 C CD2 . PHE A 1 146 ? -18.479 2.118   -8.148  1.00 51.19  ? 146 PHE A CD2 1 
ATOM   1147 C CE1 . PHE A 1 146 ? -15.960 2.378   -7.010  1.00 51.93  ? 146 PHE A CE1 1 
ATOM   1148 C CE2 . PHE A 1 146 ? -18.321 2.845   -6.969  1.00 49.36  ? 146 PHE A CE2 1 
ATOM   1149 C CZ  . PHE A 1 146 ? -17.058 2.975   -6.400  1.00 52.95  ? 146 PHE A CZ  1 
ATOM   1150 N N   . LYS A 1 147 ? -18.119 -1.993  -11.804 1.00 65.35  ? 147 LYS A N   1 
ATOM   1151 C CA  . LYS A 1 147 ? -18.387 -2.566  -13.125 1.00 68.49  ? 147 LYS A CA  1 
ATOM   1152 C C   . LYS A 1 147 ? -19.496 -3.619  -13.112 1.00 70.65  ? 147 LYS A C   1 
ATOM   1153 O O   . LYS A 1 147 ? -20.194 -3.801  -14.112 1.00 71.26  ? 147 LYS A O   1 
ATOM   1154 C CB  . LYS A 1 147 ? -17.107 -3.145  -13.733 1.00 68.19  ? 147 LYS A CB  1 
ATOM   1155 C CG  . LYS A 1 147 ? -16.217 -2.102  -14.388 1.00 69.68  ? 147 LYS A CG  1 
ATOM   1156 C CD  . LYS A 1 147 ? -14.846 -2.663  -14.729 1.00 73.39  ? 147 LYS A CD  1 
ATOM   1157 C CE  . LYS A 1 147 ? -13.983 -1.643  -15.461 1.00 78.88  ? 147 LYS A CE  1 
ATOM   1158 N NZ  . LYS A 1 147 ? -14.481 -1.349  -16.836 1.00 81.23  ? 147 LYS A NZ  1 
ATOM   1159 N N   . GLN A 1 148 ? -19.653 -4.305  -11.981 1.00 73.05  ? 148 GLN A N   1 
ATOM   1160 C CA  . GLN A 1 148 ? -20.723 -5.289  -11.810 1.00 74.77  ? 148 GLN A CA  1 
ATOM   1161 C C   . GLN A 1 148 ? -22.071 -4.618  -11.537 1.00 75.92  ? 148 GLN A C   1 
ATOM   1162 O O   . GLN A 1 148 ? -23.117 -5.273  -11.561 1.00 76.06  ? 148 GLN A O   1 
ATOM   1163 C CB  . GLN A 1 148 ? -20.379 -6.285  -10.694 1.00 74.03  ? 148 GLN A CB  1 
ATOM   1164 C CG  . GLN A 1 148 ? -19.229 -7.243  -11.019 1.00 77.51  ? 148 GLN A CG  1 
ATOM   1165 C CD  . GLN A 1 148 ? -19.534 -8.191  -12.172 1.00 83.38  ? 148 GLN A CD  1 
ATOM   1166 O OE1 . GLN A 1 148 ? -18.721 -8.354  -13.084 1.00 81.65  ? 148 GLN A OE1 1 
ATOM   1167 N NE2 . GLN A 1 148 ? -20.705 -8.820  -12.137 1.00 83.89  ? 148 GLN A NE2 1 
ATOM   1168 N N   . GLN A 1 149 ? -22.032 -3.311  -11.279 1.00 77.53  ? 149 GLN A N   1 
ATOM   1169 C CA  . GLN A 1 149 ? -23.234 -2.515  -11.046 1.00 78.82  ? 149 GLN A CA  1 
ATOM   1170 C C   . GLN A 1 149 ? -23.956 -2.241  -12.366 1.00 80.07  ? 149 GLN A C   1 
ATOM   1171 O O   . GLN A 1 149 ? -23.322 -2.150  -13.422 1.00 79.20  ? 149 GLN A O   1 
ATOM   1172 C CB  . GLN A 1 149 ? -22.868 -1.196  -10.362 1.00 79.11  ? 149 GLN A CB  1 
ATOM   1173 C CG  . GLN A 1 149 ? -23.872 -0.730  -9.313  1.00 78.85  ? 149 GLN A CG  1 
ATOM   1174 C CD  . GLN A 1 149 ? -23.724 -1.451  -7.979  1.00 80.06  ? 149 GLN A CD  1 
ATOM   1175 O OE1 . GLN A 1 149 ? -24.713 -1.723  -7.299  1.00 80.22  ? 149 GLN A OE1 1 
ATOM   1176 N NE2 . GLN A 1 149 ? -22.486 -1.757  -7.599  1.00 79.55  ? 149 GLN A NE2 1 
ATOM   1177 N N   . ASN A 1 150 ? -25.278 -2.106  -12.296 1.00 81.18  ? 150 ASN A N   1 
ATOM   1178 C CA  . ASN A 1 150 ? -26.112 -1.907  -13.486 1.00 81.71  ? 150 ASN A CA  1 
ATOM   1179 C C   . ASN A 1 150 ? -26.082 -0.491  -14.066 1.00 81.57  ? 150 ASN A C   1 
ATOM   1180 O O   . ASN A 1 150 ? -26.544 -0.267  -15.188 1.00 82.67  ? 150 ASN A O   1 
ATOM   1181 C CB  . ASN A 1 150 ? -27.558 -2.337  -13.206 1.00 82.23  ? 150 ASN A CB  1 
ATOM   1182 C CG  . ASN A 1 150 ? -27.780 -3.828  -13.409 1.00 83.45  ? 150 ASN A CG  1 
ATOM   1183 O OD1 . ASN A 1 150 ? -28.651 -4.234  -14.177 1.00 86.17  ? 150 ASN A OD1 1 
ATOM   1184 N ND2 . ASN A 1 150 ? -26.993 -4.650  -12.719 1.00 81.43  ? 150 ASN A ND2 1 
ATOM   1185 N N   . ASN A 1 151 ? -25.541 0.455   -13.301 1.00 80.25  ? 151 ASN A N   1 
ATOM   1186 C CA  . ASN A 1 151 ? -25.441 1.846   -13.739 1.00 78.86  ? 151 ASN A CA  1 
ATOM   1187 C C   . ASN A 1 151 ? -24.355 2.035   -14.796 1.00 78.04  ? 151 ASN A C   1 
ATOM   1188 O O   . ASN A 1 151 ? -23.223 1.574   -14.625 1.00 78.41  ? 151 ASN A O   1 
ATOM   1189 C CB  . ASN A 1 151 ? -25.198 2.770   -12.538 1.00 78.33  ? 151 ASN A CB  1 
ATOM   1190 C CG  . ASN A 1 151 ? -25.398 4.244   -12.871 1.00 79.25  ? 151 ASN A CG  1 
ATOM   1191 O OD1 . ASN A 1 151 ? -24.753 5.112   -12.283 1.00 78.02  ? 151 ASN A OD1 1 
ATOM   1192 N ND2 . ASN A 1 151 ? -26.299 4.533   -13.807 1.00 82.47  ? 151 ASN A ND2 1 
ATOM   1193 N N   . SER A 1 152 ? -24.715 2.711   -15.886 1.00 76.60  ? 152 SER A N   1 
ATOM   1194 C CA  . SER A 1 152 ? -23.794 2.978   -16.993 1.00 75.22  ? 152 SER A CA  1 
ATOM   1195 C C   . SER A 1 152 ? -22.703 3.973   -16.602 1.00 73.46  ? 152 SER A C   1 
ATOM   1196 O O   . SER A 1 152 ? -21.579 3.897   -17.102 1.00 74.54  ? 152 SER A O   1 
ATOM   1197 C CB  . SER A 1 152 ? -24.559 3.490   -18.215 1.00 75.09  ? 152 SER A CB  1 
ATOM   1198 O OG  . SER A 1 152 ? -25.499 2.531   -18.670 1.00 75.92  ? 152 SER A OG  1 
ATOM   1199 N N   . TYR A 1 153 ? -23.050 4.901   -15.711 1.00 70.56  ? 153 TYR A N   1 
ATOM   1200 C CA  . TYR A 1 153 ? -22.115 5.900   -15.192 1.00 68.72  ? 153 TYR A CA  1 
ATOM   1201 C C   . TYR A 1 153 ? -21.024 5.258   -14.333 1.00 67.40  ? 153 TYR A C   1 
ATOM   1202 O O   . TYR A 1 153 ? -19.862 5.666   -14.388 1.00 67.87  ? 153 TYR A O   1 
ATOM   1203 C CB  . TYR A 1 153 ? -22.879 6.962   -14.389 1.00 68.66  ? 153 TYR A CB  1 
ATOM   1204 C CG  . TYR A 1 153 ? -22.014 8.005   -13.711 1.00 68.31  ? 153 TYR A CG  1 
ATOM   1205 C CD1 . TYR A 1 153 ? -21.518 9.099   -14.422 1.00 68.29  ? 153 TYR A CD1 1 
ATOM   1206 C CD2 . TYR A 1 153 ? -21.708 7.909   -12.354 1.00 67.32  ? 153 TYR A CD2 1 
ATOM   1207 C CE1 . TYR A 1 153 ? -20.727 10.062  -13.800 1.00 67.91  ? 153 TYR A CE1 1 
ATOM   1208 C CE2 . TYR A 1 153 ? -20.918 8.866   -11.724 1.00 66.50  ? 153 TYR A CE2 1 
ATOM   1209 C CZ  . TYR A 1 153 ? -20.433 9.938   -12.452 1.00 69.79  ? 153 TYR A CZ  1 
ATOM   1210 O OH  . TYR A 1 153 ? -19.653 10.887  -11.830 1.00 70.69  ? 153 TYR A OH  1 
ATOM   1211 N N   . MET A 1 154 ? -21.410 4.254   -13.550 1.00 64.41  ? 154 MET A N   1 
ATOM   1212 C CA  . MET A 1 154 ? -20.488 3.555   -12.654 1.00 63.14  ? 154 MET A CA  1 
ATOM   1213 C C   . MET A 1 154 ? -19.601 2.558   -13.400 1.00 64.21  ? 154 MET A C   1 
ATOM   1214 O O   . MET A 1 154 ? -18.501 2.239   -12.946 1.00 62.54  ? 154 MET A O   1 
ATOM   1215 C CB  . MET A 1 154 ? -21.261 2.837   -11.544 1.00 62.19  ? 154 MET A CB  1 
ATOM   1216 C CG  . MET A 1 154 ? -22.075 3.761   -10.655 1.00 62.79  ? 154 MET A CG  1 
ATOM   1217 S SD  . MET A 1 154 ? -23.079 2.878   -9.448  1.00 60.08  ? 154 MET A SD  1 
ATOM   1218 C CE  . MET A 1 154 ? -23.981 4.231   -8.699  1.00 58.45  ? 154 MET A CE  1 
ATOM   1219 N N   . LYS A 1 155 ? -20.087 2.075   -14.542 1.00 65.17  ? 155 LYS A N   1 
ATOM   1220 C CA  . LYS A 1 155 ? -19.374 1.074   -15.331 1.00 65.94  ? 155 LYS A CA  1 
ATOM   1221 C C   . LYS A 1 155 ? -18.255 1.699   -16.170 1.00 64.82  ? 155 LYS A C   1 
ATOM   1222 O O   . LYS A 1 155 ? -17.163 1.133   -16.270 1.00 64.10  ? 155 LYS A O   1 
ATOM   1223 C CB  . LYS A 1 155 ? -20.351 0.302   -16.226 1.00 67.60  ? 155 LYS A CB  1 
ATOM   1224 C CG  . LYS A 1 155 ? -20.048 -1.191  -16.368 1.00 71.30  ? 155 LYS A CG  1 
ATOM   1225 C CD  . LYS A 1 155 ? -19.002 -1.479  -17.439 1.00 73.07  ? 155 LYS A CD  1 
ATOM   1226 C CE  . LYS A 1 155 ? -18.686 -2.964  -17.512 1.00 74.12  ? 155 LYS A CE  1 
ATOM   1227 N NZ  . LYS A 1 155 ? -17.644 -3.261  -18.534 1.00 74.99  ? 155 LYS A NZ  1 
ATOM   1228 N N   . LYS A 1 156 ? -18.529 2.859   -16.764 1.00 62.77  ? 156 LYS A N   1 
ATOM   1229 C CA  . LYS A 1 156 ? -17.557 3.540   -17.626 1.00 62.42  ? 156 LYS A CA  1 
ATOM   1230 C C   . LYS A 1 156 ? -16.516 4.351   -16.845 1.00 60.12  ? 156 LYS A C   1 
ATOM   1231 O O   . LYS A 1 156 ? -15.385 4.520   -17.306 1.00 58.60  ? 156 LYS A O   1 
ATOM   1232 C CB  . LYS A 1 156 ? -18.259 4.416   -18.677 1.00 63.35  ? 156 LYS A CB  1 
ATOM   1233 C CG  . LYS A 1 156 ? -18.989 5.646   -18.130 1.00 65.54  ? 156 LYS A CG  1 
ATOM   1234 C CD  . LYS A 1 156 ? -19.519 6.539   -19.252 1.00 66.29  ? 156 LYS A CD  1 
ATOM   1235 C CE  . LYS A 1 156 ? -20.847 6.037   -19.814 1.00 71.54  ? 156 LYS A CE  1 
ATOM   1236 N NZ  . LYS A 1 156 ? -21.983 6.259   -18.875 1.00 68.35  ? 156 LYS A NZ  1 
ATOM   1237 N N   . ASN A 1 157 ? -16.905 4.846   -15.671 1.00 57.60  ? 157 ASN A N   1 
ATOM   1238 C CA  . ASN A 1 157 ? -16.014 5.636   -14.822 1.00 56.79  ? 157 ASN A CA  1 
ATOM   1239 C C   . ASN A 1 157 ? -15.477 4.831   -13.636 1.00 55.97  ? 157 ASN A C   1 
ATOM   1240 O O   . ASN A 1 157 ? -15.054 5.402   -12.627 1.00 55.76  ? 157 ASN A O   1 
ATOM   1241 C CB  . ASN A 1 157 ? -16.730 6.901   -14.325 1.00 56.09  ? 157 ASN A CB  1 
ATOM   1242 C CG  . ASN A 1 157 ? -17.229 7.782   -15.460 1.00 58.94  ? 157 ASN A CG  1 
ATOM   1243 O OD1 . ASN A 1 157 ? -18.421 8.078   -15.550 1.00 61.15  ? 157 ASN A OD1 1 
ATOM   1244 N ND2 . ASN A 1 157 ? -16.319 8.206   -16.331 1.00 52.81  ? 157 ASN A ND2 1 
ATOM   1245 N N   . ALA A 1 158 ? -15.480 3.507   -13.782 1.00 55.49  ? 158 ALA A N   1 
ATOM   1246 C CA  . ALA A 1 158 ? -15.129 2.577   -12.704 1.00 55.58  ? 158 ALA A CA  1 
ATOM   1247 C C   . ALA A 1 158 ? -13.761 2.828   -12.068 1.00 56.17  ? 158 ALA A C   1 
ATOM   1248 O O   . ALA A 1 158 ? -13.630 2.788   -10.844 1.00 56.54  ? 158 ALA A O   1 
ATOM   1249 C CB  . ALA A 1 158 ? -15.230 1.142   -13.192 1.00 54.56  ? 158 ALA A CB  1 
ATOM   1250 N N   . GLU A 1 159 ? -12.754 3.083   -12.901 1.00 56.20  ? 159 GLU A N   1 
ATOM   1251 C CA  . GLU A 1 159 ? -11.396 3.344   -12.422 1.00 57.27  ? 159 GLU A CA  1 
ATOM   1252 C C   . GLU A 1 159 ? -11.295 4.713   -11.749 1.00 55.54  ? 159 GLU A C   1 
ATOM   1253 O O   . GLU A 1 159 ? -10.670 4.845   -10.694 1.00 55.48  ? 159 GLU A O   1 
ATOM   1254 C CB  . GLU A 1 159 ? -10.385 3.232   -13.569 1.00 56.47  ? 159 GLU A CB  1 
ATOM   1255 C CG  . GLU A 1 159 ? -8.924  3.199   -13.118 1.00 61.62  ? 159 GLU A CG  1 
ATOM   1256 C CD  . GLU A 1 159 ? -7.942  3.084   -14.274 1.00 63.59  ? 159 GLU A CD  1 
ATOM   1257 O OE1 . GLU A 1 159 ? -8.212  3.643   -15.360 1.00 70.35  ? 159 GLU A OE1 1 
ATOM   1258 O OE2 . GLU A 1 159 ? -6.889  2.437   -14.091 1.00 74.13  ? 159 GLU A OE2 1 
ATOM   1259 N N   . LYS A 1 160 ? -11.920 5.718   -12.359 1.00 54.10  ? 160 LYS A N   1 
ATOM   1260 C CA  . LYS A 1 160 ? -11.885 7.093   -11.858 1.00 52.57  ? 160 LYS A CA  1 
ATOM   1261 C C   . LYS A 1 160 ? -12.621 7.244   -10.524 1.00 51.78  ? 160 LYS A C   1 
ATOM   1262 O O   . LYS A 1 160 ? -12.192 8.011   -9.660  1.00 49.71  ? 160 LYS A O   1 
ATOM   1263 C CB  . LYS A 1 160 ? -12.464 8.056   -12.900 1.00 51.24  ? 160 LYS A CB  1 
ATOM   1264 C CG  . LYS A 1 160 ? -12.041 9.507   -12.719 1.00 53.46  ? 160 LYS A CG  1 
ATOM   1265 C CD  . LYS A 1 160 ? -12.565 10.380  -13.847 1.00 54.69  ? 160 LYS A CD  1 
ATOM   1266 C CE  . LYS A 1 160 ? -12.044 11.803  -13.734 1.00 55.33  ? 160 LYS A CE  1 
ATOM   1267 N NZ  . LYS A 1 160 ? -12.561 12.674  -14.825 1.00 56.54  ? 160 LYS A NZ  1 
ATOM   1268 N N   . LEU A 1 161 ? -13.720 6.508   -10.365 1.00 49.87  ? 161 LEU A N   1 
ATOM   1269 C CA  . LEU A 1 161 ? -14.514 6.537   -9.134  1.00 47.48  ? 161 LEU A CA  1 
ATOM   1270 C C   . LEU A 1 161 ? -13.840 5.770   -7.996  1.00 45.18  ? 161 LEU A C   1 
ATOM   1271 O O   . LEU A 1 161 ? -13.947 6.161   -6.831  1.00 44.08  ? 161 LEU A O   1 
ATOM   1272 C CB  . LEU A 1 161 ? -15.923 5.984   -9.382  1.00 47.71  ? 161 LEU A CB  1 
ATOM   1273 C CG  . LEU A 1 161 ? -16.865 6.787   -10.286 1.00 48.27  ? 161 LEU A CG  1 
ATOM   1274 C CD1 . LEU A 1 161 ? -17.971 5.895   -10.830 1.00 49.99  ? 161 LEU A CD1 1 
ATOM   1275 C CD2 . LEU A 1 161 ? -17.445 8.000   -9.569  1.00 46.81  ? 161 LEU A CD2 1 
ATOM   1276 N N   . ALA A 1 162 ? -13.156 4.681   -8.343  1.00 43.10  ? 162 ALA A N   1 
ATOM   1277 C CA  . ALA A 1 162 ? -12.421 3.870   -7.371  1.00 43.12  ? 162 ALA A CA  1 
ATOM   1278 C C   . ALA A 1 162 ? -11.191 4.606   -6.846  1.00 42.98  ? 162 ALA A C   1 
ATOM   1279 O O   . ALA A 1 162 ? -10.867 4.517   -5.659  1.00 42.51  ? 162 ALA A O   1 
ATOM   1280 C CB  . ALA A 1 162 ? -12.024 2.536   -7.982  1.00 42.84  ? 162 ALA A CB  1 
ATOM   1281 N N   . VAL A 1 163 ? -10.514 5.326   -7.739  1.00 42.30  ? 163 VAL A N   1 
ATOM   1282 C CA  . VAL A 1 163 ? -9.368  6.162   -7.378  1.00 42.33  ? 163 VAL A CA  1 
ATOM   1283 C C   . VAL A 1 163 ? -9.821  7.348   -6.519  1.00 41.06  ? 163 VAL A C   1 
ATOM   1284 O O   . VAL A 1 163 ? -9.144  7.715   -5.556  1.00 39.85  ? 163 VAL A O   1 
ATOM   1285 C CB  . VAL A 1 163 ? -8.591  6.642   -8.641  1.00 41.25  ? 163 VAL A CB  1 
ATOM   1286 C CG1 . VAL A 1 163 ? -7.652  7.799   -8.318  1.00 43.52  ? 163 VAL A CG1 1 
ATOM   1287 C CG2 . VAL A 1 163 ? -7.809  5.490   -9.257  1.00 37.29  ? 163 VAL A CG2 1 
ATOM   1288 N N   . LEU A 1 164 ? -10.973 7.920   -6.867  1.00 40.24  ? 164 LEU A N   1 
ATOM   1289 C CA  . LEU A 1 164 ? -11.543 9.055   -6.139  1.00 40.87  ? 164 LEU A CA  1 
ATOM   1290 C C   . LEU A 1 164 ? -11.869 8.683   -4.691  1.00 40.21  ? 164 LEU A C   1 
ATOM   1291 O O   . LEU A 1 164 ? -11.490 9.401   -3.765  1.00 38.86  ? 164 LEU A O   1 
ATOM   1292 C CB  . LEU A 1 164 ? -12.807 9.567   -6.844  1.00 42.29  ? 164 LEU A CB  1 
ATOM   1293 C CG  . LEU A 1 164 ? -13.084 11.074  -6.949  1.00 42.31  ? 164 LEU A CG  1 
ATOM   1294 C CD1 . LEU A 1 164 ? -14.446 11.305  -7.585  1.00 33.84  ? 164 LEU A CD1 1 
ATOM   1295 C CD2 . LEU A 1 164 ? -13.004 11.798  -5.609  1.00 40.29  ? 164 LEU A CD2 1 
ATOM   1296 N N   . PHE A 1 165 ? -12.561 7.557   -4.511  1.00 38.54  ? 165 PHE A N   1 
ATOM   1297 C CA  . PHE A 1 165 ? -12.982 7.090   -3.187  1.00 38.20  ? 165 PHE A CA  1 
ATOM   1298 C C   . PHE A 1 165 ? -11.800 6.759   -2.274  1.00 37.65  ? 165 PHE A C   1 
ATOM   1299 O O   . PHE A 1 165 ? -11.860 7.000   -1.066  1.00 36.61  ? 165 PHE A O   1 
ATOM   1300 C CB  . PHE A 1 165 ? -13.919 5.883   -3.314  1.00 38.25  ? 165 PHE A CB  1 
ATOM   1301 C CG  . PHE A 1 165 ? -14.523 5.438   -2.008  1.00 33.28  ? 165 PHE A CG  1 
ATOM   1302 C CD1 . PHE A 1 165 ? -15.607 6.116   -1.458  1.00 35.00  ? 165 PHE A CD1 1 
ATOM   1303 C CD2 . PHE A 1 165 ? -14.009 4.337   -1.328  1.00 33.06  ? 165 PHE A CD2 1 
ATOM   1304 C CE1 . PHE A 1 165 ? -16.167 5.708   -0.249  1.00 36.33  ? 165 PHE A CE1 1 
ATOM   1305 C CE2 . PHE A 1 165 ? -14.562 3.919   -0.122  1.00 34.59  ? 165 PHE A CE2 1 
ATOM   1306 C CZ  . PHE A 1 165 ? -15.641 4.607   0.420   1.00 35.77  ? 165 PHE A CZ  1 
ATOM   1307 N N   . CYS A 1 166 ? -10.737 6.208   -2.857  1.00 37.79  ? 166 CYS A N   1 
ATOM   1308 C CA  . CYS A 1 166 ? -9.511  5.905   -2.118  1.00 39.32  ? 166 CYS A CA  1 
ATOM   1309 C C   . CYS A 1 166 ? -8.775  7.179   -1.702  1.00 38.28  ? 166 CYS A C   1 
ATOM   1310 O O   . CYS A 1 166 ? -8.207  7.242   -0.612  1.00 41.05  ? 166 CYS A O   1 
ATOM   1311 C CB  . CYS A 1 166 ? -8.587  5.007   -2.945  1.00 38.84  ? 166 CYS A CB  1 
ATOM   1312 S SG  . CYS A 1 166 ? -9.151  3.297   -3.108  1.00 44.68  ? 166 CYS A SG  1 
ATOM   1313 N N   . THR A 1 167 ? -8.801  8.184   -2.575  1.00 38.37  ? 167 THR A N   1 
ATOM   1314 C CA  . THR A 1 167 ? -8.149  9.471   -2.326  1.00 35.14  ? 167 THR A CA  1 
ATOM   1315 C C   . THR A 1 167 ? -8.851  10.261  -1.217  1.00 35.17  ? 167 THR A C   1 
ATOM   1316 O O   . THR A 1 167 ? -8.193  10.892  -0.385  1.00 35.07  ? 167 THR A O   1 
ATOM   1317 C CB  . THR A 1 167 ? -8.081  10.323  -3.617  1.00 35.92  ? 167 THR A CB  1 
ATOM   1318 O OG1 . THR A 1 167 ? -7.479  9.557   -4.667  1.00 32.94  ? 167 THR A OG1 1 
ATOM   1319 C CG2 . THR A 1 167 ? -7.263  11.587  -3.394  1.00 34.47  ? 167 THR A CG2 1 
ATOM   1320 N N   . MET A 1 168 ? -10.183 10.211  -1.212  1.00 35.92  ? 168 MET A N   1 
ATOM   1321 C CA  . MET A 1 168 ? -11.001 10.912  -0.219  1.00 34.41  ? 168 MET A CA  1 
ATOM   1322 C C   . MET A 1 168 ? -10.717 10.448  1.211   1.00 34.63  ? 168 MET A C   1 
ATOM   1323 O O   . MET A 1 168 ? -10.779 11.243  2.150   1.00 34.11  ? 168 MET A O   1 
ATOM   1324 C CB  . MET A 1 168 ? -12.492 10.747  -0.536  1.00 35.83  ? 168 MET A CB  1 
ATOM   1325 C CG  . MET A 1 168 ? -12.970 11.520  -1.760  1.00 34.94  ? 168 MET A CG  1 
ATOM   1326 S SD  . MET A 1 168 ? -14.622 11.041  -2.311  1.00 32.85  ? 168 MET A SD  1 
ATOM   1327 C CE  . MET A 1 168 ? -15.658 11.827  -1.078  1.00 25.76  ? 168 MET A CE  1 
ATOM   1328 N N   . LEU A 1 169 ? -10.402 9.162   1.362   1.00 31.36  ? 169 LEU A N   1 
ATOM   1329 C CA  . LEU A 1 169 ? -10.081 8.575   2.663   1.00 33.60  ? 169 LEU A CA  1 
ATOM   1330 C C   . LEU A 1 169 ? -8.615  8.790   3.034   1.00 33.65  ? 169 LEU A C   1 
ATOM   1331 O O   . LEU A 1 169 ? -8.305  9.245   4.137   1.00 34.42  ? 169 LEU A O   1 
ATOM   1332 C CB  . LEU A 1 169 ? -10.399 7.075   2.671   1.00 32.10  ? 169 LEU A CB  1 
ATOM   1333 C CG  . LEU A 1 169 ? -11.825 6.596   2.385   1.00 36.47  ? 169 LEU A CG  1 
ATOM   1334 C CD1 . LEU A 1 169 ? -11.802 5.153   1.911   1.00 29.87  ? 169 LEU A CD1 1 
ATOM   1335 C CD2 . LEU A 1 169 ? -12.722 6.749   3.607   1.00 39.17  ? 169 LEU A CD2 1 
ATOM   1336 N N   . LYS A 1 170 ? -7.725  8.462   2.098   1.00 31.88  ? 170 LYS A N   1 
ATOM   1337 C CA  . LYS A 1 170 ? -6.278  8.485   2.315   1.00 32.24  ? 170 LYS A CA  1 
ATOM   1338 C C   . LYS A 1 170 ? -5.715  9.896   2.511   1.00 31.99  ? 170 LYS A C   1 
ATOM   1339 O O   . LYS A 1 170 ? -5.006  10.158  3.485   1.00 32.17  ? 170 LYS A O   1 
ATOM   1340 C CB  . LYS A 1 170 ? -5.569  7.774   1.152   1.00 31.97  ? 170 LYS A CB  1 
ATOM   1341 C CG  . LYS A 1 170 ? -4.055  7.933   1.095   1.00 34.57  ? 170 LYS A CG  1 
ATOM   1342 C CD  . LYS A 1 170 ? -3.525  7.482   -0.261  1.00 38.12  ? 170 LYS A CD  1 
ATOM   1343 C CE  . LYS A 1 170 ? -2.105  7.971   -0.510  1.00 45.01  ? 170 LYS A CE  1 
ATOM   1344 N NZ  . LYS A 1 170 ? -1.091  7.203   0.263   1.00 53.85  ? 170 LYS A NZ  1 
ATOM   1345 N N   . GLU A 1 171 ? -6.041  10.794  1.584   1.00 32.44  ? 171 GLU A N   1 
ATOM   1346 C CA  . GLU A 1 171 ? -5.433  12.124  1.539   1.00 33.53  ? 171 GLU A CA  1 
ATOM   1347 C C   . GLU A 1 171 ? -6.377  13.226  2.041   1.00 33.37  ? 171 GLU A C   1 
ATOM   1348 O O   . GLU A 1 171 ? -7.599  13.064  1.987   1.00 34.73  ? 171 GLU A O   1 
ATOM   1349 C CB  . GLU A 1 171 ? -4.940  12.432  0.117   1.00 33.13  ? 171 GLU A CB  1 
ATOM   1350 C CG  . GLU A 1 171 ? -3.936  11.421  -0.451  1.00 36.20  ? 171 GLU A CG  1 
ATOM   1351 C CD  . GLU A 1 171 ? -2.534  11.559  0.130   1.00 35.94  ? 171 GLU A CD  1 
ATOM   1352 O OE1 . GLU A 1 171 ? -2.381  11.526  1.375   1.00 38.36  ? 171 GLU A OE1 1 
ATOM   1353 O OE2 . GLU A 1 171 ? -1.574  11.686  -0.669  1.00 36.37  ? 171 GLU A OE2 1 
ATOM   1354 N N   . PRO A 1 172 ? -5.813  14.352  2.530   1.00 33.55  ? 172 PRO A N   1 
ATOM   1355 C CA  . PRO A 1 172 ? -4.383  14.644  2.632   1.00 33.28  ? 172 PRO A CA  1 
ATOM   1356 C C   . PRO A 1 172 ? -3.782  14.267  3.989   1.00 34.31  ? 172 PRO A C   1 
ATOM   1357 O O   . PRO A 1 172 ? -2.742  14.805  4.377   1.00 34.24  ? 172 PRO A O   1 
ATOM   1358 C CB  . PRO A 1 172 ? -4.333  16.162  2.427   1.00 33.13  ? 172 PRO A CB  1 
ATOM   1359 C CG  . PRO A 1 172 ? -5.690  16.664  2.877   1.00 31.34  ? 172 PRO A CG  1 
ATOM   1360 C CD  . PRO A 1 172 ? -6.619  15.480  3.029   1.00 31.92  ? 172 PRO A CD  1 
ATOM   1361 N N   . TYR A 1 173 ? -4.431  13.339  4.689   1.00 33.39  ? 173 TYR A N   1 
ATOM   1362 C CA  . TYR A 1 173 ? -4.015  12.935  6.032   1.00 32.04  ? 173 TYR A CA  1 
ATOM   1363 C C   . TYR A 1 173 ? -2.715  12.132  6.028   1.00 30.04  ? 173 TYR A C   1 
ATOM   1364 O O   . TYR A 1 173 ? -1.836  12.376  6.853   1.00 32.42  ? 173 TYR A O   1 
ATOM   1365 C CB  . TYR A 1 173 ? -5.138  12.165  6.739   1.00 33.74  ? 173 TYR A CB  1 
ATOM   1366 C CG  . TYR A 1 173 ? -6.447  12.924  6.794   1.00 36.68  ? 173 TYR A CG  1 
ATOM   1367 C CD1 . TYR A 1 173 ? -7.489  12.613  5.923   1.00 37.53  ? 173 TYR A CD1 1 
ATOM   1368 C CD2 . TYR A 1 173 ? -6.637  13.962  7.707   1.00 40.28  ? 173 TYR A CD2 1 
ATOM   1369 C CE1 . TYR A 1 173 ? -8.692  13.309  5.964   1.00 39.74  ? 173 TYR A CE1 1 
ATOM   1370 C CE2 . TYR A 1 173 ? -7.838  14.666  7.756   1.00 42.29  ? 173 TYR A CE2 1 
ATOM   1371 C CZ  . TYR A 1 173 ? -8.860  14.332  6.883   1.00 44.55  ? 173 TYR A CZ  1 
ATOM   1372 O OH  . TYR A 1 173 ? -10.050 15.024  6.927   1.00 41.96  ? 173 TYR A OH  1 
ATOM   1373 N N   . HIS A 1 174 ? -2.600  11.187  5.095   1.00 29.01  ? 174 HIS A N   1 
ATOM   1374 C CA  . HIS A 1 174 ? -1.370  10.411  4.914   1.00 28.16  ? 174 HIS A CA  1 
ATOM   1375 C C   . HIS A 1 174 ? -0.226  11.301  4.427   1.00 26.75  ? 174 HIS A C   1 
ATOM   1376 O O   . HIS A 1 174 ? 0.934   11.084  4.784   1.00 29.03  ? 174 HIS A O   1 
ATOM   1377 C CB  . HIS A 1 174 ? -1.598  9.253   3.937   1.00 29.18  ? 174 HIS A CB  1 
ATOM   1378 C CG  . HIS A 1 174 ? -0.393  8.386   3.730   1.00 31.37  ? 174 HIS A CG  1 
ATOM   1379 N ND1 . HIS A 1 174 ? 0.428   8.503   2.629   1.00 35.59  ? 174 HIS A ND1 1 
ATOM   1380 C CD2 . HIS A 1 174 ? 0.135   7.397   4.489   1.00 30.96  ? 174 HIS A CD2 1 
ATOM   1381 C CE1 . HIS A 1 174 ? 1.405   7.618   2.715   1.00 32.63  ? 174 HIS A CE1 1 
ATOM   1382 N NE2 . HIS A 1 174 ? 1.251   6.934   3.835   1.00 37.12  ? 174 HIS A NE2 1 
ATOM   1383 N N   . HIS A 1 175 ? -0.570  12.302  3.619   1.00 27.67  ? 175 HIS A N   1 
ATOM   1384 C CA  . HIS A 1 175 ? 0.387   13.286  3.112   1.00 27.40  ? 175 HIS A CA  1 
ATOM   1385 C C   . HIS A 1 175 ? 0.941   14.164  4.238   1.00 27.68  ? 175 HIS A C   1 
ATOM   1386 O O   . HIS A 1 175 ? 2.101   14.578  4.195   1.00 27.59  ? 175 HIS A O   1 
ATOM   1387 C CB  . HIS A 1 175 ? -0.273  14.147  2.030   1.00 29.06  ? 175 HIS A CB  1 
ATOM   1388 C CG  . HIS A 1 175 ? 0.672   15.067  1.320   1.00 34.82  ? 175 HIS A CG  1 
ATOM   1389 N ND1 . HIS A 1 175 ? 0.560   16.439  1.382   1.00 42.28  ? 175 HIS A ND1 1 
ATOM   1390 C CD2 . HIS A 1 175 ? 1.739   14.812  0.527   1.00 31.59  ? 175 HIS A CD2 1 
ATOM   1391 C CE1 . HIS A 1 175 ? 1.519   16.990  0.660   1.00 40.80  ? 175 HIS A CE1 1 
ATOM   1392 N NE2 . HIS A 1 175 ? 2.249   16.024  0.131   1.00 40.39  ? 175 HIS A NE2 1 
ATOM   1393 N N   . LEU A 1 176 ? 0.102   14.440  5.235   1.00 28.28  ? 176 LEU A N   1 
ATOM   1394 C CA  . LEU A 1 176 ? 0.510   15.203  6.415   1.00 27.91  ? 176 LEU A CA  1 
ATOM   1395 C C   . LEU A 1 176 ? 1.268   14.338  7.420   1.00 29.48  ? 176 LEU A C   1 
ATOM   1396 O O   . LEU A 1 176 ? 2.163   14.827  8.112   1.00 29.62  ? 176 LEU A O   1 
ATOM   1397 C CB  . LEU A 1 176 ? -0.702  15.860  7.086   1.00 29.29  ? 176 LEU A CB  1 
ATOM   1398 C CG  . LEU A 1 176 ? -1.329  17.085  6.410   1.00 31.37  ? 176 LEU A CG  1 
ATOM   1399 C CD1 . LEU A 1 176 ? -2.750  17.301  6.909   1.00 40.02  ? 176 LEU A CD1 1 
ATOM   1400 C CD2 . LEU A 1 176 ? -0.487  18.340  6.616   1.00 30.80  ? 176 LEU A CD2 1 
ATOM   1401 N N   . ASN A 1 177 ? 0.902   13.059  7.502   1.00 25.79  ? 177 ASN A N   1 
ATOM   1402 C CA  . ASN A 1 177 ? 1.582   12.104  8.378   1.00 26.91  ? 177 ASN A CA  1 
ATOM   1403 C C   . ASN A 1 177 ? 3.037   11.885  7.974   1.00 25.33  ? 177 ASN A C   1 
ATOM   1404 O O   . ASN A 1 177 ? 3.927   11.847  8.826   1.00 29.62  ? 177 ASN A O   1 
ATOM   1405 C CB  . ASN A 1 177 ? 0.843   10.759  8.402   1.00 24.84  ? 177 ASN A CB  1 
ATOM   1406 C CG  . ASN A 1 177 ? -0.542  10.851  9.026   1.00 28.20  ? 177 ASN A CG  1 
ATOM   1407 O OD1 . ASN A 1 177 ? -0.808  11.708  9.870   1.00 30.50  ? 177 ASN A OD1 1 
ATOM   1408 N ND2 . ASN A 1 177 ? -1.434  9.961   8.609   1.00 25.94  ? 177 ASN A ND2 1 
ATOM   1409 N N   . VAL A 1 178 ? 3.266   11.752  6.669   1.00 28.00  ? 178 VAL A N   1 
ATOM   1410 C CA  . VAL A 1 178 ? 4.596   11.484  6.118   1.00 27.75  ? 178 VAL A CA  1 
ATOM   1411 C C   . VAL A 1 178 ? 5.524   12.700  6.227   1.00 30.58  ? 178 VAL A C   1 
ATOM   1412 O O   . VAL A 1 178 ? 6.659   12.579  6.695   1.00 30.96  ? 178 VAL A O   1 
ATOM   1413 C CB  . VAL A 1 178 ? 4.505   10.975  4.648   1.00 27.60  ? 178 VAL A CB  1 
ATOM   1414 C CG1 . VAL A 1 178 ? 5.875   10.945  3.986   1.00 26.59  ? 178 VAL A CG1 1 
ATOM   1415 C CG2 . VAL A 1 178 ? 3.868   9.593   4.599   1.00 26.52  ? 178 VAL A CG2 1 
ATOM   1416 N N   . LEU A 1 179 ? 5.030   13.865  5.809   1.00 33.31  ? 179 LEU A N   1 
ATOM   1417 C CA  . LEU A 1 179 ? 5.850   15.078  5.741   1.00 34.55  ? 179 LEU A CA  1 
ATOM   1418 C C   . LEU A 1 179 ? 6.157   15.708  7.101   1.00 37.04  ? 179 LEU A C   1 
ATOM   1419 O O   . LEU A 1 179 ? 7.326   15.890  7.450   1.00 40.66  ? 179 LEU A O   1 
ATOM   1420 C CB  . LEU A 1 179 ? 5.214   16.120  4.811   1.00 33.37  ? 179 LEU A CB  1 
ATOM   1421 C CG  . LEU A 1 179 ? 5.243   15.897  3.294   1.00 34.76  ? 179 LEU A CG  1 
ATOM   1422 C CD1 . LEU A 1 179 ? 4.478   17.010  2.602   1.00 36.14  ? 179 LEU A CD1 1 
ATOM   1423 C CD2 . LEU A 1 179 ? 6.668   15.817  2.752   1.00 30.75  ? 179 LEU A CD2 1 
ATOM   1424 N N   . ILE A 1 180 ? 5.114   16.034  7.862   1.00 35.72  ? 180 ILE A N   1 
ATOM   1425 C CA  . ILE A 1 180 ? 5.271   16.823  9.090   1.00 36.46  ? 180 ILE A CA  1 
ATOM   1426 C C   . ILE A 1 180 ? 4.953   16.062  10.388  1.00 37.08  ? 180 ILE A C   1 
ATOM   1427 O O   . ILE A 1 180 ? 4.781   16.675  11.446  1.00 37.84  ? 180 ILE A O   1 
ATOM   1428 C CB  . ILE A 1 180 ? 4.466   18.161  9.025   1.00 35.43  ? 180 ILE A CB  1 
ATOM   1429 C CG1 . ILE A 1 180 ? 2.955   17.898  8.951   1.00 36.18  ? 180 ILE A CG1 1 
ATOM   1430 C CG2 . ILE A 1 180 ? 4.936   19.012  7.844   1.00 35.74  ? 180 ILE A CG2 1 
ATOM   1431 C CD1 . ILE A 1 180 ? 2.091   19.069  9.395   1.00 37.32  ? 180 ILE A CD1 1 
ATOM   1432 N N   . ASN A 1 181 ? 4.898   14.733  10.296  1.00 35.84  ? 181 ASN A N   1 
ATOM   1433 C CA  . ASN A 1 181 ? 4.576   13.856  11.432  1.00 38.14  ? 181 ASN A CA  1 
ATOM   1434 C C   . ASN A 1 181 ? 3.260   14.200  12.137  1.00 35.82  ? 181 ASN A C   1 
ATOM   1435 O O   . ASN A 1 181 ? 3.228   14.423  13.352  1.00 35.12  ? 181 ASN A O   1 
ATOM   1436 C CB  . ASN A 1 181 ? 5.740   13.784  12.437  1.00 40.55  ? 181 ASN A CB  1 
ATOM   1437 C CG  . ASN A 1 181 ? 6.803   12.776  12.036  1.00 50.10  ? 181 ASN A CG  1 
ATOM   1438 O OD1 . ASN A 1 181 ? 7.017   11.779  12.725  1.00 57.70  ? 181 ASN A OD1 1 
ATOM   1439 N ND2 . ASN A 1 181 ? 7.474   13.030  10.917  1.00 53.91  ? 181 ASN A ND2 1 
ATOM   1440 N N   . ALA A 1 182 ? 2.182   14.246  11.357  1.00 34.47  ? 182 ALA A N   1 
ATOM   1441 C CA  . ALA A 1 182 ? 0.842   14.483  11.888  1.00 35.27  ? 182 ALA A CA  1 
ATOM   1442 C C   . ALA A 1 182 ? 0.346   13.249  12.647  1.00 36.38  ? 182 ALA A C   1 
ATOM   1443 O O   . ALA A 1 182 ? 0.697   12.123  12.286  1.00 35.28  ? 182 ALA A O   1 
ATOM   1444 C CB  . ALA A 1 182 ? -0.116  14.846  10.761  1.00 33.62  ? 182 ALA A CB  1 
ATOM   1445 N N   . PRO A 1 183 ? -0.455  13.456  13.714  1.00 39.17  ? 183 PRO A N   1 
ATOM   1446 C CA  . PRO A 1 183 ? -0.975  12.335  14.503  1.00 37.20  ? 183 PRO A CA  1 
ATOM   1447 C C   . PRO A 1 183 ? -1.918  11.429  13.712  1.00 37.27  ? 183 PRO A C   1 
ATOM   1448 O O   . PRO A 1 183 ? -2.720  11.914  12.909  1.00 34.90  ? 183 PRO A O   1 
ATOM   1449 C CB  . PRO A 1 183 ? -1.733  13.027  15.641  1.00 37.82  ? 183 PRO A CB  1 
ATOM   1450 C CG  . PRO A 1 183 ? -2.064  14.379  15.116  1.00 39.86  ? 183 PRO A CG  1 
ATOM   1451 C CD  . PRO A 1 183 ? -0.907  14.754  14.249  1.00 40.82  ? 183 PRO A CD  1 
ATOM   1452 N N   . LEU A 1 184 ? -1.807  10.124  13.945  1.00 36.06  ? 184 LEU A N   1 
ATOM   1453 C CA  . LEU A 1 184 ? -2.642  9.133   13.269  1.00 39.40  ? 184 LEU A CA  1 
ATOM   1454 C C   . LEU A 1 184 ? -4.035  9.066   13.888  1.00 41.72  ? 184 LEU A C   1 
ATOM   1455 O O   . LEU A 1 184 ? -4.203  9.302   15.086  1.00 43.88  ? 184 LEU A O   1 
ATOM   1456 C CB  . LEU A 1 184 ? -1.982  7.750   13.315  1.00 37.71  ? 184 LEU A CB  1 
ATOM   1457 C CG  . LEU A 1 184 ? -0.650  7.547   12.583  1.00 40.04  ? 184 LEU A CG  1 
ATOM   1458 C CD1 . LEU A 1 184 ? 0.016   6.256   13.034  1.00 39.21  ? 184 LEU A CD1 1 
ATOM   1459 C CD2 . LEU A 1 184 ? -0.835  7.560   11.070  1.00 41.38  ? 184 LEU A CD2 1 
ATOM   1460 N N   . LYS A 1 185 ? -5.025  8.744   13.059  1.00 42.92  ? 185 LYS A N   1 
ATOM   1461 C CA  . LYS A 1 185 ? -6.404  8.589   13.514  1.00 46.04  ? 185 LYS A CA  1 
ATOM   1462 C C   . LYS A 1 185 ? -6.587  7.312   14.327  1.00 47.25  ? 185 LYS A C   1 
ATOM   1463 O O   . LYS A 1 185 ? -6.081  6.250   13.954  1.00 47.95  ? 185 LYS A O   1 
ATOM   1464 C CB  . LYS A 1 185 ? -7.368  8.573   12.326  1.00 46.02  ? 185 LYS A CB  1 
ATOM   1465 C CG  . LYS A 1 185 ? -7.765  9.944   11.811  1.00 43.93  ? 185 LYS A CG  1 
ATOM   1466 C CD  . LYS A 1 185 ? -8.859  9.824   10.758  1.00 46.71  ? 185 LYS A CD  1 
ATOM   1467 C CE  . LYS A 1 185 ? -9.482  11.173  10.435  1.00 48.13  ? 185 LYS A CE  1 
ATOM   1468 N NZ  . LYS A 1 185 ? -8.537  12.082  9.729   1.00 47.26  ? 185 LYS A NZ  1 
ATOM   1469 N N   . ASN A 1 186 ? -7.305  7.427   15.441  1.00 49.89  ? 186 ASN A N   1 
ATOM   1470 C CA  . ASN A 1 186 ? -7.724  6.259   16.212  1.00 53.15  ? 186 ASN A CA  1 
ATOM   1471 C C   . ASN A 1 186 ? -8.942  5.602   15.563  1.00 55.49  ? 186 ASN A C   1 
ATOM   1472 O O   . ASN A 1 186 ? -9.590  6.208   14.706  1.00 56.86  ? 186 ASN A O   1 
ATOM   1473 C CB  . ASN A 1 186 ? -7.996  6.627   17.679  1.00 51.63  ? 186 ASN A CB  1 
ATOM   1474 C CG  . ASN A 1 186 ? -9.008  7.753   17.831  1.00 53.81  ? 186 ASN A CG  1 
ATOM   1475 O OD1 . ASN A 1 186 ? -10.176 7.613   17.470  1.00 57.99  ? 186 ASN A OD1 1 
ATOM   1476 N ND2 . ASN A 1 186 ? -8.562  8.872   18.388  1.00 51.89  ? 186 ASN A ND2 1 
ATOM   1477 N N   . LYS A 1 187 ? -9.251  4.375   15.978  1.00 56.29  ? 187 LYS A N   1 
ATOM   1478 C CA  . LYS A 1 187 ? -10.328 3.580   15.369  1.00 58.16  ? 187 LYS A CA  1 
ATOM   1479 C C   . LYS A 1 187 ? -11.694 4.276   15.343  1.00 57.06  ? 187 LYS A C   1 
ATOM   1480 O O   . LYS A 1 187 ? -12.511 4.013   14.457  1.00 58.35  ? 187 LYS A O   1 
ATOM   1481 C CB  . LYS A 1 187 ? -10.440 2.207   16.040  1.00 58.17  ? 187 LYS A CB  1 
ATOM   1482 C CG  . LYS A 1 187 ? -9.250  1.287   15.778  1.00 62.10  ? 187 LYS A CG  1 
ATOM   1483 C CD  . LYS A 1 187 ? -9.582  -0.177  16.059  1.00 63.23  ? 187 LYS A CD  1 
ATOM   1484 C CE  . LYS A 1 187 ? -10.318 -0.835  14.892  1.00 64.11  ? 187 LYS A CE  1 
ATOM   1485 N NZ  . LYS A 1 187 ? -9.457  -0.990  13.683  1.00 58.28  ? 187 LYS A NZ  1 
ATOM   1486 N N   . LYS A 1 188 ? -11.931 5.156   16.314  1.00 56.06  ? 188 LYS A N   1 
ATOM   1487 C CA  . LYS A 1 188 ? -13.160 5.947   16.373  1.00 55.54  ? 188 LYS A CA  1 
ATOM   1488 C C   . LYS A 1 188 ? -13.140 7.065   15.327  1.00 53.82  ? 188 LYS A C   1 
ATOM   1489 O O   . LYS A 1 188 ? -14.147 7.318   14.665  1.00 54.76  ? 188 LYS A O   1 
ATOM   1490 C CB  . LYS A 1 188 ? -13.364 6.521   17.782  1.00 56.25  ? 188 LYS A CB  1 
ATOM   1491 C CG  . LYS A 1 188 ? -14.802 6.916   18.122  1.00 60.13  ? 188 LYS A CG  1 
ATOM   1492 C CD  . LYS A 1 188 ? -15.098 8.374   17.780  1.00 65.89  ? 188 LYS A CD  1 
ATOM   1493 C CE  . LYS A 1 188 ? -16.524 8.762   18.149  1.00 68.79  ? 188 LYS A CE  1 
ATOM   1494 N NZ  . LYS A 1 188 ? -16.728 8.850   19.623  1.00 71.21  ? 188 LYS A NZ  1 
ATOM   1495 N N   . GLU A 1 189 ? -11.988 7.721   15.186  1.00 52.14  ? 189 GLU A N   1 
ATOM   1496 C CA  . GLU A 1 189 ? -11.792 8.778   14.189  1.00 51.66  ? 189 GLU A CA  1 
ATOM   1497 C C   . GLU A 1 189 ? -11.786 8.218   12.767  1.00 49.58  ? 189 GLU A C   1 
ATOM   1498 O O   . GLU A 1 189 ? -12.170 8.906   11.818  1.00 49.18  ? 189 GLU A O   1 
ATOM   1499 C CB  . GLU A 1 189 ? -10.487 9.534   14.453  1.00 52.04  ? 189 GLU A CB  1 
ATOM   1500 C CG  . GLU A 1 189 ? -10.517 10.443  15.677  1.00 55.34  ? 189 GLU A CG  1 
ATOM   1501 C CD  . GLU A 1 189 ? -9.165  11.066  15.985  1.00 55.39  ? 189 GLU A CD  1 
ATOM   1502 O OE1 . GLU A 1 189 ? -8.144  10.345  15.949  1.00 55.47  ? 189 GLU A OE1 1 
ATOM   1503 O OE2 . GLU A 1 189 ? -9.125  12.280  16.277  1.00 63.16  ? 189 GLU A OE2 1 
ATOM   1504 N N   . GLN A 1 190 ? -11.341 6.969   12.636  1.00 45.86  ? 190 GLN A N   1 
ATOM   1505 C CA  . GLN A 1 190 ? -11.326 6.259   11.358  1.00 46.51  ? 190 GLN A CA  1 
ATOM   1506 C C   . GLN A 1 190 ? -12.742 5.948   10.878  1.00 48.49  ? 190 GLN A C   1 
ATOM   1507 O O   . GLN A 1 190 ? -13.068 6.162   9.710   1.00 47.18  ? 190 GLN A O   1 
ATOM   1508 C CB  . GLN A 1 190 ? -10.520 4.963   11.477  1.00 45.73  ? 190 GLN A CB  1 
ATOM   1509 C CG  . GLN A 1 190 ? -9.019  5.164   11.641  1.00 42.59  ? 190 GLN A CG  1 
ATOM   1510 C CD  . GLN A 1 190 ? -8.285  3.881   11.993  1.00 44.76  ? 190 GLN A CD  1 
ATOM   1511 O OE1 . GLN A 1 190 ? -8.623  2.801   11.506  1.00 45.81  ? 190 GLN A OE1 1 
ATOM   1512 N NE2 . GLN A 1 190 ? -7.271  3.996   12.841  1.00 45.47  ? 190 GLN A NE2 1 
ATOM   1513 N N   . LYS A 1 191 ? -13.573 5.449   11.793  1.00 49.47  ? 191 LYS A N   1 
ATOM   1514 C CA  . LYS A 1 191 ? -14.969 5.115   11.506  1.00 49.15  ? 191 LYS A CA  1 
ATOM   1515 C C   . LYS A 1 191 ? -15.794 6.364   11.189  1.00 47.59  ? 191 LYS A C   1 
ATOM   1516 O O   . LYS A 1 191 ? -16.703 6.319   10.356  1.00 46.83  ? 191 LYS A O   1 
ATOM   1517 C CB  . LYS A 1 191 ? -15.583 4.354   12.687  1.00 50.01  ? 191 LYS A CB  1 
ATOM   1518 C CG  . LYS A 1 191 ? -16.927 3.698   12.394  1.00 54.12  ? 191 LYS A CG  1 
ATOM   1519 C CD  . LYS A 1 191 ? -17.482 3.002   13.629  1.00 63.14  ? 191 LYS A CD  1 
ATOM   1520 C CE  . LYS A 1 191 ? -18.876 2.439   13.381  1.00 64.86  ? 191 LYS A CE  1 
ATOM   1521 N NZ  . LYS A 1 191 ? -18.872 1.292   12.426  1.00 61.71  ? 191 LYS A NZ  1 
ATOM   1522 N N   . GLU A 1 192 ? -15.466 7.470   11.856  1.00 47.11  ? 192 GLU A N   1 
ATOM   1523 C CA  . GLU A 1 192 ? -16.128 8.755   11.629  1.00 49.56  ? 192 GLU A CA  1 
ATOM   1524 C C   . GLU A 1 192 ? -15.837 9.321   10.242  1.00 47.04  ? 192 GLU A C   1 
ATOM   1525 O O   . GLU A 1 192 ? -16.726 9.887   9.601   1.00 43.24  ? 192 GLU A O   1 
ATOM   1526 C CB  . GLU A 1 192 ? -15.719 9.772   12.700  1.00 48.82  ? 192 GLU A CB  1 
ATOM   1527 C CG  . GLU A 1 192 ? -16.461 9.630   14.023  1.00 57.81  ? 192 GLU A CG  1 
ATOM   1528 C CD  . GLU A 1 192 ? -16.013 10.647  15.060  1.00 58.44  ? 192 GLU A CD  1 
ATOM   1529 O OE1 . GLU A 1 192 ? -16.887 11.316  15.650  1.00 68.16  ? 192 GLU A OE1 1 
ATOM   1530 O OE2 . GLU A 1 192 ? -14.791 10.780  15.287  1.00 64.73  ? 192 GLU A OE2 1 
ATOM   1531 N N   . HIS A 1 193 ? -14.596 9.163   9.786   1.00 44.17  ? 193 HIS A N   1 
ATOM   1532 C CA  . HIS A 1 193 ? -14.168 9.695   8.491   1.00 42.12  ? 193 HIS A CA  1 
ATOM   1533 C C   . HIS A 1 193 ? -14.688 8.870   7.312   1.00 42.12  ? 193 HIS A C   1 
ATOM   1534 O O   . HIS A 1 193 ? -15.014 9.428   6.262   1.00 43.67  ? 193 HIS A O   1 
ATOM   1535 C CB  . HIS A 1 193 ? -12.644 9.822   8.428   1.00 41.69  ? 193 HIS A CB  1 
ATOM   1536 C CG  . HIS A 1 193 ? -12.148 10.540  7.210   1.00 36.09  ? 193 HIS A CG  1 
ATOM   1537 N ND1 . HIS A 1 193 ? -11.473 9.902   6.193   1.00 37.56  ? 193 HIS A ND1 1 
ATOM   1538 C CD2 . HIS A 1 193 ? -12.244 11.839  6.842   1.00 33.72  ? 193 HIS A CD2 1 
ATOM   1539 C CE1 . HIS A 1 193 ? -11.166 10.779  5.253   1.00 36.06  ? 193 HIS A CE1 1 
ATOM   1540 N NE2 . HIS A 1 193 ? -11.626 11.962  5.622   1.00 36.76  ? 193 HIS A NE2 1 
ATOM   1541 N N   . VAL A 1 194 ? -14.758 7.551   7.491   1.00 43.16  ? 194 VAL A N   1 
ATOM   1542 C CA  . VAL A 1 194 ? -15.291 6.649   6.465   1.00 46.98  ? 194 VAL A CA  1 
ATOM   1543 C C   . VAL A 1 194 ? -16.766 6.958   6.191   1.00 49.08  ? 194 VAL A C   1 
ATOM   1544 O O   . VAL A 1 194 ? -17.158 7.148   5.039   1.00 50.54  ? 194 VAL A O   1 
ATOM   1545 C CB  . VAL A 1 194 ? -15.098 5.153   6.845   1.00 46.36  ? 194 VAL A CB  1 
ATOM   1546 C CG1 . VAL A 1 194 ? -15.888 4.237   5.914   1.00 45.83  ? 194 VAL A CG1 1 
ATOM   1547 C CG2 . VAL A 1 194 ? -13.625 4.784   6.812   1.00 49.32  ? 194 VAL A CG2 1 
ATOM   1548 N N   . GLU A 1 195 ? -17.560 7.028   7.257   1.00 48.54  ? 195 GLU A N   1 
ATOM   1549 C CA  . GLU A 1 195 ? -18.986 7.355   7.163   1.00 51.16  ? 195 GLU A CA  1 
ATOM   1550 C C   . GLU A 1 195 ? -19.227 8.765   6.619   1.00 47.83  ? 195 GLU A C   1 
ATOM   1551 O O   . GLU A 1 195 ? -20.267 9.033   6.014   1.00 46.85  ? 195 GLU A O   1 
ATOM   1552 C CB  . GLU A 1 195 ? -19.668 7.195   8.526   1.00 49.92  ? 195 GLU A CB  1 
ATOM   1553 C CG  . GLU A 1 195 ? -19.810 5.748   8.991   1.00 55.40  ? 195 GLU A CG  1 
ATOM   1554 C CD  . GLU A 1 195 ? -20.457 5.622   10.363  1.00 58.28  ? 195 GLU A CD  1 
ATOM   1555 O OE1 . GLU A 1 195 ? -20.143 4.646   11.076  1.00 67.00  ? 195 GLU A OE1 1 
ATOM   1556 O OE2 . GLU A 1 195 ? -21.279 6.490   10.730  1.00 66.66  ? 195 GLU A OE2 1 
ATOM   1557 N N   . PHE A 1 196 ? -18.260 9.655   6.842   1.00 45.86  ? 196 PHE A N   1 
ATOM   1558 C CA  . PHE A 1 196 ? -18.300 11.017  6.312   1.00 44.72  ? 196 PHE A CA  1 
ATOM   1559 C C   . PHE A 1 196 ? -18.045 11.025  4.804   1.00 44.21  ? 196 PHE A C   1 
ATOM   1560 O O   . PHE A 1 196 ? -18.750 11.703  4.055   1.00 43.47  ? 196 PHE A O   1 
ATOM   1561 C CB  . PHE A 1 196 ? -17.274 11.897  7.039   1.00 45.04  ? 196 PHE A CB  1 
ATOM   1562 C CG  . PHE A 1 196 ? -17.306 13.345  6.628   1.00 42.86  ? 196 PHE A CG  1 
ATOM   1563 C CD1 . PHE A 1 196 ? -16.381 13.843  5.715   1.00 46.50  ? 196 PHE A CD1 1 
ATOM   1564 C CD2 . PHE A 1 196 ? -18.252 14.215  7.163   1.00 47.76  ? 196 PHE A CD2 1 
ATOM   1565 C CE1 . PHE A 1 196 ? -16.401 15.181  5.336   1.00 50.22  ? 196 PHE A CE1 1 
ATOM   1566 C CE2 . PHE A 1 196 ? -18.280 15.557  6.789   1.00 50.92  ? 196 PHE A CE2 1 
ATOM   1567 C CZ  . PHE A 1 196 ? -17.353 16.040  5.873   1.00 49.64  ? 196 PHE A CZ  1 
ATOM   1568 N N   . VAL A 1 197 ? -17.037 10.266  4.375   1.00 42.92  ? 197 VAL A N   1 
ATOM   1569 C CA  . VAL A 1 197 ? -16.673 10.150  2.959   1.00 42.49  ? 197 VAL A CA  1 
ATOM   1570 C C   . VAL A 1 197 ? -17.760 9.422   2.161   1.00 42.21  ? 197 VAL A C   1 
ATOM   1571 O O   . VAL A 1 197 ? -18.164 9.885   1.092   1.00 41.03  ? 197 VAL A O   1 
ATOM   1572 C CB  . VAL A 1 197 ? -15.290 9.454   2.787   1.00 43.37  ? 197 VAL A CB  1 
ATOM   1573 C CG1 . VAL A 1 197 ? -15.095 8.933   1.364   1.00 39.70  ? 197 VAL A CG1 1 
ATOM   1574 C CG2 . VAL A 1 197 ? -14.162 10.405  3.167   1.00 40.41  ? 197 VAL A CG2 1 
ATOM   1575 N N   . VAL A 1 198 ? -18.231 8.297   2.700   1.00 43.47  ? 198 VAL A N   1 
ATOM   1576 C CA  . VAL A 1 198 ? -19.270 7.473   2.069   1.00 45.78  ? 198 VAL A CA  1 
ATOM   1577 C C   . VAL A 1 198 ? -20.560 8.262   1.805   1.00 48.04  ? 198 VAL A C   1 
ATOM   1578 O O   . VAL A 1 198 ? -21.182 8.111   0.750   1.00 49.68  ? 198 VAL A O   1 
ATOM   1579 C CB  . VAL A 1 198 ? -19.546 6.186   2.907   1.00 45.67  ? 198 VAL A CB  1 
ATOM   1580 C CG1 . VAL A 1 198 ? -20.874 5.537   2.536   1.00 48.18  ? 198 VAL A CG1 1 
ATOM   1581 C CG2 . VAL A 1 198 ? -18.407 5.188   2.740   1.00 43.18  ? 198 VAL A CG2 1 
ATOM   1582 N N   . ASN A 1 199 ? -20.939 9.109   2.761   1.00 49.44  ? 199 ASN A N   1 
ATOM   1583 C CA  . ASN A 1 199 ? -22.132 9.951   2.643   1.00 51.32  ? 199 ASN A CA  1 
ATOM   1584 C C   . ASN A 1 199 ? -22.021 11.004  1.538   1.00 50.88  ? 199 ASN A C   1 
ATOM   1585 O O   . ASN A 1 199 ? -22.980 11.236  0.799   1.00 51.05  ? 199 ASN A O   1 
ATOM   1586 C CB  . ASN A 1 199 ? -22.448 10.620  3.987   1.00 52.22  ? 199 ASN A CB  1 
ATOM   1587 C CG  . ASN A 1 199 ? -23.751 11.405  3.965   1.00 55.80  ? 199 ASN A CG  1 
ATOM   1588 O OD1 . ASN A 1 199 ? -23.769 12.604  4.240   1.00 58.61  ? 199 ASN A OD1 1 
ATOM   1589 N ND2 . ASN A 1 199 ? -24.849 10.729  3.635   1.00 56.09  ? 199 ASN A ND2 1 
ATOM   1590 N N   . VAL A 1 200 ? -20.852 11.634  1.436   1.00 49.67  ? 200 VAL A N   1 
ATOM   1591 C CA  . VAL A 1 200 ? -20.593 12.653  0.413   1.00 47.46  ? 200 VAL A CA  1 
ATOM   1592 C C   . VAL A 1 200 ? -20.406 12.011  -0.966  1.00 47.65  ? 200 VAL A C   1 
ATOM   1593 O O   . VAL A 1 200 ? -20.786 12.593  -1.985  1.00 49.15  ? 200 VAL A O   1 
ATOM   1594 C CB  . VAL A 1 200 ? -19.367 13.539  0.782   1.00 47.43  ? 200 VAL A CB  1 
ATOM   1595 C CG1 . VAL A 1 200 ? -19.084 14.577  -0.303  1.00 43.59  ? 200 VAL A CG1 1 
ATOM   1596 C CG2 . VAL A 1 200 ? -19.590 14.236  2.119   1.00 42.23  ? 200 VAL A CG2 1 
ATOM   1597 N N   . PHE A 1 201 ? -19.831 10.810  -0.988  1.00 46.79  ? 201 PHE A N   1 
ATOM   1598 C CA  . PHE A 1 201 ? -19.591 10.081  -2.233  1.00 46.55  ? 201 PHE A CA  1 
ATOM   1599 C C   . PHE A 1 201 ? -20.889 9.596   -2.881  1.00 47.69  ? 201 PHE A C   1 
ATOM   1600 O O   . PHE A 1 201 ? -21.073 9.749   -4.089  1.00 48.01  ? 201 PHE A O   1 
ATOM   1601 C CB  . PHE A 1 201 ? -18.633 8.905   -1.995  1.00 44.20  ? 201 PHE A CB  1 
ATOM   1602 C CG  . PHE A 1 201 ? -18.152 8.240   -3.258  1.00 41.42  ? 201 PHE A CG  1 
ATOM   1603 C CD1 . PHE A 1 201 ? -17.119 8.799   -4.006  1.00 37.01  ? 201 PHE A CD1 1 
ATOM   1604 C CD2 . PHE A 1 201 ? -18.726 7.049   -3.694  1.00 40.00  ? 201 PHE A CD2 1 
ATOM   1605 C CE1 . PHE A 1 201 ? -16.670 8.185   -5.173  1.00 34.05  ? 201 PHE A CE1 1 
ATOM   1606 C CE2 . PHE A 1 201 ? -18.283 6.427   -4.860  1.00 40.73  ? 201 PHE A CE2 1 
ATOM   1607 C CZ  . PHE A 1 201 ? -17.253 6.997   -5.601  1.00 39.71  ? 201 PHE A CZ  1 
ATOM   1608 N N   . LEU A 1 202 ? -21.783 9.025   -2.075  1.00 47.73  ? 202 LEU A N   1 
ATOM   1609 C CA  . LEU A 1 202 ? -23.030 8.440   -2.576  1.00 47.28  ? 202 LEU A CA  1 
ATOM   1610 C C   . LEU A 1 202 ? -24.167 9.453   -2.718  1.00 46.13  ? 202 LEU A C   1 
ATOM   1611 O O   . LEU A 1 202 ? -24.838 9.495   -3.751  1.00 44.32  ? 202 LEU A O   1 
ATOM   1612 C CB  . LEU A 1 202 ? -23.488 7.287   -1.674  1.00 47.31  ? 202 LEU A CB  1 
ATOM   1613 C CG  . LEU A 1 202 ? -22.655 6.007   -1.576  1.00 48.44  ? 202 LEU A CG  1 
ATOM   1614 C CD1 . LEU A 1 202 ? -23.051 5.253   -0.327  1.00 47.40  ? 202 LEU A CD1 1 
ATOM   1615 C CD2 . LEU A 1 202 ? -22.819 5.119   -2.802  1.00 49.75  ? 202 LEU A CD2 1 
ATOM   1616 N N   . ASN A 1 203 ? -24.381 10.255  -1.677  1.00 47.72  ? 203 ASN A N   1 
ATOM   1617 C CA  . ASN A 1 203 ? -25.537 11.153  -1.607  1.00 50.30  ? 203 ASN A CA  1 
ATOM   1618 C C   . ASN A 1 203 ? -25.229 12.616  -1.925  1.00 52.92  ? 203 ASN A C   1 
ATOM   1619 O O   . ASN A 1 203 ? -26.123 13.370  -2.315  1.00 55.42  ? 203 ASN A O   1 
ATOM   1620 C CB  . ASN A 1 203 ? -26.216 11.043  -0.235  1.00 49.93  ? 203 ASN A CB  1 
ATOM   1621 C CG  . ASN A 1 203 ? -26.697 9.632   0.073   1.00 51.60  ? 203 ASN A CG  1 
ATOM   1622 O OD1 . ASN A 1 203 ? -27.242 8.941   -0.791  1.00 50.51  ? 203 ASN A OD1 1 
ATOM   1623 N ND2 . ASN A 1 203 ? -26.505 9.204   1.315   1.00 51.18  ? 203 ASN A ND2 1 
ATOM   1624 N N   . GLY A 1 204 ? -23.970 13.012  -1.750  1.00 53.64  ? 204 GLY A N   1 
ATOM   1625 C CA  . GLY A 1 204 ? -23.537 14.374  -2.056  1.00 55.30  ? 204 GLY A CA  1 
ATOM   1626 C C   . GLY A 1 204 ? -23.451 15.278  -0.842  1.00 57.68  ? 204 GLY A C   1 
ATOM   1627 O O   . GLY A 1 204 ? -23.277 14.807  0.285   1.00 58.48  ? 204 GLY A O   1 
ATOM   1628 N N   . ILE A 1 205 ? -23.575 16.582  -1.080  1.00 59.54  ? 205 ILE A N   1 
ATOM   1629 C CA  . ILE A 1 205 ? -23.472 17.581  -0.018  1.00 63.31  ? 205 ILE A CA  1 
ATOM   1630 C C   . ILE A 1 205 ? -24.790 18.343  0.172   1.00 65.72  ? 205 ILE A C   1 
ATOM   1631 O O   . ILE A 1 205 ? -25.072 18.847  1.262   1.00 65.80  ? 205 ILE A O   1 
ATOM   1632 C CB  . ILE A 1 205 ? -22.270 18.554  -0.268  1.00 63.79  ? 205 ILE A CB  1 
ATOM   1633 C CG1 . ILE A 1 205 ? -21.430 18.745  1.006   1.00 64.28  ? 205 ILE A CG1 1 
ATOM   1634 C CG2 . ILE A 1 205 ? -22.714 19.876  -0.914  1.00 62.76  ? 205 ILE A CG2 1 
ATOM   1635 C CD1 . ILE A 1 205 ? -21.988 19.731  2.020   1.00 73.15  ? 205 ILE A CD1 1 
ATOM   1636 N N   . ASN A 1 206 ? -25.599 18.403  -0.886  1.00 68.54  ? 206 ASN A N   1 
ATOM   1637 C CA  . ASN A 1 206 ? -26.858 19.150  -0.870  1.00 71.47  ? 206 ASN A CA  1 
ATOM   1638 C C   . ASN A 1 206 ? -28.017 18.389  -0.220  1.00 73.32  ? 206 ASN A C   1 
ATOM   1639 O O   . ASN A 1 206 ? -29.025 18.091  -0.876  1.00 73.60  ? 206 ASN A O   1 
ATOM   1640 C CB  . ASN A 1 206 ? -27.235 19.601  -2.289  1.00 70.84  ? 206 ASN A CB  1 
ATOM   1641 C CG  . ASN A 1 206 ? -26.307 20.677  -2.834  1.00 69.84  ? 206 ASN A CG  1 
ATOM   1642 O OD1 . ASN A 1 206 ? -25.777 21.502  -2.086  1.00 69.19  ? 206 ASN A OD1 1 
ATOM   1643 N ND2 . ASN A 1 206 ? -26.115 20.677  -4.148  1.00 68.90  ? 206 ASN A ND2 1 
ATOM   1644 N N   . SER A 1 207 ? -27.857 18.087  1.072   1.00 76.13  ? 207 SER A N   1 
ATOM   1645 C CA  . SER A 1 207 ? -28.888 17.433  1.891   1.00 77.72  ? 207 SER A CA  1 
ATOM   1646 C C   . SER A 1 207 ? -28.381 17.205  3.314   1.00 78.14  ? 207 SER A C   1 
ATOM   1647 O O   . SER A 1 207 ? -27.871 18.123  3.957   1.00 78.82  ? 207 SER A O   1 
ATOM   1648 C CB  . SER A 1 207 ? -29.329 16.096  1.280   1.00 78.85  ? 207 SER A CB  1 
ATOM   1649 O OG  . SER A 1 207 ? -28.223 15.230  1.079   1.00 81.00  ? 207 SER A OG  1 
HETATM 1650 C C1  . GOL B 2 .   ? -3.251  3.979   -2.473  1.00 74.79  ? 301 GOL A C1  1 
HETATM 1651 O O1  . GOL B 2 .   ? -2.778  2.779   -1.884  1.00 77.37  ? 301 GOL A O1  1 
HETATM 1652 C C2  . GOL B 2 .   ? -4.351  3.627   -3.486  1.00 75.91  ? 301 GOL A C2  1 
HETATM 1653 O O2  . GOL B 2 .   ? -5.381  4.613   -3.493  1.00 78.21  ? 301 GOL A O2  1 
HETATM 1654 C C3  . GOL B 2 .   ? -4.915  2.229   -3.190  1.00 70.55  ? 301 GOL A C3  1 
HETATM 1655 O O3  . GOL B 2 .   ? -5.297  1.564   -4.338  1.00 63.57  ? 301 GOL A O3  1 
HETATM 1656 O O   . HOH C 3 .   ? 14.301  -26.819 -6.744  1.00 26.93  ? 302 HOH A O   1 
HETATM 1657 O O   . HOH C 3 .   ? 21.083  7.132   -1.441  1.00 47.63  ? 303 HOH A O   1 
HETATM 1658 O O   . HOH C 3 .   ? -2.749  13.393  9.198   1.00 36.53  ? 304 HOH A O   1 
HETATM 1659 O O   . HOH C 3 .   ? 9.674   -11.362 -3.587  1.00 56.17  ? 305 HOH A O   1 
HETATM 1660 O O   . HOH C 3 .   ? -26.336 2.198   -1.289  1.00 47.99  ? 306 HOH A O   1 
HETATM 1661 O O   . HOH C 3 .   ? 0.837   7.545   -0.911  1.00 50.10  ? 307 HOH A O   1 
HETATM 1662 O O   . HOH C 3 .   ? -10.303 13.914  2.851   1.00 40.77  ? 308 HOH A O   1 
HETATM 1663 O O   . HOH C 3 .   ? -4.794  11.972  10.654  1.00 40.53  ? 309 HOH A O   1 
HETATM 1664 O O   . HOH C 3 .   ? 23.225  1.492   -1.500  1.00 48.31  ? 310 HOH A O   1 
HETATM 1665 O O   . HOH C 3 .   ? -4.169  9.764   9.175   1.00 35.76  ? 311 HOH A O   1 
HETATM 1666 O O   . HOH C 3 .   ? -6.280  14.074  13.984  1.00 55.03  ? 312 HOH A O   1 
HETATM 1667 O O   . HOH C 3 .   ? 14.060  -17.604 6.246   1.00 37.65  ? 313 HOH A O   1 
HETATM 1668 O O   . HOH C 3 .   ? 12.404  20.226  -8.313  1.00 31.97  ? 314 HOH A O   1 
HETATM 1669 O O   . HOH C 3 .   ? 13.113  -7.847  9.967   1.00 44.84  ? 315 HOH A O   1 
HETATM 1670 O O   . HOH C 3 .   ? 17.315  10.152  7.336   1.00 46.30  ? 316 HOH A O   1 
HETATM 1671 O O   . HOH C 3 .   ? 16.160  11.467  -4.004  1.00 40.79  ? 317 HOH A O   1 
HETATM 1672 O O   . HOH C 3 .   ? 28.724  2.025   6.987   1.00 57.65  ? 318 HOH A O   1 
HETATM 1673 O O   . HOH C 3 .   ? 11.457  -15.138 -6.396  1.00 54.95  ? 319 HOH A O   1 
HETATM 1674 O O   . HOH C 3 .   ? -11.254 16.301  4.812   1.00 51.03  ? 320 HOH A O   1 
HETATM 1675 O O   . HOH C 3 .   ? -0.265  7.700   7.588   1.00 40.83  ? 321 HOH A O   1 
HETATM 1676 O O   . HOH C 3 .   ? 25.589  6.422   5.574   1.00 57.19  ? 322 HOH A O   1 
HETATM 1677 O O   . HOH C 3 .   ? 3.270   6.087   0.522   1.00 49.05  ? 323 HOH A O   1 
HETATM 1678 O O   . HOH C 3 .   ? 10.643  -18.879 4.289   1.00 50.20  ? 324 HOH A O   1 
HETATM 1679 O O   . HOH C 3 .   ? -6.374  6.575   -5.343  1.00 56.90  ? 325 HOH A O   1 
HETATM 1680 O O   . HOH C 3 .   ? 2.708   10.346  11.726  1.00 45.01  ? 326 HOH A O   1 
HETATM 1681 O O   . HOH C 3 .   ? -6.307  8.927   7.677   1.00 49.90  ? 327 HOH A O   1 
HETATM 1682 O O   . HOH C 3 .   ? 16.313  7.514   6.453   1.00 39.26  ? 328 HOH A O   1 
HETATM 1683 O O   . HOH C 3 .   ? 0.686   10.323  -0.521  1.00 45.27  ? 329 HOH A O   1 
HETATM 1684 O O   . HOH C 3 .   ? -16.828 -6.676  6.322   1.00 70.39  ? 330 HOH A O   1 
HETATM 1685 O O   . HOH C 3 .   ? 7.310   -10.204 -4.454  1.00 88.62  ? 331 HOH A O   1 
HETATM 1686 O O   . HOH C 3 .   ? -3.118  -0.023  -2.556  1.00 64.44  ? 332 HOH A O   1 
# 
